data_2YJK
#
_entry.id   2YJK
#
_cell.length_a   87.580
_cell.length_b   92.050
_cell.length_c   128.580
_cell.angle_alpha   90.00
_cell.angle_beta   96.04
_cell.angle_gamma   90.00
#
_symmetry.space_group_name_H-M   'P 1 21 1'
#
loop_
_entity.id
_entity.type
_entity.pdbx_description
1 polymer AFP
2 non-polymer 'Iron(II) oxide'
3 non-polymer 'FE (III) ION'
4 water water
#
_entity_poly.entity_id   1
_entity_poly.type   'polypeptide(L)'
_entity_poly.pdbx_seq_one_letter_code
;MTDTNITTPALTADPEVAAAAAQFLTPVVHKMQALVVNGKQAHWNVRGSNFIAIHELLDSVVAHAQDYADTAAERIVALG
LPIDSRVSTMAEKTSTAVPAGFAQWQDEIKAIVSDIDAALVDLQAAIDGLDEVDLTSQDVAIEIKRGVDKDRWFLLAHLA
E
;
_entity_poly.pdbx_strand_id   A,B,C,D,E,F,G,H,I,J,K,L
#
# COMPACT_ATOMS: atom_id res chain seq x y z
N ALA A 13 -37.74 -17.33 16.03
CA ALA A 13 -37.70 -16.20 16.96
C ALA A 13 -37.57 -16.68 18.44
N ASP A 14 -36.60 -17.56 18.73
CA ASP A 14 -36.51 -18.16 20.08
C ASP A 14 -35.58 -17.36 20.98
N PRO A 15 -36.15 -16.71 22.02
CA PRO A 15 -35.36 -15.89 22.92
C PRO A 15 -34.40 -16.75 23.78
N GLU A 16 -34.72 -18.02 23.97
CA GLU A 16 -33.88 -18.85 24.83
C GLU A 16 -32.59 -19.23 24.11
N VAL A 17 -32.65 -19.33 22.79
CA VAL A 17 -31.44 -19.62 21.97
C VAL A 17 -30.45 -18.47 22.17
N ALA A 18 -30.92 -17.24 21.99
CA ALA A 18 -30.02 -16.11 22.14
C ALA A 18 -29.50 -16.03 23.58
N ALA A 19 -30.39 -16.22 24.56
CA ALA A 19 -29.98 -16.10 25.95
C ALA A 19 -28.97 -17.21 26.27
N ALA A 20 -29.22 -18.43 25.82
CA ALA A 20 -28.27 -19.52 26.07
C ALA A 20 -26.86 -19.19 25.43
N ALA A 21 -26.88 -18.73 24.17
CA ALA A 21 -25.65 -18.28 23.51
C ALA A 21 -24.96 -17.22 24.30
N ALA A 22 -25.70 -16.22 24.77
CA ALA A 22 -25.10 -15.12 25.56
C ALA A 22 -24.48 -15.66 26.81
N GLN A 23 -25.12 -16.68 27.38
CA GLN A 23 -24.59 -17.18 28.59
C GLN A 23 -23.27 -17.97 28.33
N PHE A 24 -23.12 -18.62 27.18
CA PHE A 24 -21.87 -19.32 26.87
C PHE A 24 -20.76 -18.34 26.47
N LEU A 25 -21.12 -17.26 25.78
CA LEU A 25 -20.08 -16.38 25.19
C LEU A 25 -19.66 -15.27 26.13
N THR A 26 -20.51 -14.93 27.11
CA THR A 26 -20.20 -13.83 27.99
C THR A 26 -18.89 -14.03 28.79
N PRO A 27 -18.63 -15.25 29.35
CA PRO A 27 -17.35 -15.41 30.02
C PRO A 27 -16.20 -15.27 29.01
N VAL A 28 -16.43 -15.56 27.74
CA VAL A 28 -15.37 -15.39 26.76
C VAL A 28 -15.08 -13.89 26.56
N VAL A 29 -16.12 -13.07 26.50
CA VAL A 29 -15.88 -11.62 26.35
C VAL A 29 -15.07 -11.13 27.59
N HIS A 30 -15.50 -11.51 28.78
CA HIS A 30 -14.79 -11.05 29.98
C HIS A 30 -13.32 -11.48 30.07
N LYS A 31 -13.07 -12.75 29.82
CA LYS A 31 -11.70 -13.25 29.87
C LYS A 31 -10.78 -12.70 28.75
N MET A 32 -11.33 -12.52 27.55
CA MET A 32 -10.55 -11.94 26.43
C MET A 32 -10.24 -10.44 26.71
N GLN A 33 -11.21 -9.73 27.23
CA GLN A 33 -11.05 -8.31 27.42
C GLN A 33 -10.04 -8.14 28.59
N ALA A 34 -10.06 -9.03 29.59
CA ALA A 34 -9.07 -8.98 30.66
C ALA A 34 -7.67 -9.29 30.16
N LEU A 35 -7.54 -10.27 29.27
CA LEU A 35 -6.27 -10.60 28.67
C LEU A 35 -5.68 -9.38 27.90
N VAL A 36 -6.52 -8.57 27.31
CA VAL A 36 -6.04 -7.31 26.66
C VAL A 36 -5.31 -6.44 27.71
N VAL A 37 -5.98 -6.24 28.83
CA VAL A 37 -5.48 -5.40 29.92
C VAL A 37 -4.26 -6.02 30.64
N ASN A 38 -4.38 -7.29 31.05
CA ASN A 38 -3.31 -7.91 31.76
C ASN A 38 -2.12 -8.25 30.84
N GLY A 39 -2.39 -8.53 29.58
CA GLY A 39 -1.36 -8.59 28.58
C GLY A 39 -0.57 -7.29 28.40
N LYS A 40 -1.23 -6.13 28.37
CA LYS A 40 -0.55 -4.84 28.29
C LYS A 40 0.40 -4.72 29.49
N GLN A 41 -0.12 -5.04 30.68
CA GLN A 41 0.62 -5.10 31.93
C GLN A 41 1.90 -5.89 31.80
N ALA A 42 1.81 -7.13 31.32
CA ALA A 42 2.97 -7.94 31.04
C ALA A 42 3.91 -7.36 29.95
N HIS A 43 3.35 -6.79 28.90
CA HIS A 43 4.06 -6.19 27.82
C HIS A 43 4.88 -4.97 28.35
N TRP A 44 4.33 -4.17 29.27
CA TRP A 44 5.06 -3.03 29.87
C TRP A 44 6.15 -3.46 30.85
N ASN A 45 5.85 -4.51 31.64
CA ASN A 45 6.71 -4.80 32.81
C ASN A 45 7.73 -5.93 32.63
N VAL A 46 7.65 -6.63 31.52
CA VAL A 46 8.57 -7.75 31.21
C VAL A 46 10.08 -7.28 31.13
N ARG A 47 10.97 -8.09 31.68
CA ARG A 47 12.45 -7.82 31.64
C ARG A 47 13.21 -9.07 31.27
N GLY A 48 14.48 -8.88 30.95
CA GLY A 48 15.39 -10.02 30.83
C GLY A 48 15.77 -10.34 29.41
N SER A 49 16.45 -11.47 29.24
CA SER A 49 17.31 -11.67 28.10
C SER A 49 16.53 -11.74 26.81
N ASN A 50 15.27 -12.15 26.87
CA ASN A 50 14.46 -12.24 25.71
C ASN A 50 13.48 -11.04 25.57
N PHE A 51 13.82 -9.87 26.10
CA PHE A 51 12.88 -8.74 26.19
C PHE A 51 12.15 -8.44 24.88
N ILE A 52 12.90 -8.16 23.82
CA ILE A 52 12.22 -7.54 22.65
C ILE A 52 11.24 -8.51 21.99
N ALA A 53 11.64 -9.79 21.90
CA ALA A 53 10.83 -10.82 21.30
C ALA A 53 9.50 -11.02 22.08
N ILE A 54 9.58 -11.12 23.41
CA ILE A 54 8.42 -11.36 24.24
C ILE A 54 7.63 -10.07 24.37
N HIS A 55 8.31 -8.95 24.44
CA HIS A 55 7.55 -7.67 24.51
C HIS A 55 6.67 -7.62 23.22
N GLU A 56 7.23 -8.06 22.11
CA GLU A 56 6.50 -7.97 20.87
C GLU A 56 5.43 -9.02 20.75
N LEU A 57 5.72 -10.24 21.16
CA LEU A 57 4.74 -11.30 21.08
C LEU A 57 3.57 -11.02 22.04
N LEU A 58 3.83 -10.45 23.21
CA LEU A 58 2.72 -10.04 24.11
C LEU A 58 1.81 -8.98 23.48
N ASP A 59 2.35 -8.05 22.72
CA ASP A 59 1.53 -7.10 22.03
C ASP A 59 0.64 -7.80 20.98
N SER A 60 1.16 -8.81 20.30
CA SER A 60 0.31 -9.56 19.39
C SER A 60 -0.75 -10.48 20.06
N VAL A 61 -0.44 -11.13 21.18
CA VAL A 61 -1.47 -11.74 22.01
C VAL A 61 -2.57 -10.75 22.44
N VAL A 62 -2.19 -9.52 22.76
CA VAL A 62 -3.16 -8.51 23.22
C VAL A 62 -4.09 -8.11 22.02
N ALA A 63 -3.49 -7.87 20.85
CA ALA A 63 -4.25 -7.48 19.66
C ALA A 63 -5.27 -8.61 19.27
N HIS A 64 -4.87 -9.86 19.31
CA HIS A 64 -5.75 -11.01 19.12
C HIS A 64 -6.88 -11.03 20.16
N ALA A 65 -6.50 -10.97 21.45
CA ALA A 65 -7.46 -10.97 22.53
C ALA A 65 -8.52 -9.88 22.29
N GLN A 66 -8.12 -8.67 21.86
CA GLN A 66 -9.08 -7.59 21.63
C GLN A 66 -10.06 -7.92 20.49
N ASP A 67 -9.57 -8.56 19.42
CA ASP A 67 -10.38 -9.05 18.33
C ASP A 67 -11.37 -10.10 18.77
N TYR A 68 -10.91 -11.08 19.56
CA TYR A 68 -11.74 -12.14 20.06
C TYR A 68 -12.84 -11.61 20.95
N ALA A 69 -12.50 -10.70 21.88
CA ALA A 69 -13.49 -10.00 22.69
C ALA A 69 -14.60 -9.36 21.83
N ASP A 70 -14.18 -8.60 20.81
CA ASP A 70 -15.05 -7.88 19.91
C ASP A 70 -15.93 -8.86 19.17
N THR A 71 -15.35 -9.93 18.63
CA THR A 71 -16.16 -10.86 17.83
C THR A 71 -17.22 -11.56 18.70
N ALA A 72 -16.81 -12.06 19.87
CA ALA A 72 -17.77 -12.66 20.84
C ALA A 72 -18.84 -11.66 21.32
N ALA A 73 -18.45 -10.42 21.67
CA ALA A 73 -19.40 -9.42 22.20
C ALA A 73 -20.39 -9.07 21.09
N GLU A 74 -19.87 -8.93 19.89
CA GLU A 74 -20.76 -8.58 18.79
C GLU A 74 -21.68 -9.70 18.31
N ARG A 75 -21.27 -10.95 18.42
CA ARG A 75 -22.24 -12.08 18.26
C ARG A 75 -23.37 -11.98 19.29
N ILE A 76 -23.04 -11.79 20.57
CA ILE A 76 -24.11 -11.58 21.60
C ILE A 76 -25.10 -10.45 21.22
N VAL A 77 -24.56 -9.28 20.90
CA VAL A 77 -25.42 -8.13 20.50
C VAL A 77 -26.19 -8.37 19.22
N ALA A 78 -25.54 -9.03 18.26
CA ALA A 78 -26.26 -9.42 17.05
C ALA A 78 -27.48 -10.29 17.38
N LEU A 79 -27.38 -11.14 18.39
CA LEU A 79 -28.49 -11.95 18.85
C LEU A 79 -29.57 -11.13 19.59
N GLY A 80 -29.33 -9.83 19.74
CA GLY A 80 -30.30 -8.97 20.42
C GLY A 80 -30.14 -8.87 21.94
N LEU A 81 -29.00 -9.27 22.50
CA LEU A 81 -28.80 -9.15 23.95
C LEU A 81 -27.67 -8.19 24.32
N PRO A 82 -27.81 -7.45 25.47
CA PRO A 82 -26.74 -6.54 25.86
C PRO A 82 -25.61 -7.37 26.45
N ILE A 83 -24.44 -6.76 26.61
CA ILE A 83 -23.36 -7.43 27.29
C ILE A 83 -22.90 -6.39 28.31
N ASP A 84 -22.66 -6.84 29.54
CA ASP A 84 -22.07 -6.02 30.58
C ASP A 84 -20.57 -6.27 30.73
N SER A 85 -19.81 -5.48 30.00
CA SER A 85 -18.37 -5.62 30.07
C SER A 85 -17.69 -4.33 30.61
N ARG A 86 -18.39 -3.52 31.42
CA ARG A 86 -17.74 -2.39 32.18
C ARG A 86 -16.52 -2.92 32.98
N VAL A 87 -15.56 -2.05 33.27
CA VAL A 87 -14.37 -2.48 34.02
C VAL A 87 -14.77 -3.21 35.33
N SER A 88 -15.70 -2.61 36.08
CA SER A 88 -16.14 -3.18 37.36
C SER A 88 -16.66 -4.64 37.25
N THR A 89 -17.54 -4.90 36.28
CA THR A 89 -18.03 -6.28 36.02
C THR A 89 -16.86 -7.21 35.60
N MET A 90 -16.01 -6.73 34.69
CA MET A 90 -14.91 -7.54 34.23
C MET A 90 -14.01 -7.94 35.40
N ALA A 91 -13.68 -7.00 36.29
CA ALA A 91 -12.82 -7.33 37.45
C ALA A 91 -13.49 -8.31 38.43
N GLU A 92 -14.83 -8.23 38.62
CA GLU A 92 -15.55 -9.18 39.51
C GLU A 92 -15.48 -10.60 38.98
N LYS A 93 -15.37 -10.71 37.66
CA LYS A 93 -15.61 -11.98 36.96
C LYS A 93 -14.28 -12.64 36.49
N THR A 94 -13.18 -12.01 36.89
CA THR A 94 -11.92 -12.30 36.30
C THR A 94 -10.79 -12.18 37.31
N SER A 95 -9.76 -12.98 37.11
CA SER A 95 -8.55 -12.81 37.92
C SER A 95 -7.30 -13.07 37.10
N THR A 96 -6.16 -12.60 37.60
CA THR A 96 -4.91 -12.75 36.89
C THR A 96 -3.75 -13.16 37.78
N ALA A 97 -2.78 -13.84 37.18
CA ALA A 97 -1.51 -14.22 37.80
C ALA A 97 -0.37 -13.31 37.32
N VAL A 98 -0.69 -12.36 36.43
CA VAL A 98 0.37 -11.45 35.97
C VAL A 98 0.89 -10.64 37.13
N PRO A 99 2.22 -10.56 37.30
CA PRO A 99 2.65 -9.87 38.53
C PRO A 99 2.35 -8.40 38.49
N ALA A 100 2.39 -7.77 39.68
CA ALA A 100 2.06 -6.35 39.77
C ALA A 100 3.17 -5.46 39.24
N GLY A 101 4.45 -5.85 39.33
CA GLY A 101 5.55 -4.97 38.88
C GLY A 101 6.48 -5.66 37.86
N PHE A 102 7.79 -5.39 37.95
CA PHE A 102 8.71 -5.92 36.92
C PHE A 102 8.83 -7.42 37.12
N ALA A 103 8.93 -8.21 36.04
CA ALA A 103 9.12 -9.66 36.17
C ALA A 103 9.87 -10.14 34.97
N GLN A 104 10.64 -11.19 35.17
CA GLN A 104 11.41 -11.83 34.14
C GLN A 104 10.46 -12.44 33.12
N TRP A 105 10.86 -12.42 31.85
CA TRP A 105 10.02 -12.93 30.76
C TRP A 105 9.45 -14.34 30.97
N GLN A 106 10.22 -15.31 31.48
CA GLN A 106 9.67 -16.64 31.85
C GLN A 106 8.49 -16.58 32.82
N ASP A 107 8.54 -15.70 33.82
CA ASP A 107 7.38 -15.54 34.73
C ASP A 107 6.18 -14.83 34.05
N GLU A 108 6.44 -13.89 33.14
CA GLU A 108 5.32 -13.26 32.39
C GLU A 108 4.65 -14.27 31.52
N ILE A 109 5.44 -15.09 30.84
CA ILE A 109 4.85 -16.16 30.05
C ILE A 109 3.97 -17.13 30.86
N LYS A 110 4.47 -17.68 31.99
CA LYS A 110 3.66 -18.58 32.81
C LYS A 110 2.38 -17.93 33.26
N ALA A 111 2.43 -16.65 33.66
CA ALA A 111 1.20 -15.99 34.12
C ALA A 111 0.16 -15.85 32.96
N ILE A 112 0.63 -15.52 31.79
CA ILE A 112 -0.25 -15.27 30.63
C ILE A 112 -0.85 -16.61 30.18
N VAL A 113 -0.01 -17.63 30.08
CA VAL A 113 -0.49 -19.01 29.79
C VAL A 113 -1.55 -19.49 30.79
N SER A 114 -1.34 -19.15 32.06
CA SER A 114 -2.39 -19.47 33.06
C SER A 114 -3.76 -18.77 32.78
N ASP A 115 -3.74 -17.48 32.42
CA ASP A 115 -4.92 -16.76 32.03
C ASP A 115 -5.55 -17.42 30.79
N ILE A 116 -4.72 -17.74 29.79
CA ILE A 116 -5.20 -18.42 28.58
C ILE A 116 -5.88 -19.76 28.88
N ASP A 117 -5.32 -20.54 29.79
CA ASP A 117 -5.83 -21.85 30.19
C ASP A 117 -7.24 -21.73 30.79
N ALA A 118 -7.45 -20.71 31.63
CA ALA A 118 -8.79 -20.42 32.16
C ALA A 118 -9.81 -19.99 31.03
N ALA A 119 -9.39 -19.12 30.10
CA ALA A 119 -10.15 -18.88 28.89
C ALA A 119 -10.44 -20.13 28.03
N LEU A 120 -9.49 -21.07 27.88
CA LEU A 120 -9.76 -22.25 27.09
C LEU A 120 -10.82 -23.08 27.75
N VAL A 121 -10.86 -23.12 29.08
CA VAL A 121 -11.93 -23.84 29.75
C VAL A 121 -13.29 -23.31 29.31
N ASP A 122 -13.45 -21.98 29.34
CA ASP A 122 -14.71 -21.32 28.89
C ASP A 122 -15.03 -21.52 27.40
N LEU A 123 -14.01 -21.49 26.54
CA LEU A 123 -14.19 -21.70 25.13
C LEU A 123 -14.66 -23.13 24.87
N GLN A 124 -14.04 -24.11 25.58
CA GLN A 124 -14.42 -25.49 25.39
C GLN A 124 -15.86 -25.73 25.89
N ALA A 125 -16.25 -25.16 27.03
CA ALA A 125 -17.66 -25.29 27.44
C ALA A 125 -18.64 -24.64 26.41
N ALA A 126 -18.25 -23.52 25.77
CA ALA A 126 -19.11 -22.85 24.82
C ALA A 126 -19.28 -23.77 23.61
N ILE A 127 -18.18 -24.39 23.20
CA ILE A 127 -18.17 -25.25 22.02
C ILE A 127 -19.02 -26.49 22.25
N ASP A 128 -18.78 -27.16 23.38
CA ASP A 128 -19.64 -28.29 23.78
C ASP A 128 -21.10 -27.89 23.94
N GLY A 129 -21.38 -26.78 24.59
CA GLY A 129 -22.79 -26.46 24.90
C GLY A 129 -23.60 -25.80 23.78
N LEU A 130 -22.93 -25.05 22.89
CA LEU A 130 -23.56 -24.44 21.73
C LEU A 130 -23.86 -25.46 20.63
N ASP A 131 -23.29 -26.65 20.75
CA ASP A 131 -23.54 -27.71 19.77
C ASP A 131 -25.00 -28.01 19.60
N GLU A 132 -25.78 -27.97 20.69
CA GLU A 132 -27.23 -28.22 20.59
C GLU A 132 -28.09 -26.96 20.53
N VAL A 133 -27.48 -25.79 20.58
CA VAL A 133 -28.23 -24.56 20.70
C VAL A 133 -28.19 -23.70 19.46
N ASP A 134 -26.98 -23.38 18.98
CA ASP A 134 -26.76 -22.43 17.88
C ASP A 134 -25.37 -22.64 17.29
N LEU A 135 -25.34 -23.36 16.17
CA LEU A 135 -24.11 -23.63 15.36
C LEU A 135 -23.38 -22.40 14.82
N THR A 136 -24.09 -21.31 14.55
CA THR A 136 -23.45 -20.08 14.20
C THR A 136 -22.65 -19.49 15.35
N SER A 137 -23.25 -19.46 16.56
CA SER A 137 -22.42 -19.02 17.71
C SER A 137 -21.29 -20.00 18.08
N GLN A 138 -21.52 -21.30 17.93
CA GLN A 138 -20.49 -22.32 18.13
C GLN A 138 -19.26 -22.03 17.27
N ASP A 139 -19.52 -21.70 16.02
CA ASP A 139 -18.47 -21.38 15.06
C ASP A 139 -17.59 -20.17 15.49
N VAL A 140 -18.22 -19.17 16.12
CA VAL A 140 -17.49 -18.07 16.70
C VAL A 140 -16.52 -18.59 17.81
N ALA A 141 -16.98 -19.49 18.68
CA ALA A 141 -16.17 -19.99 19.78
C ALA A 141 -15.04 -20.83 19.20
N ILE A 142 -15.31 -21.63 18.17
CA ILE A 142 -14.25 -22.46 17.55
C ILE A 142 -13.13 -21.64 16.94
N GLU A 143 -13.53 -20.55 16.29
CA GLU A 143 -12.55 -19.63 15.65
C GLU A 143 -11.64 -18.94 16.67
N ILE A 144 -12.23 -18.46 17.77
CA ILE A 144 -11.47 -17.86 18.84
C ILE A 144 -10.61 -18.98 19.43
N LYS A 145 -11.16 -20.18 19.65
CA LYS A 145 -10.33 -21.25 20.28
C LYS A 145 -9.09 -21.65 19.41
N ARG A 146 -9.25 -21.70 18.10
CA ARG A 146 -8.14 -21.94 17.19
C ARG A 146 -7.03 -20.91 17.36
N GLY A 147 -7.39 -19.61 17.49
CA GLY A 147 -6.36 -18.57 17.64
C GLY A 147 -5.70 -18.61 18.98
N VAL A 148 -6.49 -18.80 20.04
CA VAL A 148 -5.94 -18.84 21.35
C VAL A 148 -4.99 -20.04 21.58
N ASP A 149 -5.36 -21.22 21.10
CA ASP A 149 -4.48 -22.41 21.10
C ASP A 149 -3.14 -22.09 20.41
N LYS A 150 -3.15 -21.33 19.30
CA LYS A 150 -1.88 -20.97 18.63
CA LYS A 150 -1.88 -20.95 18.62
C LYS A 150 -1.03 -20.03 19.51
N ASP A 151 -1.64 -18.98 20.08
CA ASP A 151 -0.94 -18.06 20.99
C ASP A 151 -0.40 -18.83 22.18
N ARG A 152 -1.22 -19.73 22.76
CA ARG A 152 -0.74 -20.56 23.88
C ARG A 152 0.59 -21.27 23.54
N TRP A 153 0.65 -21.89 22.36
CA TRP A 153 1.81 -22.62 21.85
C TRP A 153 2.98 -21.65 21.62
N PHE A 154 2.77 -20.57 20.90
CA PHE A 154 3.84 -19.55 20.73
C PHE A 154 4.45 -19.11 22.08
N LEU A 155 3.61 -18.91 23.11
CA LEU A 155 4.15 -18.57 24.42
C LEU A 155 4.92 -19.74 25.05
N LEU A 156 4.25 -20.88 25.17
CA LEU A 156 4.78 -21.99 25.94
C LEU A 156 6.02 -22.67 25.34
N ALA A 157 6.17 -22.59 24.00
CA ALA A 157 7.31 -23.19 23.35
C ALA A 157 8.57 -22.58 23.90
N HIS A 158 8.53 -21.36 24.43
CA HIS A 158 9.76 -20.77 24.96
C HIS A 158 10.22 -21.47 26.26
N LEU A 159 9.35 -22.22 26.95
CA LEU A 159 9.73 -22.86 28.23
C LEU A 159 10.04 -24.35 28.04
N ALA A 160 9.75 -24.89 26.85
CA ALA A 160 9.85 -26.33 26.55
C ALA A 160 11.27 -26.81 26.77
N GLU A 161 12.23 -25.95 26.40
CA GLU A 161 13.65 -26.06 26.79
C GLU A 161 14.05 -27.24 27.74
N ALA B 10 16.65 0.17 35.15
CA ALA B 10 16.65 0.60 33.71
C ALA B 10 16.03 2.01 33.41
N LEU B 11 16.42 3.03 34.19
CA LEU B 11 17.42 2.87 35.29
C LEU B 11 17.15 3.75 36.58
N THR B 12 17.51 5.04 36.59
CA THR B 12 17.97 5.78 35.42
C THR B 12 19.01 6.79 35.95
N ALA B 13 19.15 7.93 35.30
CA ALA B 13 19.85 9.08 35.92
C ALA B 13 19.25 9.34 37.33
N ASP B 14 18.11 10.05 37.37
CA ASP B 14 17.61 10.67 38.61
C ASP B 14 16.33 9.98 39.12
N PRO B 15 16.44 9.31 40.30
CA PRO B 15 15.28 8.73 40.94
C PRO B 15 14.12 9.74 41.06
N GLU B 16 14.39 11.02 41.36
CA GLU B 16 13.30 12.02 41.47
C GLU B 16 12.48 12.24 40.18
N VAL B 17 13.17 12.28 39.05
CA VAL B 17 12.50 12.39 37.76
C VAL B 17 11.58 11.16 37.56
N ALA B 18 12.11 9.94 37.74
CA ALA B 18 11.35 8.70 37.56
C ALA B 18 10.12 8.69 38.52
N ALA B 19 10.34 9.11 39.78
CA ALA B 19 9.29 9.13 40.76
C ALA B 19 8.13 10.11 40.38
N ALA B 20 8.46 11.33 39.98
CA ALA B 20 7.43 12.30 39.48
C ALA B 20 6.66 11.77 38.24
N ALA B 21 7.36 11.11 37.30
CA ALA B 21 6.69 10.48 36.16
C ALA B 21 5.70 9.44 36.61
N ALA B 22 6.12 8.54 37.48
CA ALA B 22 5.18 7.56 38.00
C ALA B 22 4.06 8.27 38.72
N GLN B 23 4.36 9.27 39.52
CA GLN B 23 3.29 9.84 40.32
C GLN B 23 2.22 10.51 39.44
N PHE B 24 2.65 11.22 38.40
CA PHE B 24 1.69 11.98 37.63
C PHE B 24 1.15 11.26 36.44
N LEU B 25 1.94 10.34 35.84
CA LEU B 25 1.40 9.56 34.71
C LEU B 25 0.65 8.26 35.05
N THR B 26 0.83 7.70 36.25
CA THR B 26 0.14 6.47 36.58
C THR B 26 -1.41 6.64 36.49
N PRO B 27 -1.96 7.73 37.06
CA PRO B 27 -3.40 7.93 36.93
C PRO B 27 -3.86 8.05 35.49
N VAL B 28 -3.04 8.65 34.62
CA VAL B 28 -3.36 8.70 33.21
C VAL B 28 -3.41 7.31 32.58
N VAL B 29 -2.44 6.47 32.88
CA VAL B 29 -2.51 5.10 32.37
C VAL B 29 -3.81 4.39 32.85
N HIS B 30 -4.13 4.45 34.15
CA HIS B 30 -5.38 3.80 34.62
C HIS B 30 -6.63 4.31 33.94
N LYS B 31 -6.78 5.64 33.81
CA LYS B 31 -7.96 6.20 33.12
C LYS B 31 -8.08 5.88 31.61
N MET B 32 -6.96 5.87 30.89
CA MET B 32 -6.93 5.61 29.45
C MET B 32 -7.26 4.14 29.23
N GLN B 33 -6.60 3.29 29.98
CA GLN B 33 -6.86 1.85 29.91
C GLN B 33 -8.32 1.51 30.27
N ALA B 34 -8.91 2.22 31.25
CA ALA B 34 -10.32 1.98 31.55
C ALA B 34 -11.23 2.47 30.41
N LEU B 35 -10.84 3.58 29.80
CA LEU B 35 -11.63 4.12 28.71
C LEU B 35 -11.58 3.14 27.49
N VAL B 36 -10.51 2.37 27.30
CA VAL B 36 -10.54 1.31 26.26
C VAL B 36 -11.68 0.29 26.56
N VAL B 37 -11.71 -0.21 27.81
CA VAL B 37 -12.69 -1.21 28.22
C VAL B 37 -14.13 -0.66 28.25
N ASN B 38 -14.33 0.47 28.93
CA ASN B 38 -15.64 1.07 29.00
C ASN B 38 -16.08 1.64 27.63
N GLY B 39 -15.14 2.17 26.85
CA GLY B 39 -15.43 2.63 25.48
C GLY B 39 -15.97 1.50 24.58
N LYS B 40 -15.36 0.34 24.66
CA LYS B 40 -15.80 -0.85 23.95
C LYS B 40 -17.24 -1.26 24.36
N GLN B 41 -17.54 -1.21 25.67
CA GLN B 41 -18.87 -1.46 26.20
C GLN B 41 -19.88 -0.54 25.54
N ALA B 42 -19.55 0.74 25.49
CA ALA B 42 -20.41 1.75 24.85
C ALA B 42 -20.57 1.47 23.34
N HIS B 43 -19.46 1.12 22.68
CA HIS B 43 -19.46 0.78 21.28
C HIS B 43 -20.32 -0.47 21.00
N TRP B 44 -20.25 -1.48 21.85
CA TRP B 44 -21.13 -2.71 21.67
C TRP B 44 -22.62 -2.48 21.92
N ASN B 45 -22.92 -1.64 22.91
CA ASN B 45 -24.31 -1.47 23.38
C ASN B 45 -25.10 -0.24 22.90
N VAL B 46 -24.46 0.62 22.11
CA VAL B 46 -25.09 1.87 21.66
C VAL B 46 -26.23 1.55 20.68
N ARG B 47 -27.31 2.36 20.80
CA ARG B 47 -28.54 2.25 19.98
C ARG B 47 -28.99 3.62 19.51
N GLY B 48 -29.85 3.60 18.49
CA GLY B 48 -30.62 4.78 18.09
C GLY B 48 -30.17 5.37 16.76
N SER B 49 -30.74 6.52 16.41
CA SER B 49 -30.76 6.99 15.03
C SER B 49 -29.38 7.23 14.47
N ASN B 50 -28.43 7.53 15.35
CA ASN B 50 -27.06 7.74 14.99
C ASN B 50 -26.13 6.54 15.21
N PHE B 51 -26.65 5.33 15.23
CA PHE B 51 -25.87 4.16 15.61
C PHE B 51 -24.52 4.07 14.88
N ILE B 52 -24.54 4.01 13.56
CA ILE B 52 -23.31 3.65 12.89
C ILE B 52 -22.17 4.71 13.05
N ALA B 53 -22.50 5.98 12.87
CA ALA B 53 -21.56 7.08 13.11
C ALA B 53 -20.94 7.02 14.54
N ILE B 54 -21.79 6.85 15.55
CA ILE B 54 -21.31 6.84 16.96
C ILE B 54 -20.62 5.52 17.30
N HIS B 55 -21.14 4.41 16.80
CA HIS B 55 -20.43 3.15 16.97
C HIS B 55 -18.97 3.28 16.42
N GLU B 56 -18.80 3.87 15.24
CA GLU B 56 -17.47 3.97 14.63
C GLU B 56 -16.66 5.06 15.40
N LEU B 57 -17.32 6.14 15.79
CA LEU B 57 -16.60 7.17 16.54
C LEU B 57 -16.07 6.61 17.88
N LEU B 58 -16.88 5.80 18.59
CA LEU B 58 -16.43 5.18 19.82
C LEU B 58 -15.25 4.24 19.63
N ASP B 59 -15.21 3.54 18.52
CA ASP B 59 -14.11 2.65 18.26
C ASP B 59 -12.76 3.42 18.06
N SER B 60 -12.88 4.59 17.47
CA SER B 60 -11.71 5.43 17.28
C SER B 60 -11.24 6.15 18.60
N VAL B 61 -12.17 6.55 19.46
CA VAL B 61 -11.85 6.99 20.82
C VAL B 61 -11.13 5.89 21.61
N VAL B 62 -11.59 4.65 21.46
CA VAL B 62 -10.95 3.49 22.08
C VAL B 62 -9.53 3.25 21.54
N ALA B 63 -9.38 3.31 20.24
CA ALA B 63 -8.08 3.09 19.66
C ALA B 63 -7.08 4.17 20.15
N HIS B 64 -7.54 5.42 20.24
CA HIS B 64 -6.69 6.53 20.75
C HIS B 64 -6.35 6.30 22.23
N ALA B 65 -7.34 5.90 23.04
CA ALA B 65 -7.11 5.68 24.43
C ALA B 65 -6.06 4.57 24.67
N GLN B 66 -6.13 3.51 23.86
CA GLN B 66 -5.18 2.41 24.01
C GLN B 66 -3.75 2.93 23.76
N ASP B 67 -3.61 3.73 22.70
CA ASP B 67 -2.31 4.32 22.37
C ASP B 67 -1.80 5.29 23.43
N TYR B 68 -2.68 6.11 23.98
CA TYR B 68 -2.29 7.03 25.08
C TYR B 68 -1.84 6.25 26.34
N ALA B 69 -2.64 5.27 26.76
CA ALA B 69 -2.22 4.32 27.83
C ALA B 69 -0.81 3.81 27.59
N ASP B 70 -0.55 3.28 26.39
CA ASP B 70 0.73 2.69 26.04
C ASP B 70 1.86 3.72 26.16
N THR B 71 1.65 4.92 25.60
CA THR B 71 2.66 5.97 25.60
C THR B 71 3.01 6.43 27.01
N ALA B 72 1.98 6.66 27.82
CA ALA B 72 2.17 7.06 29.20
C ALA B 72 2.88 5.94 30.00
N ALA B 73 2.43 4.71 29.84
CA ALA B 73 3.01 3.60 30.61
C ALA B 73 4.47 3.37 30.22
N GLU B 74 4.76 3.46 28.91
CA GLU B 74 6.12 3.23 28.46
C GLU B 74 7.09 4.35 28.88
N ARG B 75 6.54 5.55 29.01
CA ARG B 75 7.35 6.62 29.53
C ARG B 75 7.81 6.28 31.01
N ILE B 76 6.88 5.80 31.85
CA ILE B 76 7.20 5.41 33.22
C ILE B 76 8.23 4.31 33.28
N VAL B 77 8.02 3.26 32.50
CA VAL B 77 8.93 2.12 32.51
C VAL B 77 10.33 2.50 31.97
N ALA B 78 10.36 3.35 30.95
CA ALA B 78 11.63 3.80 30.38
C ALA B 78 12.46 4.52 31.38
N LEU B 79 11.80 5.19 32.32
CA LEU B 79 12.55 5.86 33.39
C LEU B 79 12.89 4.89 34.52
N GLY B 80 12.55 3.61 34.41
CA GLY B 80 12.97 2.68 35.46
C GLY B 80 11.98 2.24 36.55
N LEU B 81 10.71 2.61 36.46
CA LEU B 81 9.73 2.21 37.47
C LEU B 81 8.62 1.36 36.88
N PRO B 82 8.05 0.41 37.68
CA PRO B 82 6.96 -0.43 37.21
C PRO B 82 5.62 0.36 37.17
N ILE B 83 4.65 -0.24 36.52
CA ILE B 83 3.28 0.27 36.54
C ILE B 83 2.38 -0.89 36.92
N ASP B 84 1.49 -0.71 37.89
CA ASP B 84 0.55 -1.72 38.14
C ASP B 84 -0.75 -1.38 37.42
N SER B 85 -1.01 -2.02 36.28
CA SER B 85 -2.25 -1.75 35.53
C SER B 85 -3.00 -3.10 35.32
N ARG B 86 -2.86 -4.03 36.28
CA ARG B 86 -3.69 -5.23 36.27
C ARG B 86 -5.15 -4.81 36.32
N VAL B 87 -6.03 -5.63 35.78
CA VAL B 87 -7.49 -5.37 35.90
C VAL B 87 -8.01 -5.04 37.36
N SER B 88 -7.61 -5.82 38.35
CA SER B 88 -8.02 -5.55 39.74
C SER B 88 -7.61 -4.11 40.16
N THR B 89 -6.37 -3.72 39.86
CA THR B 89 -5.88 -2.40 40.21
C THR B 89 -6.65 -1.28 39.48
N MET B 90 -6.82 -1.45 38.18
CA MET B 90 -7.53 -0.46 37.37
C MET B 90 -8.96 -0.25 37.90
N ALA B 91 -9.64 -1.36 38.18
CA ALA B 91 -10.95 -1.33 38.73
C ALA B 91 -11.01 -0.58 40.10
N GLU B 92 -10.04 -0.79 40.99
CA GLU B 92 -10.00 -0.04 42.27
C GLU B 92 -9.80 1.45 42.01
N LYS B 93 -9.11 1.81 40.93
CA LYS B 93 -8.65 3.20 40.76
C LYS B 93 -9.54 4.06 39.88
N THR B 94 -10.66 3.48 39.42
CA THR B 94 -11.32 3.96 38.25
C THR B 94 -12.80 3.65 38.38
N SER B 95 -13.66 4.51 37.84
CA SER B 95 -15.11 4.25 37.76
C SER B 95 -15.68 4.81 36.46
N THR B 96 -16.86 4.39 36.11
CA THR B 96 -17.43 4.71 34.82
C THR B 96 -18.89 5.00 35.00
N ALA B 97 -19.42 5.84 34.12
CA ALA B 97 -20.85 6.11 34.08
C ALA B 97 -21.49 5.43 32.88
N VAL B 98 -20.69 4.65 32.14
CA VAL B 98 -21.21 3.95 30.99
C VAL B 98 -22.30 2.95 31.48
N PRO B 99 -23.46 2.87 30.80
CA PRO B 99 -24.46 1.96 31.36
C PRO B 99 -24.08 0.49 31.19
N ALA B 100 -24.74 -0.37 31.98
CA ALA B 100 -24.55 -1.85 31.96
C ALA B 100 -25.05 -2.56 30.71
N GLY B 101 -25.97 -1.92 30.00
CA GLY B 101 -26.81 -2.58 28.94
C GLY B 101 -27.00 -1.67 27.72
N PHE B 102 -27.93 -2.01 26.85
CA PHE B 102 -28.29 -1.13 25.74
C PHE B 102 -28.57 0.30 26.19
N ALA B 103 -28.16 1.30 25.39
CA ALA B 103 -28.45 2.65 25.77
C ALA B 103 -28.47 3.48 24.51
N GLN B 104 -29.25 4.54 24.54
CA GLN B 104 -29.29 5.49 23.43
C GLN B 104 -28.00 6.22 23.29
N TRP B 105 -27.69 6.55 22.05
CA TRP B 105 -26.44 7.19 21.73
C TRP B 105 -26.15 8.50 22.49
N GLN B 106 -27.18 9.29 22.82
CA GLN B 106 -26.96 10.55 23.58
C GLN B 106 -26.41 10.23 24.97
N ASP B 107 -26.97 9.18 25.57
CA ASP B 107 -26.56 8.71 26.88
C ASP B 107 -25.18 8.03 26.90
N GLU B 108 -24.84 7.28 25.85
CA GLU B 108 -23.43 6.73 25.75
C GLU B 108 -22.46 7.90 25.63
N ILE B 109 -22.77 8.87 24.77
CA ILE B 109 -21.89 10.06 24.65
C ILE B 109 -21.73 10.80 26.02
N LYS B 110 -22.84 11.06 26.72
CA LYS B 110 -22.74 11.72 28.05
C LYS B 110 -21.85 10.90 29.00
N ALA B 111 -22.01 9.59 29.03
CA ALA B 111 -21.15 8.79 29.90
C ALA B 111 -19.66 8.82 29.50
N ILE B 112 -19.35 8.70 28.20
CA ILE B 112 -17.96 8.70 27.77
C ILE B 112 -17.27 10.05 28.08
N VAL B 113 -18.03 11.13 27.86
CA VAL B 113 -17.57 12.49 28.06
C VAL B 113 -17.30 12.72 29.54
N SER B 114 -18.19 12.25 30.40
CA SER B 114 -17.88 12.23 31.86
C SER B 114 -16.57 11.47 32.22
N ASP B 115 -16.32 10.30 31.58
CA ASP B 115 -15.08 9.56 31.82
C ASP B 115 -13.85 10.37 31.27
N ILE B 116 -13.98 10.96 30.09
CA ILE B 116 -12.91 11.82 29.59
C ILE B 116 -12.65 13.06 30.48
N ASP B 117 -13.72 13.67 31.00
CA ASP B 117 -13.57 14.82 31.87
C ASP B 117 -12.69 14.49 33.09
N ALA B 118 -12.86 13.29 33.62
CA ALA B 118 -12.07 12.86 34.77
C ALA B 118 -10.57 12.64 34.36
N ALA B 119 -10.32 12.10 33.17
CA ALA B 119 -8.97 11.90 32.69
C ALA B 119 -8.29 13.25 32.44
N LEU B 120 -9.08 14.23 31.96
CA LEU B 120 -8.53 15.57 31.69
C LEU B 120 -8.08 16.26 32.96
N VAL B 121 -8.74 15.99 34.08
CA VAL B 121 -8.28 16.50 35.36
C VAL B 121 -6.90 15.94 35.71
N ASP B 122 -6.73 14.62 35.63
CA ASP B 122 -5.41 13.96 35.75
C ASP B 122 -4.31 14.43 34.80
N LEU B 123 -4.64 14.60 33.53
CA LEU B 123 -3.73 15.17 32.55
C LEU B 123 -3.27 16.57 32.89
N GLN B 124 -4.20 17.43 33.30
CA GLN B 124 -3.83 18.81 33.61
C GLN B 124 -3.00 18.79 34.86
N ALA B 125 -3.34 17.92 35.82
CA ALA B 125 -2.46 17.77 37.05
C ALA B 125 -1.02 17.30 36.70
N ALA B 126 -0.92 16.40 35.74
CA ALA B 126 0.39 15.96 35.26
C ALA B 126 1.18 17.07 34.57
N ILE B 127 0.50 17.85 33.73
CA ILE B 127 1.16 18.97 33.04
C ILE B 127 1.68 20.01 34.04
N ASP B 128 0.83 20.44 34.96
CA ASP B 128 1.27 21.37 36.02
C ASP B 128 2.36 20.74 36.89
N GLY B 129 2.20 19.48 37.24
CA GLY B 129 3.16 18.90 38.20
C GLY B 129 4.53 18.55 37.63
N LEU B 130 4.60 18.24 36.33
CA LEU B 130 5.87 17.93 35.66
C LEU B 130 6.65 19.15 35.18
N ASP B 131 6.03 20.33 35.27
CA ASP B 131 6.59 21.53 34.66
C ASP B 131 7.94 21.89 35.28
N GLU B 132 8.13 21.64 36.57
CA GLU B 132 9.41 22.01 37.17
C GLU B 132 10.36 20.86 37.31
N VAL B 133 9.96 19.69 36.84
CA VAL B 133 10.63 18.45 37.16
C VAL B 133 11.20 17.76 35.89
N ASP B 134 10.36 17.54 34.89
CA ASP B 134 10.77 16.76 33.73
C ASP B 134 9.92 17.12 32.52
N LEU B 135 10.50 18.00 31.72
CA LEU B 135 9.84 18.51 30.53
C LEU B 135 9.58 17.45 29.50
N THR B 136 10.39 16.39 29.48
CA THR B 136 10.18 15.26 28.60
C THR B 136 8.88 14.46 28.89
N SER B 137 8.61 14.14 30.17
CA SER B 137 7.38 13.43 30.55
C SER B 137 6.18 14.42 30.42
N GLN B 138 6.41 15.69 30.68
CA GLN B 138 5.35 16.68 30.53
C GLN B 138 4.89 16.74 29.11
N ASP B 139 5.80 16.55 28.19
CA ASP B 139 5.43 16.62 26.80
C ASP B 139 4.55 15.43 26.42
N VAL B 140 4.77 14.30 27.10
CA VAL B 140 3.89 13.13 26.94
C VAL B 140 2.45 13.46 27.38
N ALA B 141 2.30 14.12 28.55
CA ALA B 141 0.95 14.42 29.01
C ALA B 141 0.30 15.48 28.11
N ILE B 142 1.10 16.43 27.63
CA ILE B 142 0.60 17.45 26.68
C ILE B 142 0.08 16.80 25.40
N GLU B 143 0.84 15.86 24.82
CA GLU B 143 0.39 15.22 23.60
C GLU B 143 -0.93 14.40 23.80
N ILE B 144 -1.00 13.65 24.89
CA ILE B 144 -2.23 12.95 25.22
C ILE B 144 -3.39 13.92 25.39
N LYS B 145 -3.19 14.99 26.11
CA LYS B 145 -4.24 15.93 26.34
C LYS B 145 -4.75 16.58 25.04
N ARG B 146 -3.87 16.93 24.11
CA ARG B 146 -4.32 17.40 22.77
C ARG B 146 -5.33 16.45 22.11
N GLY B 147 -5.03 15.16 22.14
CA GLY B 147 -5.81 14.17 21.43
C GLY B 147 -7.14 13.96 22.16
N VAL B 148 -7.11 13.90 23.48
CA VAL B 148 -8.30 13.67 24.27
C VAL B 148 -9.22 14.88 24.18
N ASP B 149 -8.67 16.10 24.15
CA ASP B 149 -9.56 17.36 24.06
C ASP B 149 -10.31 17.34 22.72
N LYS B 150 -9.60 16.90 21.69
CA LYS B 150 -10.18 16.71 20.37
C LYS B 150 -11.29 15.60 20.31
N ASP B 151 -11.00 14.38 20.83
CA ASP B 151 -12.10 13.33 21.04
C ASP B 151 -13.33 13.83 21.82
N ARG B 152 -13.08 14.55 22.94
CA ARG B 152 -14.15 15.20 23.69
C ARG B 152 -15.07 16.12 22.82
N TRP B 153 -14.48 16.96 21.98
CA TRP B 153 -15.21 17.84 21.09
C TRP B 153 -16.05 17.04 20.07
N PHE B 154 -15.48 16.04 19.42
CA PHE B 154 -16.17 15.20 18.45
C PHE B 154 -17.38 14.52 19.09
N LEU B 155 -17.24 14.08 20.35
CA LEU B 155 -18.38 13.56 21.10
C LEU B 155 -19.39 14.65 21.43
N LEU B 156 -18.95 15.69 22.11
CA LEU B 156 -19.91 16.62 22.65
C LEU B 156 -20.65 17.49 21.60
N ALA B 157 -20.00 17.72 20.45
CA ALA B 157 -20.62 18.48 19.36
C ALA B 157 -21.94 17.88 18.96
N HIS B 158 -22.08 16.59 19.16
CA HIS B 158 -23.32 15.95 18.82
C HIS B 158 -24.47 16.42 19.69
N LEU B 159 -24.17 16.90 20.90
CA LEU B 159 -25.24 17.31 21.85
C LEU B 159 -25.53 18.82 21.86
N ALA B 160 -24.70 19.65 21.21
CA ALA B 160 -24.95 21.12 21.11
C ALA B 160 -26.37 21.42 20.63
N GLU B 161 -26.87 20.57 19.72
CA GLU B 161 -28.29 20.30 19.70
C GLU B 161 -28.59 18.87 19.23
N ASN C 5 -15.61 -36.59 -11.69
CA ASN C 5 -15.82 -35.13 -11.92
C ASN C 5 -16.79 -34.46 -10.92
N ILE C 6 -17.08 -35.15 -9.81
CA ILE C 6 -17.88 -34.59 -8.71
C ILE C 6 -17.03 -34.41 -7.44
N THR C 7 -17.02 -33.19 -6.89
CA THR C 7 -16.15 -32.81 -5.74
C THR C 7 -16.49 -33.46 -4.40
N THR C 8 -15.47 -33.55 -3.55
CA THR C 8 -15.45 -34.35 -2.31
C THR C 8 -15.06 -35.82 -2.63
N PRO C 9 -14.01 -36.31 -1.97
CA PRO C 9 -13.59 -37.70 -2.13
C PRO C 9 -13.90 -38.58 -0.91
N ALA C 10 -13.12 -39.66 -0.72
CA ALA C 10 -13.40 -40.75 0.23
C ALA C 10 -14.20 -41.90 -0.43
N LEU C 11 -15.53 -41.82 -0.35
CA LEU C 11 -16.46 -42.67 -1.10
C LEU C 11 -16.73 -42.09 -2.52
N THR C 12 -17.32 -42.90 -3.39
CA THR C 12 -17.84 -42.42 -4.69
C THR C 12 -19.38 -42.15 -4.58
N ALA C 13 -19.92 -41.10 -5.22
CA ALA C 13 -19.17 -40.15 -6.08
C ALA C 13 -19.02 -38.66 -5.59
N ASP C 14 -19.93 -38.12 -4.76
CA ASP C 14 -21.29 -38.66 -4.43
C ASP C 14 -22.47 -37.74 -4.89
N PRO C 15 -23.32 -38.27 -5.82
CA PRO C 15 -24.48 -37.53 -6.42
C PRO C 15 -25.44 -37.02 -5.36
N GLU C 16 -25.64 -37.80 -4.29
CA GLU C 16 -26.35 -37.36 -3.08
C GLU C 16 -25.86 -36.02 -2.46
N VAL C 17 -24.55 -35.89 -2.25
CA VAL C 17 -24.02 -34.74 -1.53
C VAL C 17 -24.10 -33.49 -2.39
N ALA C 18 -23.81 -33.62 -3.68
CA ALA C 18 -23.85 -32.47 -4.57
C ALA C 18 -25.29 -31.97 -4.56
N ALA C 19 -26.23 -32.91 -4.53
CA ALA C 19 -27.63 -32.62 -4.77
C ALA C 19 -28.25 -31.85 -3.60
N ALA C 20 -27.79 -32.17 -2.38
CA ALA C 20 -28.11 -31.40 -1.16
C ALA C 20 -27.50 -29.96 -1.13
N ALA C 21 -26.28 -29.82 -1.60
CA ALA C 21 -25.74 -28.50 -1.68
C ALA C 21 -26.63 -27.69 -2.57
N ALA C 22 -26.96 -28.20 -3.75
CA ALA C 22 -27.72 -27.38 -4.69
C ALA C 22 -29.07 -27.04 -4.07
N GLN C 23 -29.65 -28.02 -3.42
CA GLN C 23 -30.93 -27.84 -2.85
C GLN C 23 -30.93 -26.76 -1.77
N PHE C 24 -29.96 -26.74 -0.88
CA PHE C 24 -30.00 -25.79 0.26
C PHE C 24 -29.29 -24.47 0.00
N LEU C 25 -28.30 -24.51 -0.87
CA LEU C 25 -27.54 -23.29 -1.16
C LEU C 25 -28.13 -22.44 -2.29
N THR C 26 -28.85 -23.07 -3.20
CA THR C 26 -29.49 -22.34 -4.29
C THR C 26 -30.40 -21.17 -3.86
N PRO C 27 -31.26 -21.36 -2.80
CA PRO C 27 -32.14 -20.24 -2.37
C PRO C 27 -31.27 -19.13 -1.76
N VAL C 28 -30.16 -19.52 -1.17
CA VAL C 28 -29.20 -18.52 -0.71
C VAL C 28 -28.60 -17.67 -1.82
N VAL C 29 -28.11 -18.31 -2.89
CA VAL C 29 -27.57 -17.58 -4.01
C VAL C 29 -28.63 -16.58 -4.51
N HIS C 30 -29.87 -17.04 -4.67
CA HIS C 30 -30.89 -16.15 -5.27
C HIS C 30 -31.24 -14.95 -4.37
N LYS C 31 -31.38 -15.19 -3.07
CA LYS C 31 -31.72 -14.09 -2.15
C LYS C 31 -30.56 -13.12 -1.93
N MET C 32 -29.35 -13.64 -1.88
CA MET C 32 -28.18 -12.78 -1.77
C MET C 32 -27.97 -11.92 -3.01
N GLN C 33 -28.21 -12.48 -4.20
CA GLN C 33 -28.00 -11.76 -5.42
C GLN C 33 -29.14 -10.72 -5.59
N ALA C 34 -30.38 -11.08 -5.20
CA ALA C 34 -31.53 -10.12 -5.14
C ALA C 34 -31.22 -8.92 -4.19
N LEU C 35 -30.59 -9.21 -3.03
CA LEU C 35 -30.17 -8.21 -2.08
C LEU C 35 -29.10 -7.25 -2.63
N VAL C 36 -28.22 -7.74 -3.54
CA VAL C 36 -27.31 -6.84 -4.25
C VAL C 36 -28.13 -5.76 -5.05
N VAL C 37 -29.12 -6.24 -5.82
CA VAL C 37 -29.86 -5.35 -6.70
C VAL C 37 -30.83 -4.44 -5.91
N ASN C 38 -31.63 -5.03 -5.03
CA ASN C 38 -32.55 -4.26 -4.21
C ASN C 38 -31.86 -3.35 -3.18
N GLY C 39 -30.64 -3.72 -2.75
CA GLY C 39 -29.90 -2.94 -1.84
C GLY C 39 -29.38 -1.72 -2.59
N LYS C 40 -28.96 -1.92 -3.85
CA LYS C 40 -28.51 -0.74 -4.62
C LYS C 40 -29.66 0.20 -4.83
N GLN C 41 -30.82 -0.35 -5.16
CA GLN C 41 -32.03 0.42 -5.21
C GLN C 41 -32.21 1.26 -3.95
N ALA C 42 -32.13 0.66 -2.75
CA ALA C 42 -32.28 1.38 -1.43
C ALA C 42 -31.16 2.43 -1.29
N HIS C 43 -29.96 2.04 -1.73
CA HIS C 43 -28.79 2.90 -1.68
C HIS C 43 -28.99 4.18 -2.52
N TRP C 44 -29.54 4.03 -3.76
CA TRP C 44 -29.77 5.21 -4.66
C TRP C 44 -30.89 6.18 -4.15
N ASN C 45 -31.95 5.57 -3.58
CA ASN C 45 -33.24 6.25 -3.33
C ASN C 45 -33.45 6.76 -1.91
N VAL C 46 -32.52 6.39 -1.03
CA VAL C 46 -32.61 6.80 0.39
C VAL C 46 -32.55 8.32 0.62
N ARG C 47 -33.31 8.83 1.58
CA ARG C 47 -33.41 10.27 1.87
C ARG C 47 -33.42 10.49 3.36
N GLY C 48 -33.13 11.72 3.78
CA GLY C 48 -33.49 12.18 5.13
C GLY C 48 -32.26 12.31 6.00
N SER C 49 -32.47 12.56 7.29
CA SER C 49 -31.42 13.15 8.12
C SER C 49 -30.18 12.25 8.31
N ASN C 50 -30.37 10.95 8.11
CA ASN C 50 -29.28 10.00 8.21
C ASN C 50 -28.68 9.59 6.85
N PHE C 51 -28.93 10.36 5.80
CA PHE C 51 -28.55 9.96 4.46
C PHE C 51 -27.15 9.37 4.29
N ILE C 52 -26.10 10.11 4.64
CA ILE C 52 -24.77 9.66 4.20
C ILE C 52 -24.34 8.35 4.92
N ALA C 53 -24.65 8.25 6.20
CA ALA C 53 -24.30 7.04 6.95
C ALA C 53 -25.10 5.82 6.46
N ILE C 54 -26.38 5.99 6.13
CA ILE C 54 -27.18 4.89 5.64
C ILE C 54 -26.90 4.55 4.17
N HIS C 55 -26.69 5.59 3.34
CA HIS C 55 -26.20 5.45 1.97
C HIS C 55 -24.93 4.56 1.96
N GLU C 56 -23.99 4.84 2.86
CA GLU C 56 -22.74 4.09 2.94
C GLU C 56 -22.87 2.72 3.55
N LEU C 57 -23.64 2.59 4.64
CA LEU C 57 -23.95 1.27 5.21
C LEU C 57 -24.62 0.32 4.19
N LEU C 58 -25.62 0.80 3.46
CA LEU C 58 -26.25 0.01 2.42
C LEU C 58 -25.23 -0.44 1.36
N ASP C 59 -24.34 0.42 0.90
CA ASP C 59 -23.29 -0.03 -0.04
C ASP C 59 -22.49 -1.21 0.54
N SER C 60 -22.26 -1.19 1.85
CA SER C 60 -21.43 -2.22 2.42
C SER C 60 -22.22 -3.54 2.59
N VAL C 61 -23.54 -3.43 2.80
CA VAL C 61 -24.48 -4.58 2.78
C VAL C 61 -24.52 -5.25 1.40
N VAL C 62 -24.57 -4.46 0.36
CA VAL C 62 -24.57 -4.92 -1.02
C VAL C 62 -23.25 -5.65 -1.30
N ALA C 63 -22.11 -5.07 -0.85
CA ALA C 63 -20.78 -5.59 -1.16
C ALA C 63 -20.68 -6.99 -0.46
N HIS C 64 -21.15 -7.10 0.81
CA HIS C 64 -21.29 -8.39 1.50
C HIS C 64 -22.21 -9.37 0.77
N ALA C 65 -23.44 -8.93 0.40
CA ALA C 65 -24.36 -9.85 -0.27
C ALA C 65 -23.70 -10.44 -1.55
N GLN C 66 -23.09 -9.57 -2.36
CA GLN C 66 -22.40 -10.04 -3.54
C GLN C 66 -21.32 -11.10 -3.21
N ASP C 67 -20.52 -10.90 -2.17
CA ASP C 67 -19.52 -11.89 -1.80
C ASP C 67 -20.20 -13.18 -1.39
N TYR C 68 -21.25 -13.06 -0.61
CA TYR C 68 -21.96 -14.27 -0.13
C TYR C 68 -22.60 -15.03 -1.26
N ALA C 69 -23.16 -14.32 -2.24
CA ALA C 69 -23.79 -14.98 -3.41
C ALA C 69 -22.70 -15.79 -4.14
N ASP C 70 -21.54 -15.17 -4.34
CA ASP C 70 -20.41 -15.86 -5.00
C ASP C 70 -19.87 -17.06 -4.29
N THR C 71 -19.69 -16.95 -2.97
CA THR C 71 -19.21 -18.11 -2.20
C THR C 71 -20.24 -19.27 -2.25
N ALA C 72 -21.52 -18.95 -2.21
CA ALA C 72 -22.52 -20.01 -2.18
C ALA C 72 -22.54 -20.62 -3.58
N ALA C 73 -22.52 -19.76 -4.61
CA ALA C 73 -22.62 -20.24 -6.01
C ALA C 73 -21.45 -21.14 -6.32
N GLU C 74 -20.28 -20.74 -5.84
CA GLU C 74 -19.09 -21.43 -6.30
C GLU C 74 -18.93 -22.72 -5.56
N ARG C 75 -19.41 -22.73 -4.35
CA ARG C 75 -19.51 -23.99 -3.63
C ARG C 75 -20.42 -24.99 -4.40
N ILE C 76 -21.58 -24.54 -4.92
CA ILE C 76 -22.45 -25.43 -5.74
C ILE C 76 -21.74 -25.94 -7.00
N VAL C 77 -21.06 -25.03 -7.67
CA VAL C 77 -20.40 -25.35 -8.92
C VAL C 77 -19.20 -26.28 -8.66
N ALA C 78 -18.47 -26.04 -7.57
CA ALA C 78 -17.29 -26.85 -7.21
C ALA C 78 -17.66 -28.30 -6.96
N LEU C 79 -18.90 -28.52 -6.54
CA LEU C 79 -19.43 -29.89 -6.29
C LEU C 79 -19.91 -30.50 -7.57
N GLY C 80 -19.78 -29.75 -8.66
CA GLY C 80 -20.06 -30.29 -9.97
C GLY C 80 -21.47 -30.03 -10.49
N LEU C 81 -22.27 -29.17 -9.86
CA LEU C 81 -23.64 -28.82 -10.40
C LEU C 81 -23.85 -27.38 -10.95
N PRO C 82 -24.75 -27.19 -11.96
CA PRO C 82 -24.92 -25.84 -12.50
C PRO C 82 -25.77 -25.00 -11.55
N ILE C 83 -25.79 -23.69 -11.74
CA ILE C 83 -26.67 -22.88 -10.92
C ILE C 83 -27.39 -22.01 -11.93
N ASP C 84 -28.70 -21.83 -11.75
CA ASP C 84 -29.44 -20.90 -12.55
C ASP C 84 -29.73 -19.58 -11.80
N SER C 85 -28.84 -18.59 -11.86
CA SER C 85 -29.25 -17.27 -11.36
C SER C 85 -29.22 -16.17 -12.42
N ARG C 86 -29.78 -16.49 -13.59
CA ARG C 86 -30.18 -15.47 -14.55
C ARG C 86 -31.19 -14.53 -13.87
N VAL C 87 -31.19 -13.26 -14.30
CA VAL C 87 -32.18 -12.30 -13.84
C VAL C 87 -33.63 -12.87 -13.82
N SER C 88 -34.02 -13.56 -14.87
CA SER C 88 -35.42 -14.05 -14.99
C SER C 88 -35.78 -15.03 -13.88
N THR C 89 -34.91 -16.01 -13.63
CA THR C 89 -35.08 -17.02 -12.61
C THR C 89 -35.10 -16.38 -11.20
N MET C 90 -34.08 -15.55 -10.94
CA MET C 90 -33.98 -14.79 -9.69
C MET C 90 -35.20 -13.94 -9.34
N ALA C 91 -35.73 -13.20 -10.31
CA ALA C 91 -37.02 -12.50 -10.19
C ALA C 91 -38.20 -13.41 -9.84
N GLU C 92 -38.29 -14.58 -10.51
CA GLU C 92 -39.32 -15.57 -10.16
C GLU C 92 -39.20 -16.10 -8.72
N LYS C 93 -37.98 -16.18 -8.16
CA LYS C 93 -37.76 -16.87 -6.89
C LYS C 93 -37.68 -15.90 -5.74
N THR C 94 -37.94 -14.63 -5.98
CA THR C 94 -37.50 -13.66 -5.02
C THR C 94 -38.45 -12.49 -4.96
N SER C 95 -38.52 -11.78 -3.83
CA SER C 95 -39.44 -10.62 -3.77
C SER C 95 -38.89 -9.58 -2.82
N THR C 96 -39.26 -8.31 -2.97
CA THR C 96 -38.68 -7.24 -2.14
C THR C 96 -39.73 -6.28 -1.58
N ALA C 97 -39.49 -5.77 -0.38
CA ALA C 97 -40.32 -4.67 0.15
C ALA C 97 -39.66 -3.30 -0.17
N VAL C 98 -38.48 -3.27 -0.81
CA VAL C 98 -37.81 -1.98 -1.03
C VAL C 98 -38.75 -1.16 -1.93
N PRO C 99 -39.07 0.10 -1.57
CA PRO C 99 -39.95 0.87 -2.42
C PRO C 99 -39.39 1.23 -3.79
N ALA C 100 -40.32 1.59 -4.68
CA ALA C 100 -40.02 1.89 -6.09
C ALA C 100 -39.24 3.17 -6.23
N GLY C 101 -39.37 4.11 -5.30
CA GLY C 101 -38.72 5.42 -5.51
C GLY C 101 -38.13 5.94 -4.22
N PHE C 102 -38.17 7.26 -4.02
CA PHE C 102 -37.55 7.87 -2.87
C PHE C 102 -38.26 7.39 -1.63
N ALA C 103 -37.50 7.26 -0.53
CA ALA C 103 -38.05 6.83 0.74
C ALA C 103 -37.10 7.28 1.85
N GLN C 104 -37.66 7.77 2.93
CA GLN C 104 -36.94 8.06 4.18
C GLN C 104 -36.04 6.89 4.62
N TRP C 105 -34.86 7.20 5.17
CA TRP C 105 -33.95 6.13 5.65
C TRP C 105 -34.57 5.04 6.57
N GLN C 106 -35.50 5.40 7.46
CA GLN C 106 -36.15 4.41 8.32
C GLN C 106 -36.86 3.36 7.52
N ASP C 107 -37.51 3.77 6.43
CA ASP C 107 -38.32 2.86 5.66
C ASP C 107 -37.45 1.93 4.83
N GLU C 108 -36.37 2.50 4.28
CA GLU C 108 -35.39 1.70 3.58
C GLU C 108 -34.81 0.62 4.55
N ILE C 109 -34.50 0.98 5.78
CA ILE C 109 -33.85 0.01 6.67
C ILE C 109 -34.88 -1.08 6.92
N LYS C 110 -36.13 -0.73 7.23
CA LYS C 110 -37.18 -1.76 7.39
C LYS C 110 -37.32 -2.67 6.21
N ALA C 111 -37.36 -2.09 5.00
CA ALA C 111 -37.52 -2.92 3.78
C ALA C 111 -36.36 -3.93 3.68
N ILE C 112 -35.13 -3.47 3.94
CA ILE C 112 -33.91 -4.32 3.80
C ILE C 112 -33.79 -5.39 4.92
N VAL C 113 -34.16 -5.03 6.15
CA VAL C 113 -34.28 -6.04 7.21
C VAL C 113 -35.31 -7.10 6.86
N SER C 114 -36.45 -6.71 6.31
CA SER C 114 -37.39 -7.71 5.84
C SER C 114 -36.77 -8.70 4.82
N ASP C 115 -36.08 -8.18 3.78
CA ASP C 115 -35.39 -9.04 2.78
C ASP C 115 -34.26 -9.87 3.52
N ILE C 116 -33.47 -9.25 4.40
CA ILE C 116 -32.51 -10.07 5.19
C ILE C 116 -33.17 -11.23 6.03
N ASP C 117 -34.34 -10.98 6.60
CA ASP C 117 -35.01 -11.94 7.45
C ASP C 117 -35.40 -13.13 6.60
N ALA C 118 -35.84 -12.89 5.36
CA ALA C 118 -36.17 -13.99 4.40
C ALA C 118 -34.89 -14.84 4.07
N ALA C 119 -33.74 -14.17 3.88
CA ALA C 119 -32.49 -14.90 3.63
C ALA C 119 -32.09 -15.73 4.85
N LEU C 120 -32.26 -15.16 6.04
CA LEU C 120 -31.94 -15.88 7.31
C LEU C 120 -32.70 -17.19 7.48
N VAL C 121 -33.99 -17.18 7.16
CA VAL C 121 -34.79 -18.40 7.18
C VAL C 121 -34.15 -19.42 6.25
N ASP C 122 -33.73 -19.02 5.06
CA ASP C 122 -33.13 -20.01 4.14
C ASP C 122 -31.71 -20.43 4.59
N LEU C 123 -30.94 -19.52 5.19
CA LEU C 123 -29.63 -19.93 5.76
C LEU C 123 -29.80 -20.96 6.91
N GLN C 124 -30.82 -20.75 7.75
CA GLN C 124 -31.02 -21.64 8.88
C GLN C 124 -31.54 -23.00 8.38
N ALA C 125 -32.43 -23.00 7.41
CA ALA C 125 -32.72 -24.27 6.73
C ALA C 125 -31.45 -24.97 6.12
N ALA C 126 -30.55 -24.20 5.51
CA ALA C 126 -29.33 -24.86 4.95
C ALA C 126 -28.47 -25.44 6.06
N ILE C 127 -28.31 -24.72 7.15
CA ILE C 127 -27.48 -25.17 8.27
C ILE C 127 -28.05 -26.44 8.88
N ASP C 128 -29.36 -26.46 9.11
CA ASP C 128 -30.03 -27.68 9.61
C ASP C 128 -29.94 -28.80 8.57
N GLY C 129 -30.26 -28.48 7.31
CA GLY C 129 -30.38 -29.51 6.26
C GLY C 129 -29.04 -30.10 5.81
N LEU C 130 -27.95 -29.35 5.98
CA LEU C 130 -26.62 -29.85 5.62
C LEU C 130 -25.89 -30.59 6.77
N ASP C 131 -26.44 -30.47 7.98
CA ASP C 131 -25.80 -31.01 9.17
C ASP C 131 -25.55 -32.50 9.06
N GLU C 132 -26.48 -33.22 8.42
CA GLU C 132 -26.30 -34.65 8.31
C GLU C 132 -25.59 -35.09 7.05
N VAL C 133 -25.26 -34.16 6.15
CA VAL C 133 -24.95 -34.53 4.78
C VAL C 133 -23.59 -34.04 4.22
N ASP C 134 -23.26 -32.75 4.45
CA ASP C 134 -21.99 -32.19 4.01
C ASP C 134 -21.61 -31.03 4.91
N LEU C 135 -20.72 -31.30 5.84
CA LEU C 135 -20.19 -30.31 6.78
C LEU C 135 -19.43 -29.16 6.11
N THR C 136 -18.78 -29.44 4.98
CA THR C 136 -18.07 -28.40 4.26
C THR C 136 -19.05 -27.37 3.68
N SER C 137 -20.16 -27.82 3.12
CA SER C 137 -21.14 -26.85 2.59
C SER C 137 -21.85 -26.15 3.74
N GLN C 138 -22.03 -26.89 4.85
CA GLN C 138 -22.72 -26.35 6.03
C GLN C 138 -21.93 -25.14 6.52
N ASP C 139 -20.60 -25.28 6.52
CA ASP C 139 -19.71 -24.21 6.92
C ASP C 139 -19.86 -22.95 6.06
N VAL C 140 -20.13 -23.13 4.77
CA VAL C 140 -20.37 -21.99 3.91
C VAL C 140 -21.61 -21.26 4.44
N ALA C 141 -22.65 -22.06 4.77
CA ALA C 141 -23.94 -21.46 5.21
C ALA C 141 -23.74 -20.77 6.54
N ILE C 142 -22.97 -21.40 7.41
CA ILE C 142 -22.62 -20.80 8.69
C ILE C 142 -21.87 -19.47 8.54
N GLU C 143 -20.84 -19.47 7.69
CA GLU C 143 -20.05 -18.28 7.49
C GLU C 143 -20.96 -17.12 6.94
N ILE C 144 -21.79 -17.39 5.94
CA ILE C 144 -22.66 -16.35 5.43
C ILE C 144 -23.70 -15.86 6.52
N LYS C 145 -24.32 -16.81 7.27
CA LYS C 145 -25.19 -16.41 8.40
C LYS C 145 -24.54 -15.45 9.45
N ARG C 146 -23.30 -15.69 9.82
CA ARG C 146 -22.61 -14.77 10.77
C ARG C 146 -22.57 -13.35 10.20
N GLY C 147 -22.13 -13.21 8.95
CA GLY C 147 -22.09 -11.89 8.31
C GLY C 147 -23.45 -11.23 8.17
N VAL C 148 -24.47 -12.00 7.81
CA VAL C 148 -25.79 -11.47 7.58
C VAL C 148 -26.43 -11.02 8.90
N ASP C 149 -26.26 -11.83 9.95
CA ASP C 149 -26.63 -11.50 11.35
C ASP C 149 -26.03 -10.20 11.82
N LYS C 150 -24.78 -9.97 11.46
CA LYS C 150 -24.18 -8.74 11.90
C LYS C 150 -24.71 -7.49 11.12
N ASP C 151 -24.81 -7.59 9.78
CA ASP C 151 -25.40 -6.56 8.92
C ASP C 151 -26.82 -6.23 9.37
N ARG C 152 -27.58 -7.24 9.74
CA ARG C 152 -28.92 -7.02 10.30
C ARG C 152 -28.87 -6.18 11.59
N TRP C 153 -27.94 -6.47 12.50
CA TRP C 153 -27.82 -5.70 13.71
C TRP C 153 -27.51 -4.23 13.38
N PHE C 154 -26.51 -3.99 12.51
CA PHE C 154 -26.15 -2.64 12.13
C PHE C 154 -27.32 -1.85 11.57
N LEU C 155 -28.19 -2.53 10.81
CA LEU C 155 -29.39 -1.90 10.27
C LEU C 155 -30.39 -1.68 11.38
N LEU C 156 -30.69 -2.71 12.16
CA LEU C 156 -31.74 -2.63 13.15
C LEU C 156 -31.39 -1.71 14.34
N ALA C 157 -30.10 -1.57 14.67
CA ALA C 157 -29.69 -0.77 15.85
C ALA C 157 -30.18 0.70 15.72
N HIS C 158 -30.41 1.16 14.48
CA HIS C 158 -30.83 2.54 14.18
C HIS C 158 -32.30 2.84 14.57
N LEU C 159 -33.11 1.82 14.82
CA LEU C 159 -34.55 1.97 14.97
C LEU C 159 -34.96 1.73 16.45
N ALA C 160 -33.99 1.32 17.29
CA ALA C 160 -34.19 1.15 18.74
C ALA C 160 -34.80 2.40 19.42
N GLU C 161 -34.30 3.58 19.06
CA GLU C 161 -35.19 4.78 19.07
C GLU C 161 -34.67 5.97 18.24
N ALA D 10 17.86 34.94 9.58
CA ALA D 10 17.70 36.05 10.60
C ALA D 10 16.23 36.49 10.83
N LEU D 11 15.53 36.81 9.73
CA LEU D 11 14.17 37.44 9.70
C LEU D 11 14.23 38.98 9.94
N THR D 12 13.24 39.53 10.66
CA THR D 12 13.38 40.83 11.35
C THR D 12 13.77 40.44 12.78
N ALA D 13 13.75 39.11 12.98
CA ALA D 13 14.03 38.44 14.26
C ALA D 13 15.55 38.41 14.68
N ASP D 14 16.03 37.29 15.24
CA ASP D 14 17.07 37.39 16.30
C ASP D 14 18.30 36.43 16.29
N PRO D 15 19.54 37.03 16.26
CA PRO D 15 20.80 36.26 16.05
C PRO D 15 21.26 35.45 17.29
N GLU D 16 20.98 35.97 18.50
CA GLU D 16 21.33 35.29 19.75
C GLU D 16 20.46 34.00 20.04
N VAL D 17 19.29 33.91 19.41
CA VAL D 17 18.45 32.71 19.32
C VAL D 17 19.07 31.64 18.45
N ALA D 18 19.55 32.05 17.27
CA ALA D 18 20.09 31.11 16.35
C ALA D 18 21.40 30.57 16.98
N ALA D 19 22.20 31.49 17.56
CA ALA D 19 23.45 31.11 18.23
C ALA D 19 23.22 30.09 19.35
N ALA D 20 22.16 30.27 20.14
CA ALA D 20 21.80 29.31 21.21
C ALA D 20 21.49 27.91 20.68
N ALA D 21 20.64 27.86 19.65
CA ALA D 21 20.33 26.65 18.92
C ALA D 21 21.60 25.98 18.47
N ALA D 22 22.47 26.72 17.82
CA ALA D 22 23.66 26.05 17.35
C ALA D 22 24.44 25.58 18.55
N GLN D 23 24.53 26.38 19.60
CA GLN D 23 25.33 25.95 20.70
C GLN D 23 24.80 24.64 21.34
N PHE D 24 23.48 24.52 21.55
CA PHE D 24 22.92 23.35 22.25
C PHE D 24 22.59 22.18 21.35
N LEU D 25 22.26 22.44 20.08
CA LEU D 25 21.90 21.35 19.17
C LEU D 25 23.07 20.74 18.46
N THR D 26 24.20 21.46 18.33
CA THR D 26 25.36 20.92 17.60
CA THR D 26 25.32 20.89 17.58
C THR D 26 25.85 19.59 18.23
N PRO D 27 26.04 19.56 19.53
CA PRO D 27 26.58 18.29 20.07
C PRO D 27 25.57 17.18 19.93
N VAL D 28 24.27 17.53 19.86
CA VAL D 28 23.30 16.49 19.53
C VAL D 28 23.53 15.94 18.14
N VAL D 29 23.66 16.82 17.13
CA VAL D 29 23.85 16.34 15.76
C VAL D 29 25.05 15.40 15.73
N HIS D 30 26.17 15.84 16.31
CA HIS D 30 27.40 14.98 16.34
C HIS D 30 27.21 13.60 17.02
N LYS D 31 26.64 13.60 18.19
CA LYS D 31 26.45 12.32 18.85
C LYS D 31 25.40 11.44 18.17
N MET D 32 24.34 12.01 17.61
CA MET D 32 23.37 11.14 16.96
C MET D 32 24.01 10.59 15.64
N GLN D 33 24.74 11.43 14.91
CA GLN D 33 25.28 10.97 13.66
C GLN D 33 26.34 9.89 13.97
N ALA D 34 27.13 10.07 15.03
CA ALA D 34 28.08 9.06 15.44
C ALA D 34 27.41 7.78 15.86
N LEU D 35 26.25 7.85 16.49
CA LEU D 35 25.51 6.65 16.83
C LEU D 35 24.99 5.86 15.60
N VAL D 36 24.78 6.57 14.50
CA VAL D 36 24.51 5.89 13.27
C VAL D 36 25.65 4.96 12.87
N VAL D 37 26.87 5.47 12.85
CA VAL D 37 28.06 4.74 12.38
C VAL D 37 28.49 3.62 13.36
N ASN D 38 28.58 3.97 14.65
CA ASN D 38 28.87 3.04 15.74
C ASN D 38 27.78 2.00 15.95
N GLY D 39 26.53 2.38 15.64
CA GLY D 39 25.36 1.51 15.78
C GLY D 39 25.44 0.50 14.67
N LYS D 40 25.74 0.94 13.44
CA LYS D 40 26.02 0.03 12.32
C LYS D 40 27.16 -0.98 12.62
N GLN D 41 28.27 -0.44 13.16
CA GLN D 41 29.37 -1.24 13.65
C GLN D 41 28.87 -2.36 14.59
N ALA D 42 28.12 -2.04 15.63
CA ALA D 42 27.55 -3.08 16.55
C ALA D 42 26.58 -4.06 15.81
N HIS D 43 25.76 -3.52 14.93
CA HIS D 43 24.78 -4.33 14.16
C HIS D 43 25.47 -5.34 13.25
N TRP D 44 26.63 -4.96 12.71
CA TRP D 44 27.43 -5.91 11.86
C TRP D 44 28.08 -7.04 12.67
N ASN D 45 28.64 -6.65 13.81
CA ASN D 45 29.60 -7.48 14.57
C ASN D 45 29.02 -8.29 15.72
N VAL D 46 27.71 -8.08 15.99
CA VAL D 46 27.04 -8.72 17.13
C VAL D 46 26.96 -10.22 16.95
N ARG D 47 27.17 -10.95 18.06
CA ARG D 47 27.10 -12.44 18.07
C ARG D 47 26.35 -12.97 19.29
N GLY D 48 26.11 -14.27 19.29
CA GLY D 48 25.49 -14.93 20.42
C GLY D 48 23.99 -15.18 20.31
N SER D 49 23.41 -15.65 21.41
CA SER D 49 22.14 -16.38 21.37
C SER D 49 20.92 -15.47 21.07
N ASN D 50 21.11 -14.16 21.22
CA ASN D 50 20.08 -13.25 20.90
C ASN D 50 20.38 -12.48 19.58
N PHE D 51 21.13 -13.10 18.67
CA PHE D 51 21.60 -12.40 17.51
C PHE D 51 20.54 -11.67 16.72
N ILE D 52 19.51 -12.39 16.26
CA ILE D 52 18.64 -11.78 15.31
C ILE D 52 17.83 -10.63 15.91
N ALA D 53 17.36 -10.83 17.16
CA ALA D 53 16.57 -9.79 17.79
C ALA D 53 17.43 -8.54 18.05
N ILE D 54 18.69 -8.72 18.52
CA ILE D 54 19.55 -7.56 18.77
C ILE D 54 20.05 -6.94 17.49
N HIS D 55 20.33 -7.78 16.50
CA HIS D 55 20.69 -7.29 15.18
C HIS D 55 19.67 -6.32 14.62
N GLU D 56 18.41 -6.69 14.73
CA GLU D 56 17.32 -5.92 14.25
C GLU D 56 17.03 -4.70 15.11
N LEU D 57 17.05 -4.90 16.42
CA LEU D 57 16.96 -3.74 17.30
C LEU D 57 18.03 -2.68 17.04
N LEU D 58 19.28 -3.09 16.82
CA LEU D 58 20.36 -2.10 16.56
C LEU D 58 20.07 -1.33 15.27
N ASP D 59 19.51 -1.99 14.27
CA ASP D 59 19.15 -1.30 13.02
C ASP D 59 18.04 -0.24 13.23
N SER D 60 17.06 -0.57 14.04
CA SER D 60 16.04 0.40 14.35
C SER D 60 16.59 1.62 15.20
N VAL D 61 17.52 1.36 16.10
CA VAL D 61 18.15 2.44 16.81
C VAL D 61 18.94 3.38 15.88
N VAL D 62 19.64 2.78 14.92
CA VAL D 62 20.36 3.48 13.89
C VAL D 62 19.43 4.34 13.04
N ALA D 63 18.30 3.77 12.63
CA ALA D 63 17.32 4.50 11.83
C ALA D 63 16.78 5.72 12.64
N HIS D 64 16.50 5.56 13.94
CA HIS D 64 16.07 6.67 14.76
C HIS D 64 17.18 7.72 14.89
N ALA D 65 18.40 7.28 15.20
CA ALA D 65 19.56 8.17 15.31
C ALA D 65 19.79 9.04 14.05
N GLN D 66 19.59 8.48 12.87
CA GLN D 66 19.79 9.20 11.62
C GLN D 66 18.71 10.26 11.47
N ASP D 67 17.49 9.95 11.81
CA ASP D 67 16.38 10.92 11.77
C ASP D 67 16.56 12.05 12.80
N TYR D 68 17.05 11.69 13.97
CA TYR D 68 17.29 12.67 15.02
C TYR D 68 18.42 13.64 14.65
N ALA D 69 19.51 13.14 14.08
CA ALA D 69 20.58 13.99 13.55
C ALA D 69 20.01 14.97 12.51
N ASP D 70 19.18 14.48 11.60
CA ASP D 70 18.63 15.28 10.50
CA ASP D 70 18.62 15.27 10.52
C ASP D 70 17.76 16.38 11.09
N THR D 71 16.82 16.01 11.98
CA THR D 71 15.95 16.99 12.66
C THR D 71 16.76 18.05 13.43
N ALA D 72 17.71 17.66 14.26
CA ALA D 72 18.54 18.65 14.95
C ALA D 72 19.29 19.56 13.96
N ALA D 73 19.97 18.95 12.98
CA ALA D 73 20.75 19.69 12.03
C ALA D 73 19.87 20.64 11.23
N GLU D 74 18.75 20.16 10.74
CA GLU D 74 17.90 21.08 9.92
C GLU D 74 17.29 22.15 10.77
N ARG D 75 17.24 21.97 12.07
CA ARG D 75 16.68 23.05 12.90
C ARG D 75 17.67 24.19 12.92
N ILE D 76 18.94 23.83 13.09
CA ILE D 76 20.06 24.78 13.14
C ILE D 76 20.15 25.56 11.81
N VAL D 77 20.11 24.83 10.71
CA VAL D 77 20.20 25.44 9.40
C VAL D 77 18.96 26.33 9.09
N ALA D 78 17.77 25.89 9.44
CA ALA D 78 16.54 26.71 9.28
C ALA D 78 16.65 28.03 9.97
N LEU D 79 17.39 28.04 11.08
CA LEU D 79 17.69 29.26 11.83
C LEU D 79 18.76 30.15 11.18
N GLY D 80 19.41 29.67 10.13
CA GLY D 80 20.31 30.51 9.35
C GLY D 80 21.79 30.24 9.62
N LEU D 81 22.12 29.24 10.45
CA LEU D 81 23.51 28.92 10.75
C LEU D 81 24.07 27.62 10.11
N PRO D 82 25.37 27.61 9.68
CA PRO D 82 25.90 26.36 9.09
C PRO D 82 26.04 25.28 10.16
N ILE D 83 26.21 24.04 9.76
CA ILE D 83 26.53 22.97 10.72
C ILE D 83 27.79 22.28 10.13
N ASP D 84 28.81 22.08 10.93
CA ASP D 84 29.94 21.26 10.51
C ASP D 84 29.81 19.84 11.05
N SER D 85 29.23 18.89 10.28
CA SER D 85 29.27 17.52 10.70
CA SER D 85 29.23 17.49 10.70
C SER D 85 30.03 16.60 9.71
N ARG D 86 31.12 17.12 9.13
CA ARG D 86 32.07 16.30 8.38
C ARG D 86 32.59 15.17 9.28
N VAL D 87 32.98 14.05 8.66
CA VAL D 87 33.53 12.95 9.41
C VAL D 87 34.60 13.37 10.37
N SER D 88 35.58 14.12 9.90
CA SER D 88 36.73 14.53 10.73
C SER D 88 36.30 15.34 11.99
N THR D 89 35.36 16.26 11.86
CA THR D 89 34.86 17.04 12.94
C THR D 89 34.08 16.13 13.92
N MET D 90 33.18 15.32 13.37
CA MET D 90 32.42 14.36 14.17
C MET D 90 33.33 13.43 14.97
N ALA D 91 34.44 12.96 14.34
CA ALA D 91 35.33 12.05 14.98
C ALA D 91 36.08 12.72 16.15
N GLU D 92 36.48 13.99 15.93
CA GLU D 92 37.04 14.88 16.94
C GLU D 92 36.15 15.10 18.16
N LYS D 93 34.85 15.26 17.91
CA LYS D 93 33.90 15.69 18.95
C LYS D 93 33.29 14.54 19.72
N THR D 94 33.66 13.31 19.37
CA THR D 94 32.89 12.12 19.74
C THR D 94 33.83 10.90 20.06
N SER D 95 33.33 9.91 20.81
CA SER D 95 34.07 8.66 21.06
C SER D 95 33.08 7.54 21.34
N THR D 96 33.54 6.31 21.21
CA THR D 96 32.64 5.21 21.34
C THR D 96 33.32 4.09 22.14
N ALA D 97 32.51 3.27 22.76
CA ALA D 97 32.98 2.13 23.53
C ALA D 97 32.64 0.84 22.72
N VAL D 98 31.91 0.98 21.60
CA VAL D 98 31.66 -0.15 20.76
C VAL D 98 32.96 -0.87 20.35
N PRO D 99 33.02 -2.19 20.54
CA PRO D 99 34.34 -2.86 20.23
C PRO D 99 34.75 -2.82 18.72
N ALA D 100 36.06 -3.03 18.45
CA ALA D 100 36.59 -2.99 17.07
C ALA D 100 36.02 -4.16 16.19
N GLY D 101 35.61 -5.24 16.84
CA GLY D 101 35.39 -6.51 16.17
C GLY D 101 34.15 -7.23 16.69
N PHE D 102 34.21 -8.56 16.63
CA PHE D 102 33.08 -9.38 17.08
C PHE D 102 32.92 -9.22 18.54
N ALA D 103 31.69 -9.21 19.02
CA ALA D 103 31.41 -9.17 20.44
C ALA D 103 30.01 -9.73 20.68
N GLN D 104 29.85 -10.36 21.84
CA GLN D 104 28.57 -10.80 22.38
C GLN D 104 27.52 -9.70 22.52
N TRP D 105 26.28 -10.10 22.29
CA TRP D 105 25.21 -9.10 22.27
C TRP D 105 25.11 -8.33 23.60
N GLN D 106 25.44 -8.96 24.74
CA GLN D 106 25.46 -8.24 26.01
C GLN D 106 26.44 -7.07 25.98
N ASP D 107 27.62 -7.28 25.42
CA ASP D 107 28.63 -6.22 25.41
C ASP D 107 28.24 -5.10 24.44
N GLU D 108 27.67 -5.45 23.28
CA GLU D 108 27.23 -4.46 22.30
C GLU D 108 26.14 -3.58 22.91
N ILE D 109 25.21 -4.18 23.64
CA ILE D 109 24.17 -3.42 24.34
C ILE D 109 24.80 -2.46 25.34
N LYS D 110 25.71 -2.97 26.15
CA LYS D 110 26.38 -2.07 27.14
C LYS D 110 27.11 -0.92 26.45
N ALA D 111 27.85 -1.20 25.36
CA ALA D 111 28.61 -0.14 24.66
C ALA D 111 27.65 0.93 24.06
N ILE D 112 26.55 0.47 23.49
CA ILE D 112 25.58 1.36 22.80
C ILE D 112 24.86 2.21 23.86
N VAL D 113 24.46 1.59 24.98
CA VAL D 113 23.77 2.31 26.02
C VAL D 113 24.70 3.40 26.62
N SER D 114 25.97 3.10 26.65
CA SER D 114 26.90 4.08 27.12
C SER D 114 27.00 5.31 26.14
N ASP D 115 26.97 5.08 24.81
CA ASP D 115 26.97 6.14 23.80
C ASP D 115 25.63 6.96 23.97
N ILE D 116 24.49 6.24 24.13
CA ILE D 116 23.22 6.87 24.40
C ILE D 116 23.23 7.74 25.68
N ASP D 117 23.83 7.27 26.78
CA ASP D 117 23.85 8.07 28.01
C ASP D 117 24.60 9.39 27.77
N ALA D 118 25.70 9.33 27.00
CA ALA D 118 26.44 10.58 26.68
C ALA D 118 25.56 11.53 25.82
N ALA D 119 24.72 10.97 24.95
CA ALA D 119 23.86 11.82 24.16
C ALA D 119 22.74 12.42 25.05
N LEU D 120 22.25 11.62 26.01
CA LEU D 120 21.22 12.08 26.92
C LEU D 120 21.66 13.26 27.79
N VAL D 121 22.94 13.27 28.16
CA VAL D 121 23.54 14.40 28.81
C VAL D 121 23.47 15.68 27.95
N ASP D 122 23.88 15.60 26.68
CA ASP D 122 23.71 16.78 25.82
C ASP D 122 22.27 17.14 25.54
N LEU D 123 21.40 16.13 25.46
CA LEU D 123 19.96 16.39 25.26
C LEU D 123 19.41 17.12 26.47
N GLN D 124 19.80 16.72 27.70
CA GLN D 124 19.31 17.43 28.89
C GLN D 124 19.83 18.89 28.95
N ALA D 125 21.11 19.11 28.65
CA ALA D 125 21.66 20.48 28.59
C ALA D 125 20.94 21.33 27.56
N ALA D 126 20.56 20.72 26.44
CA ALA D 126 19.80 21.47 25.42
C ALA D 126 18.46 21.87 25.94
N ILE D 127 17.77 20.94 26.57
CA ILE D 127 16.44 21.21 27.13
C ILE D 127 16.53 22.34 28.17
N ASP D 128 17.46 22.24 29.10
CA ASP D 128 17.62 23.29 30.13
C ASP D 128 18.09 24.62 29.51
N GLY D 129 18.97 24.55 28.51
CA GLY D 129 19.63 25.72 27.97
C GLY D 129 18.75 26.49 27.02
N LEU D 130 17.87 25.79 26.31
CA LEU D 130 16.95 26.41 25.40
C LEU D 130 15.67 26.94 26.06
N ASP D 131 15.51 26.61 27.33
CA ASP D 131 14.27 26.91 28.05
C ASP D 131 13.93 28.41 28.10
N GLU D 132 14.91 29.25 28.35
CA GLU D 132 14.64 30.70 28.32
C GLU D 132 14.97 31.39 27.00
N VAL D 133 15.25 30.64 25.91
CA VAL D 133 15.78 31.29 24.73
C VAL D 133 14.94 31.04 23.49
N ASP D 134 14.51 29.78 23.32
CA ASP D 134 13.85 29.34 22.09
C ASP D 134 13.11 28.04 22.36
N LEU D 135 11.83 28.16 22.60
CA LEU D 135 10.96 27.01 22.93
C LEU D 135 10.76 26.10 21.70
N THR D 136 10.93 26.65 20.50
CA THR D 136 10.81 25.81 19.27
C THR D 136 11.94 24.82 19.13
N SER D 137 13.18 25.27 19.32
CA SER D 137 14.35 24.38 19.36
C SER D 137 14.30 23.48 20.61
N GLN D 138 13.84 23.99 21.76
CA GLN D 138 13.66 23.12 22.91
C GLN D 138 12.79 21.89 22.55
N ASP D 139 11.75 22.15 21.76
CA ASP D 139 10.79 21.09 21.44
C ASP D 139 11.45 19.99 20.60
N VAL D 140 12.41 20.38 19.74
CA VAL D 140 13.16 19.41 18.96
C VAL D 140 13.99 18.54 19.94
N ALA D 141 14.72 19.17 20.89
CA ALA D 141 15.47 18.43 21.87
C ALA D 141 14.59 17.46 22.72
N ILE D 142 13.36 17.85 23.03
CA ILE D 142 12.47 17.01 23.88
C ILE D 142 11.96 15.84 23.02
N GLU D 143 11.55 16.09 21.79
CA GLU D 143 11.16 15.01 20.90
C GLU D 143 12.30 13.95 20.71
N ILE D 144 13.54 14.40 20.48
CA ILE D 144 14.66 13.47 20.33
C ILE D 144 14.87 12.71 21.66
N LYS D 145 14.83 13.41 22.77
CA LYS D 145 15.11 12.78 24.05
C LYS D 145 14.02 11.70 24.36
N ARG D 146 12.78 11.98 24.06
CA ARG D 146 11.72 11.00 24.25
C ARG D 146 12.02 9.72 23.46
N GLY D 147 12.47 9.84 22.20
CA GLY D 147 12.77 8.61 21.42
C GLY D 147 14.01 7.91 21.97
N VAL D 148 15.06 8.69 22.32
CA VAL D 148 16.34 8.15 22.83
C VAL D 148 16.11 7.40 24.16
N ASP D 149 15.24 7.95 25.03
CA ASP D 149 14.91 7.34 26.34
C ASP D 149 14.24 5.96 26.10
N LYS D 150 13.33 5.87 25.13
CA LYS D 150 12.66 4.60 24.81
C LYS D 150 13.66 3.59 24.24
N ASP D 151 14.48 4.00 23.28
CA ASP D 151 15.53 3.08 22.72
C ASP D 151 16.44 2.53 23.81
N ARG D 152 16.93 3.41 24.69
CA ARG D 152 17.71 3.01 25.81
C ARG D 152 17.00 1.90 26.67
N TRP D 153 15.68 2.07 26.93
CA TRP D 153 14.94 1.08 27.69
C TRP D 153 14.90 -0.25 26.90
N PHE D 154 14.60 -0.20 25.61
CA PHE D 154 14.52 -1.45 24.84
C PHE D 154 15.86 -2.18 24.87
N LEU D 155 16.97 -1.45 24.78
CA LEU D 155 18.29 -2.09 24.95
C LEU D 155 18.51 -2.65 26.35
N LEU D 156 18.46 -1.77 27.35
CA LEU D 156 18.76 -2.14 28.73
C LEU D 156 17.84 -3.21 29.38
N ALA D 157 16.54 -3.21 29.03
CA ALA D 157 15.60 -4.19 29.56
C ALA D 157 16.19 -5.60 29.38
N HIS D 158 17.00 -5.81 28.34
CA HIS D 158 17.62 -7.16 28.10
C HIS D 158 18.61 -7.60 29.22
N LEU D 159 19.22 -6.64 29.93
CA LEU D 159 20.23 -7.00 30.93
C LEU D 159 19.66 -7.01 32.34
N ALA D 160 18.40 -6.61 32.49
CA ALA D 160 17.73 -6.47 33.80
C ALA D 160 17.79 -7.76 34.58
N GLU D 161 17.54 -8.87 33.91
CA GLU D 161 18.21 -10.09 34.39
C GLU D 161 18.21 -11.27 33.36
N ALA E 10 3.21 -34.47 27.38
CA ALA E 10 1.99 -34.03 28.13
C ALA E 10 2.32 -32.96 29.20
N LEU E 11 2.24 -31.66 28.87
CA LEU E 11 1.84 -31.07 27.55
C LEU E 11 0.48 -31.53 26.96
N THR E 12 -0.57 -31.38 27.79
CA THR E 12 -1.92 -31.95 27.62
C THR E 12 -2.77 -31.57 28.87
N ALA E 13 -4.01 -31.04 28.74
CA ALA E 13 -4.96 -31.19 27.61
C ALA E 13 -5.63 -32.57 27.77
N ASP E 14 -6.14 -33.17 26.67
CA ASP E 14 -6.37 -34.62 26.68
C ASP E 14 -5.35 -35.33 25.78
N PRO E 15 -4.76 -36.47 26.28
CA PRO E 15 -3.78 -37.18 25.44
C PRO E 15 -4.49 -37.62 24.18
N GLU E 16 -5.71 -38.17 24.36
CA GLU E 16 -6.63 -38.62 23.30
C GLU E 16 -6.93 -37.60 22.19
N VAL E 17 -7.43 -36.43 22.57
CA VAL E 17 -7.64 -35.33 21.64
C VAL E 17 -6.39 -35.04 20.84
N ALA E 18 -5.28 -34.71 21.50
CA ALA E 18 -4.03 -34.52 20.76
C ALA E 18 -3.81 -35.66 19.76
N ALA E 19 -3.88 -36.92 20.23
CA ALA E 19 -3.57 -38.09 19.37
C ALA E 19 -4.45 -38.16 18.12
N ALA E 20 -5.75 -37.90 18.28
CA ALA E 20 -6.74 -37.82 17.18
C ALA E 20 -6.35 -36.84 16.09
N ALA E 21 -5.93 -35.66 16.52
CA ALA E 21 -5.44 -34.64 15.62
C ALA E 21 -4.16 -35.06 14.91
N ALA E 22 -3.24 -35.72 15.60
CA ALA E 22 -2.06 -36.11 14.88
C ALA E 22 -2.52 -37.17 13.88
N GLN E 23 -3.29 -38.13 14.37
CA GLN E 23 -3.73 -39.25 13.52
C GLN E 23 -4.45 -38.75 12.25
N PHE E 24 -5.39 -37.81 12.38
CA PHE E 24 -6.13 -37.43 11.18
C PHE E 24 -5.50 -36.32 10.39
N LEU E 25 -4.73 -35.44 11.01
CA LEU E 25 -4.17 -34.31 10.27
C LEU E 25 -2.78 -34.54 9.64
N THR E 26 -2.05 -35.54 10.15
CA THR E 26 -0.72 -35.88 9.63
C THR E 26 -0.75 -36.25 8.15
N PRO E 27 -1.70 -37.12 7.70
CA PRO E 27 -1.74 -37.36 6.25
C PRO E 27 -1.97 -36.08 5.45
N VAL E 28 -2.69 -35.12 6.05
CA VAL E 28 -3.06 -33.93 5.38
C VAL E 28 -1.81 -33.06 5.23
N VAL E 29 -0.99 -32.99 6.28
CA VAL E 29 0.30 -32.27 6.14
C VAL E 29 1.19 -32.86 5.01
N HIS E 30 1.35 -34.19 4.98
CA HIS E 30 2.18 -34.81 3.96
C HIS E 30 1.66 -34.54 2.53
N LYS E 31 0.34 -34.66 2.32
CA LYS E 31 -0.20 -34.58 0.96
C LYS E 31 -0.16 -33.13 0.51
N MET E 32 -0.38 -32.19 1.43
CA MET E 32 -0.30 -30.77 1.07
C MET E 32 1.12 -30.38 0.83
N GLN E 33 2.06 -30.82 1.67
CA GLN E 33 3.43 -30.41 1.48
C GLN E 33 4.00 -31.07 0.19
N ALA E 34 3.56 -32.28 -0.16
CA ALA E 34 4.04 -32.92 -1.41
C ALA E 34 3.42 -32.17 -2.62
N LEU E 35 2.21 -31.69 -2.49
CA LEU E 35 1.60 -30.94 -3.53
C LEU E 35 2.36 -29.60 -3.83
N VAL E 36 2.92 -28.97 -2.80
CA VAL E 36 3.86 -27.85 -3.03
C VAL E 36 4.92 -28.28 -4.01
N VAL E 37 5.55 -29.40 -3.71
CA VAL E 37 6.73 -29.80 -4.43
C VAL E 37 6.35 -30.29 -5.82
N ASN E 38 5.37 -31.19 -5.91
CA ASN E 38 4.95 -31.68 -7.22
C ASN E 38 4.17 -30.62 -8.07
N GLY E 39 3.59 -29.65 -7.39
CA GLY E 39 2.93 -28.56 -8.09
C GLY E 39 3.95 -27.63 -8.73
N LYS E 40 5.02 -27.36 -8.03
CA LYS E 40 6.14 -26.61 -8.59
C LYS E 40 6.73 -27.32 -9.83
N GLN E 41 6.96 -28.61 -9.68
CA GLN E 41 7.30 -29.46 -10.82
C GLN E 41 6.40 -29.17 -12.02
N ALA E 42 5.11 -29.31 -11.84
CA ALA E 42 4.16 -29.11 -12.96
C ALA E 42 4.24 -27.66 -13.51
N HIS E 43 4.33 -26.71 -12.61
CA HIS E 43 4.49 -25.29 -12.90
C HIS E 43 5.75 -25.03 -13.81
N TRP E 44 6.88 -25.71 -13.55
CA TRP E 44 8.12 -25.46 -14.31
C TRP E 44 8.06 -26.08 -15.73
N ASN E 45 7.46 -27.27 -15.78
CA ASN E 45 7.51 -28.18 -16.92
C ASN E 45 6.30 -28.13 -17.82
N VAL E 46 5.28 -27.36 -17.44
CA VAL E 46 4.06 -27.31 -18.26
C VAL E 46 4.29 -26.65 -19.64
N ARG E 47 3.62 -27.16 -20.67
CA ARG E 47 3.71 -26.60 -22.06
C ARG E 47 2.35 -26.49 -22.75
N GLY E 48 2.31 -25.75 -23.86
CA GLY E 48 1.15 -25.81 -24.72
C GLY E 48 0.32 -24.56 -24.67
N SER E 49 -0.79 -24.64 -25.37
CA SER E 49 -1.45 -23.44 -25.84
C SER E 49 -2.01 -22.57 -24.67
N ASN E 50 -2.18 -23.22 -23.52
CA ASN E 50 -2.64 -22.52 -22.36
C ASN E 50 -1.54 -22.24 -21.33
N PHE E 51 -0.26 -22.27 -21.74
CA PHE E 51 0.85 -22.17 -20.84
C PHE E 51 0.69 -21.08 -19.76
N ILE E 52 0.47 -19.81 -20.13
CA ILE E 52 0.62 -18.75 -19.08
C ILE E 52 -0.43 -18.87 -17.98
N ALA E 53 -1.66 -19.14 -18.41
CA ALA E 53 -2.77 -19.17 -17.49
C ALA E 53 -2.58 -20.37 -16.53
N ILE E 54 -2.12 -21.51 -17.07
CA ILE E 54 -1.94 -22.74 -16.28
C ILE E 54 -0.68 -22.65 -15.40
N HIS E 55 0.37 -22.04 -15.93
CA HIS E 55 1.58 -21.82 -15.18
C HIS E 55 1.20 -20.96 -13.93
N GLU E 56 0.41 -19.92 -14.12
CA GLU E 56 0.00 -19.05 -12.99
C GLU E 56 -0.94 -19.79 -12.05
N LEU E 57 -1.91 -20.50 -12.61
CA LEU E 57 -2.82 -21.25 -11.80
C LEU E 57 -2.12 -22.24 -10.88
N LEU E 58 -1.11 -22.96 -11.39
CA LEU E 58 -0.43 -23.92 -10.59
C LEU E 58 0.30 -23.24 -9.47
N ASP E 59 0.80 -22.01 -9.72
CA ASP E 59 1.57 -21.35 -8.64
C ASP E 59 0.64 -21.02 -7.48
N SER E 60 -0.60 -20.71 -7.80
CA SER E 60 -1.55 -20.34 -6.77
C SER E 60 -2.07 -21.59 -6.01
N VAL E 61 -2.31 -22.70 -6.70
CA VAL E 61 -2.52 -23.94 -6.01
C VAL E 61 -1.36 -24.29 -5.05
N VAL E 62 -0.10 -24.04 -5.48
CA VAL E 62 1.07 -24.35 -4.65
C VAL E 62 1.11 -23.45 -3.39
N ALA E 63 0.86 -22.15 -3.57
CA ALA E 63 0.77 -21.19 -2.46
C ALA E 63 -0.35 -21.58 -1.49
N HIS E 64 -1.51 -22.02 -1.97
CA HIS E 64 -2.52 -22.56 -1.08
C HIS E 64 -2.08 -23.82 -0.37
N ALA E 65 -1.46 -24.79 -1.07
CA ALA E 65 -1.10 -26.04 -0.47
C ALA E 65 -0.08 -25.82 0.66
N GLN E 66 0.85 -24.87 0.45
CA GLN E 66 1.83 -24.50 1.48
C GLN E 66 1.13 -23.99 2.76
N ASP E 67 0.21 -23.04 2.59
CA ASP E 67 -0.62 -22.50 3.67
C ASP E 67 -1.42 -23.60 4.40
N TYR E 68 -2.09 -24.49 3.66
CA TYR E 68 -2.80 -25.61 4.27
C TYR E 68 -1.92 -26.56 5.05
N ALA E 69 -0.77 -26.93 4.48
CA ALA E 69 0.24 -27.68 5.21
C ALA E 69 0.64 -26.99 6.53
N ASP E 70 0.95 -25.68 6.50
CA ASP E 70 1.25 -24.98 7.72
C ASP E 70 0.14 -24.99 8.73
N THR E 71 -1.07 -24.67 8.29
CA THR E 71 -2.18 -24.62 9.21
C THR E 71 -2.40 -26.01 9.90
N ALA E 72 -2.36 -27.08 9.12
CA ALA E 72 -2.61 -28.40 9.69
C ALA E 72 -1.46 -28.82 10.65
N ALA E 73 -0.21 -28.63 10.21
CA ALA E 73 0.95 -28.97 11.06
C ALA E 73 0.92 -28.24 12.38
N GLU E 74 0.56 -26.96 12.30
CA GLU E 74 0.68 -26.15 13.52
C GLU E 74 -0.46 -26.40 14.43
N ARG E 75 -1.61 -26.79 13.90
CA ARG E 75 -2.67 -27.35 14.74
C ARG E 75 -2.16 -28.57 15.51
N ILE E 76 -1.46 -29.48 14.86
CA ILE E 76 -0.97 -30.63 15.57
C ILE E 76 0.05 -30.21 16.64
N VAL E 77 0.96 -29.31 16.30
CA VAL E 77 2.02 -28.91 17.28
C VAL E 77 1.43 -28.11 18.45
N ALA E 78 0.47 -27.22 18.17
CA ALA E 78 -0.23 -26.47 19.23
C ALA E 78 -0.84 -27.39 20.27
N LEU E 79 -1.34 -28.52 19.81
CA LEU E 79 -1.90 -29.53 20.75
C LEU E 79 -0.82 -30.33 21.46
N GLY E 80 0.44 -30.06 21.13
CA GLY E 80 1.56 -30.61 21.92
C GLY E 80 2.26 -31.84 21.40
N LEU E 81 1.90 -32.24 20.18
CA LEU E 81 2.50 -33.38 19.51
C LEU E 81 3.42 -32.96 18.33
N PRO E 82 4.56 -33.64 18.17
CA PRO E 82 5.46 -33.39 17.02
C PRO E 82 4.88 -33.87 15.70
N ILE E 83 5.43 -33.37 14.61
CA ILE E 83 5.01 -33.76 13.27
C ILE E 83 6.30 -34.13 12.57
N ASP E 84 6.31 -35.29 11.88
CA ASP E 84 7.49 -35.66 11.08
C ASP E 84 7.19 -35.45 9.59
N SER E 85 7.56 -34.28 9.08
CA SER E 85 7.36 -34.00 7.67
C SER E 85 8.68 -33.78 6.97
N ARG E 86 9.75 -34.43 7.45
CA ARG E 86 11.03 -34.53 6.70
C ARG E 86 10.77 -35.02 5.30
N VAL E 87 11.62 -34.58 4.36
CA VAL E 87 11.49 -34.96 2.94
C VAL E 87 11.40 -36.49 2.85
N SER E 88 12.28 -37.19 3.57
CA SER E 88 12.36 -38.66 3.46
C SER E 88 11.03 -39.26 3.95
N THR E 89 10.48 -38.75 5.04
CA THR E 89 9.18 -39.23 5.49
C THR E 89 8.08 -38.89 4.53
N MET E 90 8.09 -37.66 4.02
CA MET E 90 7.05 -37.24 3.08
C MET E 90 7.08 -38.12 1.82
N ALA E 91 8.28 -38.42 1.34
CA ALA E 91 8.41 -39.28 0.18
C ALA E 91 7.91 -40.72 0.45
N GLU E 92 8.15 -41.31 1.63
CA GLU E 92 7.59 -42.68 1.93
C GLU E 92 6.03 -42.70 1.98
N LYS E 93 5.41 -41.62 2.40
CA LYS E 93 3.99 -41.57 2.67
C LYS E 93 3.15 -41.00 1.52
N THR E 94 3.78 -40.53 0.43
CA THR E 94 3.06 -39.94 -0.71
C THR E 94 3.55 -40.41 -2.13
N SER E 95 2.76 -40.19 -3.17
CA SER E 95 3.18 -40.50 -4.58
C SER E 95 2.44 -39.57 -5.55
N THR E 96 2.97 -39.37 -6.73
CA THR E 96 2.46 -38.32 -7.62
C THR E 96 2.36 -38.93 -9.02
N ALA E 97 1.27 -38.58 -9.73
CA ALA E 97 1.12 -38.81 -11.18
C ALA E 97 1.82 -37.66 -12.02
N VAL E 98 2.38 -36.61 -11.36
CA VAL E 98 2.98 -35.52 -12.14
C VAL E 98 4.16 -36.10 -12.97
N PRO E 99 4.17 -35.89 -14.31
CA PRO E 99 5.32 -36.39 -15.14
C PRO E 99 6.69 -35.85 -14.74
N ALA E 100 7.70 -36.64 -15.06
CA ALA E 100 9.09 -36.31 -14.73
C ALA E 100 9.64 -35.11 -15.54
N GLY E 101 9.06 -34.83 -16.70
CA GLY E 101 9.65 -33.83 -17.58
C GLY E 101 8.59 -32.94 -18.16
N PHE E 102 8.80 -32.43 -19.40
CA PHE E 102 7.85 -31.53 -20.10
C PHE E 102 6.53 -32.22 -20.32
N ALA E 103 5.39 -31.56 -20.09
CA ALA E 103 4.10 -32.17 -20.50
C ALA E 103 3.11 -31.09 -20.87
N GLN E 104 2.16 -31.48 -21.73
CA GLN E 104 1.07 -30.63 -22.15
C GLN E 104 0.26 -30.25 -20.94
N TRP E 105 -0.30 -29.05 -20.97
CA TRP E 105 -1.07 -28.59 -19.85
C TRP E 105 -2.25 -29.49 -19.43
N GLN E 106 -2.94 -30.10 -20.39
CA GLN E 106 -4.02 -31.06 -20.06
C GLN E 106 -3.55 -32.21 -19.16
N ASP E 107 -2.33 -32.70 -19.42
CA ASP E 107 -1.81 -33.80 -18.64
C ASP E 107 -1.34 -33.32 -17.29
N GLU E 108 -0.90 -32.04 -17.20
CA GLU E 108 -0.44 -31.63 -15.89
C GLU E 108 -1.68 -31.48 -15.01
N ILE E 109 -2.72 -30.90 -15.58
CA ILE E 109 -3.97 -30.74 -14.89
C ILE E 109 -4.47 -32.09 -14.37
N LYS E 110 -4.45 -33.16 -15.19
CA LYS E 110 -4.97 -34.45 -14.71
C LYS E 110 -4.14 -35.05 -13.58
N ALA E 111 -2.82 -34.87 -13.69
CA ALA E 111 -1.88 -35.36 -12.70
C ALA E 111 -2.15 -34.63 -11.40
N ILE E 112 -2.42 -33.34 -11.45
CA ILE E 112 -2.55 -32.53 -10.23
C ILE E 112 -3.88 -32.83 -9.54
N VAL E 113 -4.93 -32.98 -10.34
CA VAL E 113 -6.28 -33.27 -9.88
C VAL E 113 -6.31 -34.67 -9.21
N SER E 114 -5.56 -35.61 -9.76
CA SER E 114 -5.40 -36.92 -9.16
C SER E 114 -4.71 -36.81 -7.77
N ASP E 115 -3.66 -35.99 -7.64
CA ASP E 115 -3.00 -35.77 -6.32
C ASP E 115 -4.03 -35.07 -5.35
N ILE E 116 -4.73 -34.05 -5.82
CA ILE E 116 -5.82 -33.45 -5.09
C ILE E 116 -6.94 -34.42 -4.64
N ASP E 117 -7.41 -35.32 -5.50
CA ASP E 117 -8.47 -36.32 -5.11
C ASP E 117 -7.97 -37.24 -3.99
N ALA E 118 -6.70 -37.63 -4.08
CA ALA E 118 -6.12 -38.40 -2.98
C ALA E 118 -6.15 -37.63 -1.59
N ALA E 119 -5.80 -36.35 -1.61
CA ALA E 119 -5.86 -35.47 -0.45
C ALA E 119 -7.27 -35.24 0.10
N LEU E 120 -8.27 -35.25 -0.78
CA LEU E 120 -9.65 -35.04 -0.42
C LEU E 120 -10.19 -36.25 0.31
N VAL E 121 -9.74 -37.43 -0.11
CA VAL E 121 -9.99 -38.64 0.63
C VAL E 121 -9.53 -38.45 2.07
N ASP E 122 -8.29 -38.05 2.28
CA ASP E 122 -7.78 -37.84 3.67
C ASP E 122 -8.51 -36.70 4.42
N LEU E 123 -8.77 -35.57 3.74
CA LEU E 123 -9.53 -34.54 4.40
C LEU E 123 -10.91 -34.99 4.86
N GLN E 124 -11.61 -35.73 4.02
CA GLN E 124 -12.91 -36.22 4.43
C GLN E 124 -12.81 -37.20 5.60
N ALA E 125 -11.78 -38.08 5.65
CA ALA E 125 -11.68 -39.02 6.78
C ALA E 125 -11.38 -38.19 8.04
N ALA E 126 -10.63 -37.08 7.88
CA ALA E 126 -10.36 -36.24 9.02
C ALA E 126 -11.65 -35.56 9.51
N ILE E 127 -12.48 -35.06 8.59
CA ILE E 127 -13.70 -34.38 8.99
C ILE E 127 -14.65 -35.41 9.66
N ASP E 128 -14.65 -36.64 9.16
CA ASP E 128 -15.50 -37.68 9.78
C ASP E 128 -14.90 -38.12 11.13
N GLY E 129 -13.58 -38.36 11.19
CA GLY E 129 -12.95 -38.85 12.39
C GLY E 129 -12.89 -37.84 13.53
N LEU E 130 -12.89 -36.56 13.19
CA LEU E 130 -12.74 -35.55 14.23
C LEU E 130 -14.11 -35.09 14.79
N ASP E 131 -15.20 -35.47 14.12
CA ASP E 131 -16.56 -35.05 14.51
C ASP E 131 -16.94 -35.31 15.96
N GLU E 132 -16.41 -36.40 16.51
CA GLU E 132 -16.82 -36.81 17.84
C GLU E 132 -15.77 -36.40 18.85
N VAL E 133 -14.64 -35.94 18.39
CA VAL E 133 -13.45 -35.94 19.21
C VAL E 133 -12.96 -34.50 19.47
N ASP E 134 -12.90 -33.66 18.42
CA ASP E 134 -12.27 -32.34 18.49
C ASP E 134 -12.76 -31.43 17.36
N LEU E 135 -13.75 -30.63 17.68
CA LEU E 135 -14.37 -29.86 16.65
C LEU E 135 -13.52 -28.67 16.23
N THR E 136 -12.60 -28.22 17.10
CA THR E 136 -11.61 -27.20 16.70
C THR E 136 -10.68 -27.70 15.59
N SER E 137 -10.13 -28.90 15.78
CA SER E 137 -9.32 -29.48 14.70
C SER E 137 -10.18 -29.85 13.49
N GLN E 138 -11.44 -30.25 13.73
CA GLN E 138 -12.32 -30.58 12.61
C GLN E 138 -12.47 -29.37 11.68
N ASP E 139 -12.52 -28.18 12.27
CA ASP E 139 -12.73 -26.94 11.54
C ASP E 139 -11.50 -26.63 10.64
N VAL E 140 -10.27 -26.97 11.14
CA VAL E 140 -9.11 -26.93 10.30
C VAL E 140 -9.27 -27.74 9.03
N ALA E 141 -9.67 -29.00 9.15
CA ALA E 141 -9.87 -29.82 7.99
C ALA E 141 -10.99 -29.28 7.05
N ILE E 142 -12.06 -28.73 7.62
CA ILE E 142 -13.18 -28.23 6.81
C ILE E 142 -12.67 -26.98 6.01
N GLU E 143 -11.98 -26.06 6.68
CA GLU E 143 -11.40 -24.87 6.03
C GLU E 143 -10.47 -25.27 4.84
N ILE E 144 -9.58 -26.24 5.07
CA ILE E 144 -8.72 -26.76 4.01
C ILE E 144 -9.53 -27.37 2.88
N LYS E 145 -10.49 -28.21 3.21
CA LYS E 145 -11.28 -28.85 2.19
C LYS E 145 -12.06 -27.89 1.32
N ARG E 146 -12.67 -26.86 1.88
CA ARG E 146 -13.23 -25.78 1.04
C ARG E 146 -12.30 -25.21 0.02
N GLY E 147 -11.06 -24.88 0.42
CA GLY E 147 -10.05 -24.37 -0.50
C GLY E 147 -9.66 -25.36 -1.58
N VAL E 148 -9.45 -26.63 -1.17
CA VAL E 148 -8.93 -27.62 -2.07
C VAL E 148 -10.01 -27.95 -3.09
N ASP E 149 -11.27 -28.03 -2.65
CA ASP E 149 -12.43 -28.26 -3.53
C ASP E 149 -12.55 -27.16 -4.62
N LYS E 150 -12.35 -25.94 -4.23
CA LYS E 150 -12.33 -24.83 -5.19
C LYS E 150 -11.13 -24.93 -6.16
N ASP E 151 -9.95 -25.24 -5.63
CA ASP E 151 -8.77 -25.48 -6.51
C ASP E 151 -9.03 -26.60 -7.51
N ARG E 152 -9.60 -27.71 -7.07
CA ARG E 152 -9.95 -28.79 -7.97
C ARG E 152 -10.84 -28.36 -9.18
N TRP E 153 -11.95 -27.70 -8.87
CA TRP E 153 -12.83 -27.07 -9.85
C TRP E 153 -12.12 -26.11 -10.82
N PHE E 154 -11.31 -25.19 -10.31
CA PHE E 154 -10.58 -24.27 -11.21
C PHE E 154 -9.76 -25.07 -12.21
N LEU E 155 -9.19 -26.19 -11.81
CA LEU E 155 -8.38 -26.97 -12.75
C LEU E 155 -9.25 -27.80 -13.71
N LEU E 156 -10.13 -28.59 -13.13
CA LEU E 156 -10.90 -29.54 -13.86
C LEU E 156 -11.89 -28.91 -14.84
N ALA E 157 -12.30 -27.69 -14.55
CA ALA E 157 -13.13 -26.91 -15.45
C ALA E 157 -12.52 -26.75 -16.85
N HIS E 158 -11.19 -26.76 -16.92
CA HIS E 158 -10.49 -26.58 -18.20
C HIS E 158 -10.67 -27.80 -19.11
N LEU E 159 -10.86 -28.96 -18.55
CA LEU E 159 -11.03 -30.18 -19.35
C LEU E 159 -12.51 -30.51 -19.68
N ALA E 160 -13.46 -29.77 -19.12
CA ALA E 160 -14.89 -30.09 -19.33
C ALA E 160 -15.29 -29.99 -20.82
N GLU E 161 -14.68 -29.05 -21.54
CA GLU E 161 -14.64 -29.17 -23.01
C GLU E 161 -15.63 -30.23 -23.57
N ALA F 10 18.06 -25.54 -26.02
CA ALA F 10 17.39 -25.57 -27.36
C ALA F 10 17.92 -24.48 -28.33
N LEU F 11 17.00 -23.67 -28.87
CA LEU F 11 17.37 -22.55 -29.76
C LEU F 11 17.90 -23.08 -31.14
N THR F 12 18.54 -22.20 -31.93
CA THR F 12 19.28 -22.60 -33.15
C THR F 12 20.75 -22.95 -32.84
N ALA F 13 21.14 -22.79 -31.56
CA ALA F 13 22.54 -22.90 -31.15
C ALA F 13 22.79 -23.76 -29.87
N ASP F 14 23.72 -23.31 -29.01
CA ASP F 14 24.62 -24.22 -28.32
C ASP F 14 24.04 -25.21 -27.30
N PRO F 15 23.96 -26.51 -27.68
CA PRO F 15 23.56 -27.57 -26.79
C PRO F 15 24.42 -27.62 -25.57
N GLU F 16 25.68 -27.22 -25.65
CA GLU F 16 26.49 -27.20 -24.46
C GLU F 16 26.01 -26.20 -23.34
N VAL F 17 25.45 -25.08 -23.75
CA VAL F 17 24.91 -24.10 -22.80
C VAL F 17 23.74 -24.67 -21.96
N ALA F 18 22.72 -25.17 -22.63
CA ALA F 18 21.61 -25.82 -21.97
C ALA F 18 22.13 -26.98 -21.05
N ALA F 19 22.98 -27.85 -21.60
CA ALA F 19 23.43 -29.01 -20.83
C ALA F 19 24.23 -28.66 -19.55
N ALA F 20 25.10 -27.65 -19.64
CA ALA F 20 25.90 -27.22 -18.46
C ALA F 20 24.97 -26.63 -17.39
N ALA F 21 23.99 -25.87 -17.80
CA ALA F 21 23.06 -25.27 -16.84
C ALA F 21 22.32 -26.38 -16.12
N ALA F 22 21.86 -27.40 -16.90
CA ALA F 22 21.11 -28.47 -16.27
C ALA F 22 22.07 -29.23 -15.33
N GLN F 23 23.27 -29.50 -15.82
CA GLN F 23 24.24 -30.24 -15.06
C GLN F 23 24.56 -29.54 -13.70
N PHE F 24 24.72 -28.22 -13.71
CA PHE F 24 25.15 -27.58 -12.52
C PHE F 24 24.03 -26.98 -11.67
N LEU F 25 22.90 -26.62 -12.26
CA LEU F 25 21.87 -25.97 -11.47
C LEU F 25 20.85 -27.00 -10.95
N THR F 26 20.71 -28.16 -11.60
CA THR F 26 19.79 -29.21 -11.09
C THR F 26 20.03 -29.62 -9.63
N PRO F 27 21.30 -29.86 -9.22
CA PRO F 27 21.56 -30.15 -7.81
C PRO F 27 21.07 -28.97 -6.95
N VAL F 28 21.27 -27.72 -7.40
CA VAL F 28 20.83 -26.57 -6.65
C VAL F 28 19.30 -26.58 -6.48
N VAL F 29 18.52 -26.89 -7.52
CA VAL F 29 17.03 -27.00 -7.37
C VAL F 29 16.64 -28.03 -6.29
N HIS F 30 17.23 -29.25 -6.34
CA HIS F 30 16.91 -30.32 -5.40
C HIS F 30 17.15 -29.94 -3.95
N LYS F 31 18.28 -29.28 -3.69
CA LYS F 31 18.69 -28.91 -2.38
C LYS F 31 17.89 -27.74 -1.86
N MET F 32 17.57 -26.77 -2.73
CA MET F 32 16.78 -25.62 -2.25
C MET F 32 15.36 -26.07 -2.00
N GLN F 33 14.78 -26.85 -2.93
CA GLN F 33 13.42 -27.34 -2.73
C GLN F 33 13.38 -28.26 -1.50
N ALA F 34 14.42 -29.07 -1.27
CA ALA F 34 14.43 -29.91 -0.05
C ALA F 34 14.49 -29.00 1.21
N LEU F 35 15.15 -27.85 1.11
CA LEU F 35 15.38 -26.97 2.27
C LEU F 35 14.02 -26.27 2.64
N VAL F 36 13.14 -26.08 1.64
CA VAL F 36 11.79 -25.61 1.88
C VAL F 36 11.06 -26.59 2.84
N VAL F 37 11.10 -27.89 2.48
CA VAL F 37 10.43 -28.93 3.24
C VAL F 37 11.03 -29.18 4.61
N ASN F 38 12.35 -29.34 4.68
CA ASN F 38 12.99 -29.61 5.94
C ASN F 38 13.07 -28.32 6.82
N GLY F 39 13.05 -27.15 6.19
CA GLY F 39 13.05 -25.89 6.91
C GLY F 39 11.71 -25.74 7.57
N LYS F 40 10.64 -26.09 6.88
CA LYS F 40 9.30 -26.03 7.52
C LYS F 40 9.20 -27.02 8.73
N GLN F 41 9.75 -28.21 8.53
CA GLN F 41 9.87 -29.15 9.62
C GLN F 41 10.56 -28.50 10.83
N ALA F 42 11.76 -27.92 10.65
CA ALA F 42 12.46 -27.23 11.76
C ALA F 42 11.60 -26.11 12.37
N HIS F 43 10.92 -25.38 11.49
CA HIS F 43 9.99 -24.28 11.83
C HIS F 43 8.83 -24.72 12.72
N TRP F 44 8.18 -25.81 12.35
CA TRP F 44 7.08 -26.34 13.17
C TRP F 44 7.58 -26.95 14.49
N ASN F 45 8.73 -27.60 14.47
CA ASN F 45 9.14 -28.47 15.59
C ASN F 45 10.13 -27.83 16.56
N VAL F 46 10.56 -26.62 16.26
CA VAL F 46 11.55 -25.94 17.13
C VAL F 46 10.97 -25.50 18.52
N ARG F 47 11.82 -25.55 19.55
CA ARG F 47 11.41 -25.26 20.95
C ARG F 47 12.52 -24.56 21.68
N GLY F 48 12.24 -24.02 22.86
CA GLY F 48 13.27 -23.42 23.73
C GLY F 48 13.28 -21.90 23.73
N SER F 49 14.27 -21.32 24.39
CA SER F 49 14.20 -19.93 24.86
C SER F 49 14.07 -18.88 23.75
N ASN F 50 14.60 -19.20 22.57
CA ASN F 50 14.55 -18.40 21.41
C ASN F 50 13.41 -18.80 20.42
N PHE F 51 12.43 -19.57 20.88
CA PHE F 51 11.42 -20.01 19.95
C PHE F 51 11.00 -18.99 18.86
N ILE F 52 10.53 -17.83 19.26
CA ILE F 52 9.81 -17.02 18.29
C ILE F 52 10.77 -16.41 17.25
N ALA F 53 11.95 -15.95 17.69
CA ALA F 53 12.95 -15.40 16.78
C ALA F 53 13.40 -16.45 15.75
N ILE F 54 13.62 -17.69 16.22
CA ILE F 54 14.09 -18.76 15.33
C ILE F 54 12.98 -19.33 14.46
N HIS F 55 11.79 -19.46 15.00
CA HIS F 55 10.59 -19.85 14.23
C HIS F 55 10.42 -18.92 12.99
N GLU F 56 10.43 -17.62 13.26
CA GLU F 56 10.39 -16.58 12.22
C GLU F 56 11.58 -16.58 11.25
N LEU F 57 12.79 -16.69 11.78
CA LEU F 57 13.94 -16.71 10.92
C LEU F 57 13.89 -17.93 9.94
N LEU F 58 13.55 -19.12 10.45
CA LEU F 58 13.42 -20.29 9.61
C LEU F 58 12.34 -20.11 8.53
N ASP F 59 11.21 -19.47 8.84
CA ASP F 59 10.23 -19.15 7.78
C ASP F 59 10.81 -18.28 6.66
N SER F 60 11.65 -17.33 7.01
CA SER F 60 12.29 -16.47 6.03
C SER F 60 13.33 -17.28 5.19
N VAL F 61 14.10 -18.19 5.85
CA VAL F 61 15.00 -19.09 5.15
C VAL F 61 14.28 -19.98 4.14
N VAL F 62 13.06 -20.42 4.48
CA VAL F 62 12.25 -21.27 3.64
C VAL F 62 11.70 -20.47 2.42
N ALA F 63 11.22 -19.28 2.68
CA ALA F 63 10.77 -18.39 1.58
C ALA F 63 11.92 -18.13 0.60
N HIS F 64 13.15 -17.87 1.09
CA HIS F 64 14.28 -17.63 0.19
C HIS F 64 14.58 -18.90 -0.61
N ALA F 65 14.57 -20.04 0.06
CA ALA F 65 14.92 -21.29 -0.59
C ALA F 65 13.92 -21.56 -1.71
N GLN F 66 12.66 -21.28 -1.45
CA GLN F 66 11.63 -21.46 -2.45
C GLN F 66 11.87 -20.58 -3.68
N ASP F 67 12.23 -19.31 -3.47
CA ASP F 67 12.53 -18.38 -4.57
C ASP F 67 13.78 -18.83 -5.34
N TYR F 68 14.83 -19.23 -4.63
CA TYR F 68 16.04 -19.78 -5.28
C TYR F 68 15.76 -21.07 -6.10
N ALA F 69 14.94 -21.96 -5.58
CA ALA F 69 14.63 -23.18 -6.27
C ALA F 69 13.94 -22.80 -7.60
N ASP F 70 12.97 -21.91 -7.52
CA ASP F 70 12.28 -21.37 -8.70
C ASP F 70 13.21 -20.72 -9.71
N THR F 71 14.08 -19.84 -9.25
CA THR F 71 15.00 -19.13 -10.17
C THR F 71 15.96 -20.11 -10.87
N ALA F 72 16.54 -21.04 -10.14
CA ALA F 72 17.40 -21.97 -10.79
C ALA F 72 16.63 -22.89 -11.73
N ALA F 73 15.43 -23.34 -11.37
CA ALA F 73 14.65 -24.31 -12.26
C ALA F 73 14.23 -23.63 -13.53
N GLU F 74 13.80 -22.41 -13.38
CA GLU F 74 13.34 -21.67 -14.52
C GLU F 74 14.44 -21.30 -15.45
N ARG F 75 15.63 -21.13 -14.92
CA ARG F 75 16.74 -20.90 -15.82
C ARG F 75 16.95 -22.15 -16.71
N ILE F 76 16.90 -23.34 -16.11
CA ILE F 76 17.07 -24.57 -16.89
C ILE F 76 16.01 -24.74 -17.98
N VAL F 77 14.78 -24.51 -17.58
CA VAL F 77 13.67 -24.67 -18.53
C VAL F 77 13.69 -23.61 -19.61
N ALA F 78 14.06 -22.40 -19.25
CA ALA F 78 14.21 -21.35 -20.25
C ALA F 78 15.24 -21.72 -21.32
N LEU F 79 16.26 -22.46 -20.93
CA LEU F 79 17.27 -22.87 -21.90
C LEU F 79 16.80 -24.11 -22.64
N GLY F 80 15.61 -24.59 -22.35
CA GLY F 80 15.06 -25.60 -23.21
C GLY F 80 15.15 -27.04 -22.64
N LEU F 81 15.61 -27.26 -21.39
CA LEU F 81 15.66 -28.63 -20.85
C LEU F 81 14.66 -28.86 -19.67
N PRO F 82 14.12 -30.07 -19.51
CA PRO F 82 13.16 -30.26 -18.42
C PRO F 82 13.88 -30.50 -17.14
N ILE F 83 13.16 -30.54 -16.02
CA ILE F 83 13.77 -30.75 -14.69
C ILE F 83 12.86 -31.73 -13.97
N ASP F 84 13.44 -32.71 -13.30
CA ASP F 84 12.67 -33.64 -12.51
C ASP F 84 12.86 -33.27 -11.03
N SER F 85 11.98 -32.42 -10.47
CA SER F 85 11.98 -32.28 -9.02
C SER F 85 10.70 -32.81 -8.37
N ARG F 86 10.21 -33.95 -8.86
CA ARG F 86 9.18 -34.67 -8.15
C ARG F 86 9.69 -35.01 -6.74
N VAL F 87 8.76 -35.16 -5.82
CA VAL F 87 9.09 -35.49 -4.43
C VAL F 87 10.01 -36.73 -4.41
N SER F 88 9.60 -37.77 -5.14
CA SER F 88 10.36 -39.05 -5.17
C SER F 88 11.85 -38.80 -5.56
N THR F 89 12.07 -38.05 -6.64
CA THR F 89 13.40 -37.74 -7.12
C THR F 89 14.16 -36.87 -6.10
N MET F 90 13.50 -35.82 -5.61
CA MET F 90 14.16 -34.98 -4.64
C MET F 90 14.63 -35.79 -3.40
N ALA F 91 13.78 -36.70 -2.92
CA ALA F 91 14.14 -37.57 -1.81
C ALA F 91 15.39 -38.45 -2.09
N GLU F 92 15.47 -39.07 -3.27
CA GLU F 92 16.63 -39.88 -3.72
C GLU F 92 17.92 -39.08 -3.73
N LYS F 93 17.84 -37.79 -4.12
CA LYS F 93 19.03 -36.99 -4.35
C LYS F 93 19.45 -36.13 -3.14
N THR F 94 18.79 -36.29 -2.00
CA THR F 94 18.91 -35.29 -0.95
C THR F 94 18.88 -35.98 0.46
N SER F 95 19.55 -35.43 1.44
CA SER F 95 19.31 -35.89 2.81
C SER F 95 19.27 -34.70 3.76
N THR F 96 18.76 -34.94 4.97
CA THR F 96 18.65 -33.95 6.01
C THR F 96 19.16 -34.41 7.36
N ALA F 97 19.76 -33.49 8.13
CA ALA F 97 20.02 -33.74 9.56
C ALA F 97 18.87 -33.19 10.46
N VAL F 98 17.86 -32.55 9.88
CA VAL F 98 16.75 -31.99 10.69
C VAL F 98 16.08 -33.14 11.45
N PRO F 99 15.88 -33.01 12.77
CA PRO F 99 15.32 -34.18 13.49
C PRO F 99 13.86 -34.43 13.15
N ALA F 100 13.39 -35.63 13.45
CA ALA F 100 11.99 -36.08 13.19
C ALA F 100 10.90 -35.36 14.02
N GLY F 101 11.25 -34.89 15.22
CA GLY F 101 10.26 -34.32 16.15
C GLY F 101 10.78 -33.05 16.83
N PHE F 102 10.37 -32.81 18.08
CA PHE F 102 10.72 -31.57 18.75
C PHE F 102 12.20 -31.55 18.96
N ALA F 103 12.78 -30.36 18.84
CA ALA F 103 14.17 -30.18 19.13
C ALA F 103 14.45 -28.75 19.61
N GLN F 104 15.47 -28.60 20.43
CA GLN F 104 15.89 -27.28 20.87
C GLN F 104 16.34 -26.47 19.67
N TRP F 105 16.26 -25.15 19.81
CA TRP F 105 16.61 -24.28 18.71
C TRP F 105 18.08 -24.35 18.33
N GLN F 106 18.96 -24.65 19.27
CA GLN F 106 20.37 -24.81 18.86
C GLN F 106 20.58 -25.95 17.91
N ASP F 107 19.88 -27.08 18.14
CA ASP F 107 20.06 -28.26 17.28
C ASP F 107 19.31 -28.10 15.97
N GLU F 108 18.20 -27.33 15.93
CA GLU F 108 17.61 -27.02 14.63
C GLU F 108 18.59 -26.11 13.82
N ILE F 109 19.15 -25.07 14.44
CA ILE F 109 20.12 -24.26 13.69
C ILE F 109 21.27 -25.15 13.14
N LYS F 110 21.83 -26.04 13.95
CA LYS F 110 22.93 -26.89 13.45
C LYS F 110 22.54 -27.77 12.28
N ALA F 111 21.32 -28.33 12.32
CA ALA F 111 20.84 -29.19 11.27
C ALA F 111 20.63 -28.38 9.96
N ILE F 112 19.95 -27.25 10.07
CA ILE F 112 19.78 -26.34 8.94
C ILE F 112 21.11 -25.87 8.37
N VAL F 113 22.08 -25.53 9.21
CA VAL F 113 23.39 -25.08 8.70
C VAL F 113 24.06 -26.20 7.90
N SER F 114 24.00 -27.41 8.40
CA SER F 114 24.52 -28.55 7.72
C SER F 114 23.89 -28.73 6.31
N ASP F 115 22.57 -28.63 6.19
CA ASP F 115 21.88 -28.72 4.89
C ASP F 115 22.35 -27.54 3.98
N ILE F 116 22.48 -26.34 4.55
CA ILE F 116 23.02 -25.19 3.82
C ILE F 116 24.48 -25.34 3.36
N ASP F 117 25.34 -25.90 4.19
CA ASP F 117 26.74 -26.19 3.70
C ASP F 117 26.80 -27.16 2.49
N ALA F 118 25.92 -28.15 2.46
CA ALA F 118 25.96 -29.06 1.33
C ALA F 118 25.41 -28.36 0.06
N ALA F 119 24.42 -27.44 0.21
CA ALA F 119 23.99 -26.57 -0.87
C ALA F 119 25.07 -25.65 -1.40
N LEU F 120 25.89 -25.09 -0.50
CA LEU F 120 26.96 -24.21 -0.87
C LEU F 120 28.03 -24.91 -1.68
N VAL F 121 28.32 -26.16 -1.36
CA VAL F 121 29.24 -26.94 -2.19
C VAL F 121 28.74 -27.06 -3.62
N ASP F 122 27.47 -27.46 -3.83
CA ASP F 122 26.82 -27.41 -5.18
C ASP F 122 26.79 -26.05 -5.83
N LEU F 123 26.53 -24.98 -5.05
CA LEU F 123 26.59 -23.62 -5.65
C LEU F 123 27.98 -23.27 -6.06
N GLN F 124 28.99 -23.56 -5.25
CA GLN F 124 30.35 -23.18 -5.70
C GLN F 124 30.74 -24.05 -6.93
N ALA F 125 30.36 -25.34 -6.96
CA ALA F 125 30.66 -26.14 -8.17
C ALA F 125 29.96 -25.56 -9.41
N ALA F 126 28.75 -25.00 -9.26
CA ALA F 126 28.07 -24.35 -10.42
C ALA F 126 28.83 -23.09 -10.87
N ILE F 127 29.22 -22.26 -9.89
CA ILE F 127 29.96 -21.06 -10.19
C ILE F 127 31.27 -21.36 -11.00
N ASP F 128 32.04 -22.35 -10.54
CA ASP F 128 33.26 -22.71 -11.16
C ASP F 128 32.94 -23.35 -12.54
N GLY F 129 31.91 -24.22 -12.59
CA GLY F 129 31.69 -24.99 -13.78
C GLY F 129 31.06 -24.15 -14.86
N LEU F 130 30.22 -23.18 -14.52
CA LEU F 130 29.65 -22.31 -15.56
C LEU F 130 30.60 -21.18 -16.02
N ASP F 131 31.72 -20.99 -15.36
CA ASP F 131 32.66 -19.88 -15.69
C ASP F 131 33.10 -19.86 -17.17
N GLU F 132 33.39 -21.01 -17.77
CA GLU F 132 33.74 -21.00 -19.21
C GLU F 132 32.59 -21.33 -20.17
N VAL F 133 31.37 -21.46 -19.67
CA VAL F 133 30.30 -21.96 -20.51
C VAL F 133 29.23 -20.93 -20.71
N ASP F 134 28.73 -20.36 -19.60
CA ASP F 134 27.54 -19.52 -19.64
C ASP F 134 27.47 -18.61 -18.39
N LEU F 135 27.85 -17.36 -18.60
CA LEU F 135 27.95 -16.34 -17.57
C LEU F 135 26.59 -15.92 -17.07
N THR F 136 25.57 -16.01 -17.93
CA THR F 136 24.21 -15.70 -17.53
C THR F 136 23.78 -16.77 -16.48
N SER F 137 24.04 -18.05 -16.74
CA SER F 137 23.65 -19.08 -15.78
C SER F 137 24.51 -19.01 -14.55
N GLN F 138 25.78 -18.63 -14.72
CA GLN F 138 26.66 -18.45 -13.57
C GLN F 138 26.12 -17.38 -12.63
N ASP F 139 25.58 -16.33 -13.22
CA ASP F 139 25.00 -15.19 -12.47
C ASP F 139 23.85 -15.66 -11.60
N VAL F 140 23.07 -16.61 -12.08
CA VAL F 140 22.02 -17.17 -11.28
C VAL F 140 22.59 -17.83 -10.00
N ALA F 141 23.67 -18.59 -10.17
CA ALA F 141 24.25 -19.31 -9.08
C ALA F 141 24.93 -18.34 -8.12
N ILE F 142 25.55 -17.28 -8.66
CA ILE F 142 26.17 -16.25 -7.80
C ILE F 142 25.11 -15.59 -6.93
N GLU F 143 23.96 -15.24 -7.52
CA GLU F 143 22.91 -14.55 -6.78
C GLU F 143 22.33 -15.45 -5.64
N ILE F 144 22.15 -16.73 -5.87
CA ILE F 144 21.64 -17.62 -4.88
C ILE F 144 22.73 -17.80 -3.80
N LYS F 145 24.00 -17.92 -4.21
CA LYS F 145 25.03 -18.11 -3.22
C LYS F 145 25.15 -16.87 -2.30
N ARG F 146 25.00 -15.63 -2.83
CA ARG F 146 25.07 -14.44 -1.97
C ARG F 146 24.01 -14.50 -0.86
N GLY F 147 22.81 -14.93 -1.24
CA GLY F 147 21.71 -14.99 -0.32
C GLY F 147 21.82 -16.13 0.69
N VAL F 148 22.18 -17.33 0.23
CA VAL F 148 22.35 -18.49 1.09
C VAL F 148 23.49 -18.26 2.12
N ASP F 149 24.61 -17.62 1.73
CA ASP F 149 25.75 -17.29 2.58
C ASP F 149 25.26 -16.35 3.72
N LYS F 150 24.38 -15.42 3.35
CA LYS F 150 23.86 -14.47 4.37
C LYS F 150 22.91 -15.18 5.36
N ASP F 151 21.96 -16.00 4.89
CA ASP F 151 21.14 -16.87 5.76
C ASP F 151 21.98 -17.75 6.68
N ARG F 152 23.03 -18.33 6.15
CA ARG F 152 23.90 -19.13 6.95
C ARG F 152 24.49 -18.35 8.12
N TRP F 153 24.96 -17.13 7.85
CA TRP F 153 25.48 -16.25 8.90
C TRP F 153 24.36 -15.87 9.91
N PHE F 154 23.14 -15.58 9.45
CA PHE F 154 22.11 -15.14 10.36
C PHE F 154 21.80 -16.27 11.36
N LEU F 155 21.92 -17.49 10.89
CA LEU F 155 21.64 -18.66 11.71
C LEU F 155 22.85 -18.94 12.65
N LEU F 156 24.04 -19.09 12.06
CA LEU F 156 25.22 -19.48 12.81
C LEU F 156 25.70 -18.45 13.82
N ALA F 157 25.38 -17.17 13.59
CA ALA F 157 25.78 -16.15 14.54
C ALA F 157 25.14 -16.41 15.93
N HIS F 158 23.99 -17.08 15.98
CA HIS F 158 23.34 -17.44 17.27
C HIS F 158 24.19 -18.38 18.10
N LEU F 159 24.97 -19.25 17.45
CA LEU F 159 25.82 -20.18 18.21
C LEU F 159 27.19 -19.65 18.46
N ALA F 160 27.54 -18.50 17.92
CA ALA F 160 28.86 -17.91 18.29
C ALA F 160 28.99 -17.73 19.81
N GLU F 161 27.89 -17.87 20.54
CA GLU F 161 27.81 -17.77 22.05
C GLU F 161 29.17 -17.87 22.82
N PRO G 9 -21.85 -10.17 -32.22
CA PRO G 9 -20.72 -11.00 -32.65
C PRO G 9 -20.06 -10.54 -33.99
N ALA G 10 -20.64 -9.52 -34.65
CA ALA G 10 -20.05 -8.96 -35.90
C ALA G 10 -18.55 -8.58 -35.81
N LEU G 11 -18.11 -7.96 -34.71
CA LEU G 11 -16.68 -7.56 -34.52
C LEU G 11 -16.33 -6.08 -34.86
N THR G 12 -16.60 -5.66 -36.10
CA THR G 12 -16.77 -4.24 -36.45
C THR G 12 -18.28 -3.99 -36.41
N ALA G 13 -18.79 -3.19 -35.47
CA ALA G 13 -20.25 -2.97 -35.36
C ALA G 13 -20.82 -1.80 -36.20
N ASP G 14 -20.10 -0.66 -36.22
CA ASP G 14 -20.37 0.37 -37.24
C ASP G 14 -19.06 0.63 -37.99
N PRO G 15 -18.96 0.08 -39.22
CA PRO G 15 -17.82 0.37 -40.11
C PRO G 15 -17.58 1.88 -40.28
N GLU G 16 -18.63 2.69 -40.38
CA GLU G 16 -18.45 4.16 -40.50
C GLU G 16 -17.73 4.83 -39.33
N VAL G 17 -18.18 4.51 -38.11
CA VAL G 17 -17.56 5.05 -36.90
C VAL G 17 -16.17 4.46 -36.79
N ALA G 18 -16.04 3.19 -37.11
CA ALA G 18 -14.72 2.58 -37.07
C ALA G 18 -13.73 3.34 -37.98
N ALA G 19 -14.20 3.72 -39.17
CA ALA G 19 -13.34 4.33 -40.16
C ALA G 19 -12.94 5.71 -39.72
N ALA G 20 -13.89 6.44 -39.12
CA ALA G 20 -13.63 7.78 -38.64
C ALA G 20 -12.57 7.77 -37.49
N ALA G 21 -12.67 6.78 -36.60
CA ALA G 21 -11.68 6.60 -35.56
C ALA G 21 -10.31 6.35 -36.16
N ALA G 22 -10.21 5.48 -37.17
CA ALA G 22 -8.95 5.13 -37.74
C ALA G 22 -8.38 6.36 -38.46
N GLN G 23 -9.24 7.07 -39.14
CA GLN G 23 -8.78 8.20 -39.89
C GLN G 23 -8.19 9.22 -38.93
N PHE G 24 -8.91 9.60 -37.89
CA PHE G 24 -8.47 10.71 -37.04
C PHE G 24 -7.56 10.29 -35.85
N LEU G 25 -7.63 9.06 -35.38
CA LEU G 25 -6.81 8.72 -34.21
C LEU G 25 -5.48 8.06 -34.64
N THR G 26 -5.37 7.48 -35.83
CA THR G 26 -4.11 6.89 -36.23
C THR G 26 -2.90 7.86 -36.15
N PRO G 27 -3.01 9.11 -36.66
CA PRO G 27 -1.85 10.00 -36.50
C PRO G 27 -1.56 10.33 -35.04
N VAL G 28 -2.59 10.27 -34.16
CA VAL G 28 -2.44 10.49 -32.76
C VAL G 28 -1.58 9.35 -32.23
N VAL G 29 -1.89 8.09 -32.58
CA VAL G 29 -1.06 7.00 -32.10
C VAL G 29 0.39 7.12 -32.54
N HIS G 30 0.62 7.40 -33.81
CA HIS G 30 1.96 7.55 -34.33
C HIS G 30 2.74 8.62 -33.62
N LYS G 31 2.14 9.78 -33.40
CA LYS G 31 2.93 10.85 -32.76
C LYS G 31 3.11 10.61 -31.27
N MET G 32 2.14 9.99 -30.57
CA MET G 32 2.34 9.74 -29.17
C MET G 32 3.41 8.68 -29.00
N GLN G 33 3.36 7.63 -29.86
CA GLN G 33 4.30 6.53 -29.70
C GLN G 33 5.72 7.05 -30.04
N ALA G 34 5.86 7.95 -31.03
CA ALA G 34 7.14 8.51 -31.37
C ALA G 34 7.67 9.38 -30.20
N LEU G 35 6.78 10.16 -29.59
CA LEU G 35 7.07 10.92 -28.40
C LEU G 35 7.63 10.04 -27.23
N VAL G 36 7.19 8.79 -27.14
CA VAL G 36 7.77 7.89 -26.09
C VAL G 36 9.27 7.71 -26.42
N VAL G 37 9.56 7.49 -27.70
CA VAL G 37 10.90 7.04 -28.09
C VAL G 37 11.86 8.25 -28.09
N ASN G 38 11.42 9.32 -28.68
CA ASN G 38 12.22 10.56 -28.69
C ASN G 38 12.23 11.28 -27.32
N GLY G 39 11.16 11.19 -26.54
CA GLY G 39 11.21 11.67 -25.14
C GLY G 39 12.31 10.93 -24.33
N LYS G 40 12.42 9.61 -24.51
CA LYS G 40 13.47 8.82 -23.84
C LYS G 40 14.86 9.30 -24.31
N GLN G 41 14.99 9.58 -25.59
CA GLN G 41 16.24 10.03 -26.14
C GLN G 41 16.63 11.36 -25.42
N ALA G 42 15.64 12.21 -25.23
CA ALA G 42 15.90 13.53 -24.54
C ALA G 42 16.23 13.33 -23.04
N HIS G 43 15.50 12.46 -22.38
CA HIS G 43 15.75 12.07 -21.02
C HIS G 43 17.18 11.50 -20.80
N TRP G 44 17.65 10.64 -21.70
CA TRP G 44 19.01 10.08 -21.62
C TRP G 44 20.12 11.15 -21.85
N ASN G 45 19.88 12.06 -22.77
CA ASN G 45 20.95 12.95 -23.30
C ASN G 45 20.95 14.37 -22.79
N VAL G 46 19.99 14.70 -21.96
CA VAL G 46 19.88 16.02 -21.40
C VAL G 46 21.02 16.30 -20.40
N ARG G 47 21.51 17.53 -20.43
CA ARG G 47 22.55 18.03 -19.51
C ARG G 47 22.24 19.45 -19.05
N GLY G 48 23.02 19.91 -18.09
CA GLY G 48 23.03 21.31 -17.67
C GLY G 48 22.45 21.46 -16.29
N SER G 49 22.27 22.71 -15.90
CA SER G 49 22.01 23.07 -14.48
C SER G 49 20.65 22.54 -13.99
N ASN G 50 19.72 22.31 -14.89
CA ASN G 50 18.48 21.76 -14.52
C ASN G 50 18.35 20.24 -14.74
N PHE G 51 19.45 19.52 -14.81
CA PHE G 51 19.39 18.10 -15.07
C PHE G 51 18.29 17.28 -14.37
N ILE G 52 18.30 17.20 -13.04
CA ILE G 52 17.51 16.16 -12.41
C ILE G 52 15.99 16.44 -12.61
N ALA G 53 15.60 17.71 -12.52
CA ALA G 53 14.17 18.12 -12.64
C ALA G 53 13.66 17.85 -14.07
N ILE G 54 14.48 18.16 -15.06
CA ILE G 54 14.10 17.93 -16.46
C ILE G 54 14.18 16.44 -16.85
N HIS G 55 15.23 15.76 -16.41
CA HIS G 55 15.37 14.29 -16.61
C HIS G 55 14.05 13.63 -16.11
N GLU G 56 13.58 14.01 -14.92
CA GLU G 56 12.37 13.43 -14.34
C GLU G 56 11.08 13.88 -15.06
N LEU G 57 10.94 15.17 -15.31
CA LEU G 57 9.82 15.65 -16.15
C LEU G 57 9.74 14.96 -17.52
N LEU G 58 10.85 14.79 -18.19
CA LEU G 58 10.75 14.05 -19.44
C LEU G 58 10.25 12.61 -19.24
N ASP G 59 10.68 11.93 -18.18
CA ASP G 59 10.15 10.59 -17.90
C ASP G 59 8.60 10.57 -17.71
N SER G 60 8.09 11.57 -17.05
CA SER G 60 6.67 11.63 -16.88
C SER G 60 5.90 11.98 -18.22
N VAL G 61 6.50 12.79 -19.11
CA VAL G 61 5.89 13.12 -20.40
C VAL G 61 5.89 11.80 -21.22
N VAL G 62 6.95 11.03 -21.13
CA VAL G 62 7.03 9.74 -21.84
C VAL G 62 5.97 8.76 -21.32
N ALA G 63 5.78 8.67 -20.01
CA ALA G 63 4.80 7.74 -19.46
C ALA G 63 3.40 8.16 -19.91
N HIS G 64 3.11 9.46 -19.90
CA HIS G 64 1.82 9.97 -20.46
C HIS G 64 1.61 9.60 -21.91
N ALA G 65 2.63 9.84 -22.71
CA ALA G 65 2.53 9.59 -24.11
C ALA G 65 2.31 8.10 -24.38
N GLN G 66 2.93 7.21 -23.60
CA GLN G 66 2.72 5.80 -23.79
C GLN G 66 1.24 5.43 -23.50
N ASP G 67 0.69 6.02 -22.45
CA ASP G 67 -0.74 5.81 -22.12
C ASP G 67 -1.68 6.39 -23.14
N TYR G 68 -1.42 7.60 -23.64
CA TYR G 68 -2.20 8.20 -24.71
C TYR G 68 -2.20 7.36 -26.04
N ALA G 69 -0.98 6.96 -26.49
CA ALA G 69 -0.85 6.01 -27.58
C ALA G 69 -1.75 4.77 -27.32
N ASP G 70 -1.65 4.17 -26.14
CA ASP G 70 -2.37 2.93 -25.87
C ASP G 70 -3.90 3.17 -25.94
N THR G 71 -4.36 4.30 -25.39
CA THR G 71 -5.80 4.59 -25.31
C THR G 71 -6.30 4.86 -26.73
N ALA G 72 -5.56 5.63 -27.49
CA ALA G 72 -5.96 5.90 -28.83
C ALA G 72 -6.04 4.64 -29.72
N ALA G 73 -4.99 3.83 -29.68
CA ALA G 73 -4.85 2.65 -30.49
C ALA G 73 -5.97 1.67 -30.10
N GLU G 74 -6.23 1.48 -28.82
CA GLU G 74 -7.25 0.53 -28.42
C GLU G 74 -8.66 1.03 -28.71
N ARG G 75 -8.81 2.32 -28.85
CA ARG G 75 -10.11 2.82 -29.32
C ARG G 75 -10.37 2.38 -30.79
N ILE G 76 -9.39 2.53 -31.68
CA ILE G 76 -9.45 2.08 -33.08
C ILE G 76 -9.68 0.58 -33.14
N VAL G 77 -8.84 -0.19 -32.44
CA VAL G 77 -8.99 -1.64 -32.49
C VAL G 77 -10.31 -2.10 -31.90
N ALA G 78 -10.77 -1.50 -30.79
CA ALA G 78 -12.04 -1.94 -30.19
C ALA G 78 -13.25 -1.84 -31.21
N LEU G 79 -13.12 -0.89 -32.13
CA LEU G 79 -14.17 -0.53 -33.04
C LEU G 79 -14.00 -1.39 -34.26
N GLY G 80 -12.94 -2.18 -34.30
CA GLY G 80 -12.88 -3.17 -35.34
C GLY G 80 -11.87 -2.96 -36.45
N LEU G 81 -11.03 -1.91 -36.42
CA LEU G 81 -10.03 -1.76 -37.51
C LEU G 81 -8.61 -1.91 -36.98
N PRO G 82 -7.65 -2.38 -37.81
CA PRO G 82 -6.32 -2.62 -37.22
C PRO G 82 -5.54 -1.30 -37.18
N ILE G 83 -4.40 -1.27 -36.52
CA ILE G 83 -3.57 -0.06 -36.60
C ILE G 83 -2.22 -0.52 -37.03
N ASP G 84 -1.52 0.20 -37.92
CA ASP G 84 -0.10 -0.15 -38.14
C ASP G 84 0.83 0.82 -37.45
N SER G 85 1.39 0.43 -36.31
CA SER G 85 2.32 1.29 -35.65
C SER G 85 3.62 0.52 -35.49
N ARG G 86 4.00 -0.30 -36.44
CA ARG G 86 5.35 -0.87 -36.44
C ARG G 86 6.39 0.28 -36.48
N VAL G 87 7.59 0.04 -36.01
CA VAL G 87 8.64 1.02 -36.05
C VAL G 87 8.81 1.61 -37.47
N SER G 88 8.88 0.77 -38.51
CA SER G 88 9.11 1.31 -39.90
C SER G 88 7.99 2.30 -40.25
N THR G 89 6.74 1.95 -39.96
CA THR G 89 5.61 2.83 -40.27
C THR G 89 5.67 4.13 -39.46
N MET G 90 5.93 3.97 -38.16
CA MET G 90 5.96 5.12 -37.29
C MET G 90 7.05 6.06 -37.76
N ALA G 91 8.19 5.53 -38.16
CA ALA G 91 9.27 6.38 -38.61
C ALA G 91 8.93 7.11 -39.93
N GLU G 92 8.35 6.42 -40.91
CA GLU G 92 7.91 7.11 -42.16
C GLU G 92 6.91 8.27 -41.87
N LYS G 93 6.03 8.12 -40.87
CA LYS G 93 4.91 9.07 -40.60
C LYS G 93 5.24 10.17 -39.56
N THR G 94 6.47 10.20 -39.08
CA THR G 94 6.80 11.06 -37.99
C THR G 94 8.21 11.65 -38.18
N SER G 95 8.50 12.78 -37.54
CA SER G 95 9.86 13.28 -37.47
C SER G 95 10.09 13.98 -36.14
N THR G 96 11.31 14.31 -35.80
CA THR G 96 11.59 14.84 -34.48
C THR G 96 12.68 15.91 -34.58
N ALA G 97 12.55 16.96 -33.77
CA ALA G 97 13.69 17.91 -33.54
C ALA G 97 14.65 17.51 -32.39
N VAL G 98 14.42 16.39 -31.73
CA VAL G 98 15.28 16.05 -30.60
C VAL G 98 16.72 15.78 -31.14
N PRO G 99 17.78 16.40 -30.53
CA PRO G 99 19.14 16.19 -31.01
C PRO G 99 19.64 14.75 -30.90
N ALA G 100 20.61 14.41 -31.74
CA ALA G 100 21.13 13.05 -31.80
C ALA G 100 22.00 12.69 -30.60
N GLY G 101 22.65 13.66 -29.95
CA GLY G 101 23.52 13.45 -28.77
C GLY G 101 23.20 14.37 -27.58
N PHE G 102 24.21 14.67 -26.76
CA PHE G 102 24.04 15.52 -25.58
C PHE G 102 23.53 16.89 -25.96
N ALA G 103 22.65 17.45 -25.13
CA ALA G 103 22.06 18.76 -25.44
C ALA G 103 21.68 19.36 -24.07
N GLN G 104 21.80 20.67 -23.96
CA GLN G 104 21.42 21.42 -22.79
C GLN G 104 19.93 21.32 -22.64
N TRP G 105 19.50 21.37 -21.38
CA TRP G 105 18.12 21.19 -21.06
C TRP G 105 17.19 22.17 -21.79
N GLN G 106 17.59 23.40 -22.06
CA GLN G 106 16.73 24.31 -22.82
C GLN G 106 16.47 23.83 -24.24
N ASP G 107 17.46 23.22 -24.88
CA ASP G 107 17.30 22.75 -26.27
C ASP G 107 16.48 21.48 -26.30
N GLU G 108 16.58 20.66 -25.26
CA GLU G 108 15.74 19.48 -25.18
C GLU G 108 14.29 19.91 -25.04
N ILE G 109 14.03 20.94 -24.26
CA ILE G 109 12.64 21.34 -24.02
C ILE G 109 12.05 21.90 -25.32
N LYS G 110 12.80 22.75 -26.02
CA LYS G 110 12.34 23.32 -27.29
C LYS G 110 12.01 22.23 -28.24
N ALA G 111 12.88 21.21 -28.32
CA ALA G 111 12.67 20.13 -29.30
C ALA G 111 11.42 19.30 -28.92
N ILE G 112 11.24 19.04 -27.63
CA ILE G 112 10.11 18.23 -27.18
C ILE G 112 8.79 19.04 -27.37
N VAL G 113 8.83 20.33 -27.06
CA VAL G 113 7.68 21.19 -27.29
C VAL G 113 7.30 21.27 -28.79
N SER G 114 8.28 21.33 -29.69
CA SER G 114 7.99 21.31 -31.15
C SER G 114 7.26 19.97 -31.53
N ASP G 115 7.71 18.83 -30.96
CA ASP G 115 7.04 17.54 -31.24
C ASP G 115 5.58 17.54 -30.72
N ILE G 116 5.35 18.09 -29.55
CA ILE G 116 4.02 18.15 -28.90
C ILE G 116 3.10 19.10 -29.73
N ASP G 117 3.64 20.23 -30.19
CA ASP G 117 2.90 21.14 -31.07
C ASP G 117 2.42 20.43 -32.31
N ALA G 118 3.27 19.62 -32.95
CA ALA G 118 2.71 18.79 -34.09
C ALA G 118 1.61 17.76 -33.68
N ALA G 119 1.71 17.13 -32.51
CA ALA G 119 0.61 16.26 -32.03
C ALA G 119 -0.69 17.02 -31.68
N LEU G 120 -0.57 18.22 -31.11
CA LEU G 120 -1.74 19.06 -30.82
C LEU G 120 -2.49 19.44 -32.09
N VAL G 121 -1.73 19.62 -33.18
CA VAL G 121 -2.39 19.89 -34.46
C VAL G 121 -3.25 18.64 -34.89
N ASP G 122 -2.71 17.45 -34.72
CA ASP G 122 -3.48 16.18 -35.01
C ASP G 122 -4.61 15.91 -34.02
N LEU G 123 -4.40 16.24 -32.75
CA LEU G 123 -5.49 16.14 -31.80
C LEU G 123 -6.63 17.10 -32.09
N GLN G 124 -6.32 18.36 -32.42
CA GLN G 124 -7.37 19.32 -32.71
C GLN G 124 -8.17 18.85 -33.99
N ALA G 125 -7.44 18.35 -34.98
CA ALA G 125 -8.07 17.84 -36.19
C ALA G 125 -9.00 16.65 -35.85
N ALA G 126 -8.57 15.78 -34.92
CA ALA G 126 -9.40 14.66 -34.52
C ALA G 126 -10.65 15.19 -33.80
N ILE G 127 -10.43 16.11 -32.86
CA ILE G 127 -11.56 16.72 -32.17
C ILE G 127 -12.61 17.26 -33.16
N ASP G 128 -12.14 18.03 -34.15
CA ASP G 128 -13.01 18.60 -35.17
C ASP G 128 -13.66 17.51 -36.05
N GLY G 129 -12.89 16.50 -36.49
CA GLY G 129 -13.42 15.49 -37.45
C GLY G 129 -14.40 14.52 -36.79
N LEU G 130 -14.25 14.27 -35.49
CA LEU G 130 -15.11 13.30 -34.80
C LEU G 130 -16.45 13.93 -34.29
N ASP G 131 -16.54 15.24 -34.33
CA ASP G 131 -17.69 15.98 -33.81
C ASP G 131 -19.03 15.53 -34.37
N GLU G 132 -19.16 15.35 -35.68
CA GLU G 132 -20.53 15.00 -36.12
C GLU G 132 -20.70 13.51 -36.23
N VAL G 133 -19.67 12.76 -35.86
CA VAL G 133 -19.59 11.36 -36.26
C VAL G 133 -19.55 10.40 -35.08
N ASP G 134 -18.64 10.67 -34.12
CA ASP G 134 -18.55 9.78 -33.00
C ASP G 134 -18.05 10.50 -31.81
N LEU G 135 -18.99 10.91 -30.96
CA LEU G 135 -18.66 11.61 -29.74
C LEU G 135 -17.84 10.79 -28.74
N THR G 136 -17.95 9.46 -28.80
CA THR G 136 -17.20 8.63 -27.88
C THR G 136 -15.70 8.65 -28.26
N SER G 137 -15.39 8.59 -29.56
CA SER G 137 -13.98 8.72 -29.97
C SER G 137 -13.46 10.14 -29.79
N GLN G 138 -14.33 11.13 -30.01
CA GLN G 138 -14.00 12.52 -29.76
C GLN G 138 -13.55 12.70 -28.32
N ASP G 139 -14.22 12.03 -27.37
CA ASP G 139 -13.89 12.16 -25.95
C ASP G 139 -12.47 11.64 -25.66
N VAL G 140 -12.03 10.59 -26.36
CA VAL G 140 -10.68 10.05 -26.24
C VAL G 140 -9.70 11.13 -26.72
N ALA G 141 -10.02 11.84 -27.83
CA ALA G 141 -9.11 12.89 -28.31
C ALA G 141 -9.04 14.07 -27.36
N ILE G 142 -10.20 14.44 -26.80
CA ILE G 142 -10.32 15.55 -25.83
C ILE G 142 -9.50 15.21 -24.55
N GLU G 143 -9.66 14.01 -23.99
CA GLU G 143 -8.84 13.56 -22.80
C GLU G 143 -7.31 13.64 -23.05
N ILE G 144 -6.88 13.19 -24.22
CA ILE G 144 -5.46 13.25 -24.57
C ILE G 144 -5.01 14.70 -24.71
N LYS G 145 -5.82 15.52 -25.40
CA LYS G 145 -5.46 16.94 -25.59
C LYS G 145 -5.33 17.66 -24.24
N ARG G 146 -6.15 17.30 -23.25
CA ARG G 146 -6.06 18.01 -21.99
C ARG G 146 -4.71 17.72 -21.36
N GLY G 147 -4.29 16.46 -21.38
CA GLY G 147 -3.05 16.08 -20.71
C GLY G 147 -1.83 16.58 -21.49
N VAL G 148 -1.89 16.63 -22.81
CA VAL G 148 -0.76 17.05 -23.58
C VAL G 148 -0.57 18.55 -23.43
N ASP G 149 -1.66 19.32 -23.43
CA ASP G 149 -1.65 20.76 -23.14
C ASP G 149 -0.95 21.05 -21.78
N LYS G 150 -1.27 20.27 -20.75
CA LYS G 150 -0.67 20.44 -19.44
C LYS G 150 0.84 20.19 -19.50
N ASP G 151 1.23 19.11 -20.18
CA ASP G 151 2.70 18.77 -20.29
C ASP G 151 3.47 19.86 -21.03
N ARG G 152 2.86 20.39 -22.07
CA ARG G 152 3.43 21.48 -22.83
C ARG G 152 3.66 22.67 -21.94
N TRP G 153 2.65 23.09 -21.16
CA TRP G 153 2.86 24.14 -20.17
C TRP G 153 4.05 23.88 -19.16
N PHE G 154 4.10 22.72 -18.54
CA PHE G 154 5.18 22.34 -17.64
C PHE G 154 6.56 22.50 -18.29
N LEU G 155 6.65 22.12 -19.57
CA LEU G 155 7.89 22.21 -20.25
C LEU G 155 8.14 23.67 -20.55
N LEU G 156 7.20 24.34 -21.21
CA LEU G 156 7.46 25.65 -21.76
C LEU G 156 7.65 26.70 -20.68
N ALA G 157 7.05 26.46 -19.50
CA ALA G 157 7.13 27.39 -18.38
C ALA G 157 8.58 27.66 -17.98
N HIS G 158 9.46 26.70 -18.18
CA HIS G 158 10.87 26.88 -17.86
C HIS G 158 11.60 27.94 -18.67
N LEU G 159 11.04 28.24 -19.85
CA LEU G 159 11.67 29.15 -20.81
C LEU G 159 11.03 30.51 -20.75
N ALA G 160 9.95 30.65 -19.99
CA ALA G 160 9.23 31.95 -19.95
C ALA G 160 10.10 33.05 -19.32
N GLU G 161 11.00 32.65 -18.42
CA GLU G 161 12.30 33.36 -18.31
C GLU G 161 13.33 32.69 -17.38
N ALA H 10 32.92 15.81 -17.84
CA ALA H 10 31.98 14.75 -17.39
C ALA H 10 32.57 13.30 -17.47
N LEU H 11 33.78 13.08 -16.91
CA LEU H 11 34.78 14.07 -16.47
C LEU H 11 36.09 13.25 -16.37
N THR H 12 35.97 11.91 -16.56
CA THR H 12 36.90 10.85 -16.05
C THR H 12 38.15 10.42 -16.90
N ALA H 13 38.01 9.40 -17.78
CA ALA H 13 36.71 8.76 -18.05
C ALA H 13 36.86 7.47 -18.84
N ASP H 14 37.79 6.56 -18.48
CA ASP H 14 38.35 5.63 -19.51
C ASP H 14 37.51 5.71 -20.78
N PRO H 15 37.97 6.56 -21.75
CA PRO H 15 37.29 6.62 -23.06
C PRO H 15 37.18 5.20 -23.62
N GLU H 16 38.12 4.34 -23.23
CA GLU H 16 38.13 2.92 -23.61
C GLU H 16 36.94 2.10 -23.18
N VAL H 17 36.71 2.12 -21.88
CA VAL H 17 35.58 1.47 -21.29
C VAL H 17 34.33 2.16 -21.82
N ALA H 18 34.33 3.49 -21.90
CA ALA H 18 33.17 4.20 -22.43
C ALA H 18 32.87 3.72 -23.89
N ALA H 19 33.93 3.65 -24.71
CA ALA H 19 33.80 3.15 -26.05
C ALA H 19 33.23 1.70 -26.14
N ALA H 20 33.74 0.78 -25.32
CA ALA H 20 33.28 -0.59 -25.30
C ALA H 20 31.80 -0.61 -24.96
N ALA H 21 31.41 0.17 -23.93
CA ALA H 21 30.00 0.18 -23.56
C ALA H 21 29.18 0.64 -24.76
N ALA H 22 29.63 1.73 -25.39
CA ALA H 22 28.87 2.28 -26.53
C ALA H 22 28.79 1.25 -27.67
N GLN H 23 29.90 0.56 -27.97
CA GLN H 23 29.94 -0.41 -29.04
C GLN H 23 28.95 -1.56 -28.76
N PHE H 24 28.96 -2.10 -27.55
CA PHE H 24 28.20 -3.26 -27.26
C PHE H 24 26.76 -3.06 -26.76
N LEU H 25 26.46 -1.94 -26.10
CA LEU H 25 25.13 -1.75 -25.52
C LEU H 25 24.20 -0.95 -26.42
N THR H 26 24.76 -0.12 -27.29
CA THR H 26 23.94 0.59 -28.24
C THR H 26 23.00 -0.29 -29.07
N PRO H 27 23.51 -1.40 -29.72
CA PRO H 27 22.51 -2.25 -30.36
C PRO H 27 21.43 -2.81 -29.41
N VAL H 28 21.76 -3.03 -28.11
CA VAL H 28 20.81 -3.52 -27.14
C VAL H 28 19.75 -2.44 -26.93
N VAL H 29 20.16 -1.18 -26.79
CA VAL H 29 19.18 -0.11 -26.66
C VAL H 29 18.21 -0.11 -27.87
N HIS H 30 18.73 -0.11 -29.12
CA HIS H 30 17.87 0.00 -30.33
C HIS H 30 16.88 -1.18 -30.38
N LYS H 31 17.34 -2.40 -30.17
CA LYS H 31 16.49 -3.55 -30.21
C LYS H 31 15.45 -3.63 -29.06
N MET H 32 15.83 -3.21 -27.85
CA MET H 32 14.89 -3.19 -26.74
C MET H 32 13.82 -2.07 -26.96
N GLN H 33 14.23 -0.92 -27.47
CA GLN H 33 13.33 0.15 -27.67
C GLN H 33 12.38 -0.19 -28.85
N ALA H 34 12.87 -0.88 -29.88
CA ALA H 34 12.01 -1.33 -30.95
C ALA H 34 10.98 -2.37 -30.47
N LEU H 35 11.37 -3.23 -29.55
CA LEU H 35 10.50 -4.24 -29.01
C LEU H 35 9.35 -3.58 -28.22
N VAL H 36 9.60 -2.44 -27.57
CA VAL H 36 8.52 -1.75 -26.87
C VAL H 36 7.47 -1.38 -27.98
N VAL H 37 7.94 -0.81 -29.09
CA VAL H 37 7.03 -0.27 -30.10
C VAL H 37 6.36 -1.42 -30.86
N ASN H 38 7.17 -2.33 -31.33
CA ASN H 38 6.62 -3.51 -32.04
C ASN H 38 5.82 -4.49 -31.15
N GLY H 39 6.19 -4.61 -29.87
CA GLY H 39 5.42 -5.40 -28.90
C GLY H 39 4.07 -4.74 -28.60
N LYS H 40 4.03 -3.43 -28.61
CA LYS H 40 2.77 -2.73 -28.44
C LYS H 40 1.88 -3.00 -29.66
N GLN H 41 2.49 -2.93 -30.85
CA GLN H 41 1.77 -3.23 -32.10
C GLN H 41 1.07 -4.65 -31.99
N ALA H 42 1.81 -5.64 -31.55
CA ALA H 42 1.33 -7.02 -31.37
C ALA H 42 0.25 -7.07 -30.28
N HIS H 43 0.48 -6.35 -29.16
CA HIS H 43 -0.51 -6.25 -28.07
C HIS H 43 -1.91 -5.69 -28.58
N TRP H 44 -1.90 -4.67 -29.42
CA TRP H 44 -3.12 -4.07 -29.99
C TRP H 44 -3.84 -4.98 -30.98
N ASN H 45 -3.10 -5.65 -31.82
CA ASN H 45 -3.66 -6.32 -33.01
C ASN H 45 -3.85 -7.85 -32.87
N VAL H 46 -3.50 -8.43 -31.72
CA VAL H 46 -3.55 -9.87 -31.53
C VAL H 46 -5.01 -10.32 -31.43
N ARG H 47 -5.34 -11.48 -32.00
CA ARG H 47 -6.67 -12.08 -31.99
C ARG H 47 -6.65 -13.58 -31.69
N GLY H 48 -7.81 -14.17 -31.40
CA GLY H 48 -7.79 -15.59 -31.27
C GLY H 48 -8.03 -16.10 -29.88
N SER H 49 -8.13 -17.43 -29.81
CA SER H 49 -8.70 -18.09 -28.63
C SER H 49 -7.92 -17.73 -27.34
N ASN H 50 -6.68 -17.30 -27.49
CA ASN H 50 -5.86 -16.98 -26.35
C ASN H 50 -5.69 -15.46 -26.10
N PHE H 51 -6.57 -14.65 -26.66
CA PHE H 51 -6.39 -13.20 -26.70
C PHE H 51 -5.95 -12.57 -25.37
N ILE H 52 -6.77 -12.76 -24.33
CA ILE H 52 -6.52 -12.01 -23.07
C ILE H 52 -5.19 -12.29 -22.41
N ALA H 53 -4.81 -13.56 -22.34
CA ALA H 53 -3.54 -13.97 -21.78
C ALA H 53 -2.39 -13.45 -22.60
N ILE H 54 -2.51 -13.50 -23.94
CA ILE H 54 -1.38 -13.08 -24.75
C ILE H 54 -1.28 -11.55 -24.83
N HIS H 55 -2.42 -10.89 -24.86
CA HIS H 55 -2.49 -9.40 -24.80
C HIS H 55 -1.73 -8.94 -23.51
N GLU H 56 -2.06 -9.58 -22.39
CA GLU H 56 -1.41 -9.26 -21.13
C GLU H 56 0.06 -9.65 -21.06
N LEU H 57 0.42 -10.88 -21.47
CA LEU H 57 1.83 -11.23 -21.57
C LEU H 57 2.67 -10.27 -22.48
N LEU H 58 2.17 -9.91 -23.65
CA LEU H 58 2.82 -8.93 -24.49
C LEU H 58 3.03 -7.58 -23.79
N ASP H 59 2.07 -7.09 -23.00
CA ASP H 59 2.32 -5.90 -22.19
C ASP H 59 3.46 -6.00 -21.18
N SER H 60 3.54 -7.13 -20.52
CA SER H 60 4.59 -7.41 -19.63
C SER H 60 5.99 -7.50 -20.35
N VAL H 61 6.10 -8.10 -21.52
CA VAL H 61 7.30 -8.04 -22.35
C VAL H 61 7.71 -6.60 -22.70
N VAL H 62 6.77 -5.77 -23.14
CA VAL H 62 7.02 -4.39 -23.45
C VAL H 62 7.49 -3.61 -22.23
N ALA H 63 6.88 -3.82 -21.08
CA ALA H 63 7.29 -3.13 -19.86
C ALA H 63 8.76 -3.54 -19.57
N HIS H 64 9.08 -4.83 -19.67
CA HIS H 64 10.50 -5.31 -19.47
C HIS H 64 11.39 -4.67 -20.47
N ALA H 65 11.00 -4.69 -21.76
CA ALA H 65 11.88 -4.16 -22.80
C ALA H 65 12.17 -2.63 -22.58
N GLN H 66 11.18 -1.89 -22.13
CA GLN H 66 11.38 -0.48 -21.87
C GLN H 66 12.41 -0.29 -20.70
N ASP H 67 12.28 -1.07 -19.62
CA ASP H 67 13.26 -0.98 -18.52
CA ASP H 67 13.26 -1.09 -18.48
C ASP H 67 14.69 -1.39 -18.95
N TYR H 68 14.82 -2.41 -19.78
CA TYR H 68 16.10 -2.82 -20.29
C TYR H 68 16.76 -1.77 -21.23
N ALA H 69 15.97 -1.14 -22.10
CA ALA H 69 16.47 -0.08 -22.94
C ALA H 69 17.01 0.97 -22.02
N ASP H 70 16.23 1.35 -20.98
CA ASP H 70 16.65 2.49 -20.10
C ASP H 70 17.96 2.15 -19.38
N THR H 71 18.07 0.92 -18.85
CA THR H 71 19.26 0.50 -18.12
C THR H 71 20.53 0.49 -19.01
N ALA H 72 20.41 -0.09 -20.21
CA ALA H 72 21.51 -0.15 -21.13
C ALA H 72 21.88 1.29 -21.59
N ALA H 73 20.89 2.12 -21.91
CA ALA H 73 21.17 3.53 -22.36
C ALA H 73 21.85 4.39 -21.27
N GLU H 74 21.42 4.20 -20.02
CA GLU H 74 21.97 5.02 -18.94
C GLU H 74 23.36 4.56 -18.53
N ARG H 75 23.66 3.30 -18.78
CA ARG H 75 24.97 2.76 -18.59
C ARG H 75 25.86 3.44 -19.58
N ILE H 76 25.46 3.57 -20.86
CA ILE H 76 26.32 4.25 -21.82
C ILE H 76 26.53 5.71 -21.45
N VAL H 77 25.44 6.44 -21.19
CA VAL H 77 25.55 7.85 -20.89
C VAL H 77 26.36 8.11 -19.62
N ALA H 78 26.13 7.30 -18.60
CA ALA H 78 26.88 7.44 -17.34
C ALA H 78 28.42 7.35 -17.54
N LEU H 79 28.81 6.59 -18.54
CA LEU H 79 30.22 6.50 -18.86
C LEU H 79 30.70 7.64 -19.72
N GLY H 80 29.80 8.47 -20.21
CA GLY H 80 30.22 9.70 -20.85
C GLY H 80 30.02 9.82 -22.33
N LEU H 81 29.38 8.85 -22.98
CA LEU H 81 29.07 8.93 -24.41
C LEU H 81 27.57 9.06 -24.65
N PRO H 82 27.18 9.78 -25.72
CA PRO H 82 25.77 9.98 -26.02
C PRO H 82 25.15 8.76 -26.65
N ILE H 83 23.84 8.69 -26.64
CA ILE H 83 23.20 7.57 -27.35
C ILE H 83 22.23 8.23 -28.35
N ASP H 84 22.25 7.78 -29.60
CA ASP H 84 21.27 8.24 -30.58
C ASP H 84 20.19 7.18 -30.74
N SER H 85 19.09 7.41 -30.04
CA SER H 85 18.01 6.50 -30.13
C SER H 85 16.73 7.22 -30.62
N ARG H 86 16.86 8.27 -31.40
CA ARG H 86 15.71 8.87 -32.10
C ARG H 86 15.00 7.84 -32.94
N VAL H 87 13.67 7.98 -33.11
CA VAL H 87 12.88 7.09 -33.97
C VAL H 87 13.55 6.79 -35.37
N SER H 88 14.07 7.83 -36.03
CA SER H 88 14.65 7.65 -37.39
C SER H 88 15.88 6.75 -37.29
N THR H 89 16.72 6.91 -36.29
CA THR H 89 17.85 6.01 -36.18
C THR H 89 17.41 4.58 -35.77
N MET H 90 16.57 4.46 -34.78
CA MET H 90 16.06 3.16 -34.41
C MET H 90 15.46 2.43 -35.61
N ALA H 91 14.74 3.12 -36.49
CA ALA H 91 14.10 2.46 -37.63
C ALA H 91 15.16 1.99 -38.67
N GLU H 92 16.25 2.76 -38.84
CA GLU H 92 17.40 2.39 -39.71
C GLU H 92 18.13 1.13 -39.20
N LYS H 93 18.22 0.95 -37.87
CA LYS H 93 19.03 -0.13 -37.24
C LYS H 93 18.23 -1.39 -36.90
N THR H 94 16.95 -1.39 -37.22
CA THR H 94 16.14 -2.39 -36.63
C THR H 94 15.07 -2.84 -37.63
N SER H 95 14.62 -4.08 -37.52
CA SER H 95 13.56 -4.56 -38.36
C SER H 95 12.66 -5.50 -37.57
N THR H 96 11.42 -5.65 -38.02
CA THR H 96 10.47 -6.46 -37.24
C THR H 96 9.70 -7.42 -38.16
N ALA H 97 9.32 -8.55 -37.61
CA ALA H 97 8.40 -9.51 -38.31
C ALA H 97 6.95 -9.37 -37.81
N VAL H 98 6.69 -8.48 -36.84
CA VAL H 98 5.36 -8.28 -36.37
C VAL H 98 4.50 -7.79 -37.52
N PRO H 99 3.32 -8.41 -37.70
CA PRO H 99 2.52 -8.03 -38.90
C PRO H 99 1.94 -6.62 -38.75
N ALA H 100 1.54 -6.06 -39.87
CA ALA H 100 1.01 -4.73 -39.97
C ALA H 100 -0.44 -4.60 -39.42
N GLY H 101 -1.14 -5.71 -39.28
CA GLY H 101 -2.60 -5.65 -38.91
C GLY H 101 -2.94 -6.77 -37.95
N PHE H 102 -4.22 -7.16 -37.93
CA PHE H 102 -4.72 -8.25 -37.08
C PHE H 102 -3.96 -9.56 -37.36
N ALA H 103 -3.65 -10.33 -36.33
CA ALA H 103 -3.01 -11.56 -36.59
C ALA H 103 -3.38 -12.41 -35.43
N GLN H 104 -3.45 -13.72 -35.69
CA GLN H 104 -3.67 -14.73 -34.70
C GLN H 104 -2.53 -14.74 -33.63
N TRP H 105 -2.90 -15.02 -32.42
CA TRP H 105 -1.92 -15.05 -31.33
C TRP H 105 -0.69 -15.93 -31.59
N GLN H 106 -0.82 -17.09 -32.26
CA GLN H 106 0.40 -17.87 -32.63
C GLN H 106 1.42 -17.11 -33.47
N ASP H 107 0.90 -16.30 -34.41
CA ASP H 107 1.72 -15.57 -35.40
C ASP H 107 2.37 -14.39 -34.69
N GLU H 108 1.66 -13.73 -33.77
CA GLU H 108 2.25 -12.68 -32.98
C GLU H 108 3.38 -13.24 -32.09
N ILE H 109 3.17 -14.38 -31.43
CA ILE H 109 4.24 -14.98 -30.66
C ILE H 109 5.45 -15.30 -31.53
N LYS H 110 5.24 -15.94 -32.66
CA LYS H 110 6.40 -16.27 -33.53
C LYS H 110 7.18 -14.99 -34.00
N ALA H 111 6.45 -13.92 -34.34
CA ALA H 111 7.05 -12.62 -34.74
C ALA H 111 7.86 -12.00 -33.57
N ILE H 112 7.28 -12.01 -32.37
CA ILE H 112 7.92 -11.41 -31.22
C ILE H 112 9.18 -12.27 -30.79
N VAL H 113 9.07 -13.61 -30.83
CA VAL H 113 10.21 -14.50 -30.50
C VAL H 113 11.37 -14.25 -31.50
N SER H 114 10.99 -13.96 -32.76
CA SER H 114 11.97 -13.62 -33.75
C SER H 114 12.74 -12.35 -33.39
N ASP H 115 12.01 -11.28 -33.00
CA ASP H 115 12.66 -10.02 -32.62
C ASP H 115 13.55 -10.28 -31.34
N ILE H 116 13.03 -11.06 -30.38
CA ILE H 116 13.79 -11.38 -29.16
C ILE H 116 15.08 -12.21 -29.52
N ASP H 117 14.96 -13.12 -30.49
CA ASP H 117 16.14 -13.95 -30.88
C ASP H 117 17.30 -13.02 -31.40
N ALA H 118 16.94 -12.00 -32.17
CA ALA H 118 17.95 -11.09 -32.67
C ALA H 118 18.55 -10.25 -31.54
N ALA H 119 17.76 -9.88 -30.53
CA ALA H 119 18.33 -9.12 -29.40
C ALA H 119 19.28 -10.03 -28.60
N LEU H 120 18.95 -11.31 -28.46
CA LEU H 120 19.80 -12.26 -27.75
C LEU H 120 21.18 -12.38 -28.37
N VAL H 121 21.27 -12.34 -29.70
CA VAL H 121 22.56 -12.39 -30.41
C VAL H 121 23.40 -11.15 -30.01
N ASP H 122 22.83 -9.94 -30.07
CA ASP H 122 23.51 -8.70 -29.56
C ASP H 122 23.82 -8.75 -28.05
N LEU H 123 22.93 -9.32 -27.23
CA LEU H 123 23.23 -9.48 -25.82
C LEU H 123 24.40 -10.41 -25.57
N GLN H 124 24.42 -11.57 -26.26
CA GLN H 124 25.58 -12.46 -26.12
C GLN H 124 26.87 -11.79 -26.61
N ALA H 125 26.83 -11.04 -27.73
CA ALA H 125 28.05 -10.36 -28.21
C ALA H 125 28.47 -9.29 -27.16
N ALA H 126 27.51 -8.62 -26.51
CA ALA H 126 27.93 -7.66 -25.45
C ALA H 126 28.63 -8.41 -24.29
N ILE H 127 28.07 -9.54 -23.88
CA ILE H 127 28.65 -10.26 -22.76
C ILE H 127 30.09 -10.72 -23.07
N ASP H 128 30.29 -11.34 -24.23
CA ASP H 128 31.65 -11.73 -24.68
C ASP H 128 32.56 -10.48 -24.84
N GLY H 129 32.06 -9.42 -25.46
CA GLY H 129 32.92 -8.29 -25.78
C GLY H 129 33.26 -7.50 -24.53
N LEU H 130 32.36 -7.39 -23.54
CA LEU H 130 32.71 -6.65 -22.33
C LEU H 130 33.58 -7.47 -21.34
N ASP H 131 33.76 -8.76 -21.60
CA ASP H 131 34.42 -9.65 -20.62
C ASP H 131 35.83 -9.22 -20.30
N GLU H 132 36.64 -8.82 -21.27
CA GLU H 132 38.02 -8.42 -20.85
C GLU H 132 38.14 -6.95 -20.49
N VAL H 133 37.03 -6.23 -20.57
CA VAL H 133 37.06 -4.75 -20.71
C VAL H 133 36.36 -4.09 -19.53
N ASP H 134 35.10 -4.43 -19.24
CA ASP H 134 34.39 -3.72 -18.15
C ASP H 134 33.32 -4.66 -17.63
N LEU H 135 33.66 -5.27 -16.49
CA LEU H 135 32.78 -6.25 -15.82
C LEU H 135 31.50 -5.63 -15.34
N THR H 136 31.50 -4.34 -14.98
CA THR H 136 30.27 -3.65 -14.55
C THR H 136 29.28 -3.45 -15.72
N SER H 137 29.77 -3.07 -16.91
CA SER H 137 28.88 -3.00 -18.11
C SER H 137 28.45 -4.41 -18.52
N GLN H 138 29.35 -5.38 -18.39
CA GLN H 138 29.02 -6.76 -18.68
C GLN H 138 27.83 -7.28 -17.81
N ASP H 139 27.75 -6.87 -16.53
CA ASP H 139 26.70 -7.26 -15.61
C ASP H 139 25.34 -6.68 -16.08
N VAL H 140 25.35 -5.50 -16.71
CA VAL H 140 24.14 -4.93 -17.26
C VAL H 140 23.63 -5.85 -18.39
N ALA H 141 24.49 -6.23 -19.33
CA ALA H 141 24.11 -7.10 -20.42
C ALA H 141 23.57 -8.46 -19.83
N ILE H 142 24.19 -8.96 -18.77
CA ILE H 142 23.76 -10.25 -18.16
C ILE H 142 22.40 -10.17 -17.54
N GLU H 143 22.17 -9.10 -16.80
CA GLU H 143 20.91 -8.92 -16.15
C GLU H 143 19.80 -8.84 -17.23
N ILE H 144 20.05 -8.08 -18.30
CA ILE H 144 19.06 -7.99 -19.35
C ILE H 144 18.83 -9.36 -20.00
N LYS H 145 19.90 -10.08 -20.30
CA LYS H 145 19.75 -11.36 -20.98
C LYS H 145 18.95 -12.37 -20.14
N ARG H 146 19.13 -12.41 -18.83
CA ARG H 146 18.37 -13.32 -17.98
C ARG H 146 16.83 -13.03 -18.12
N GLY H 147 16.43 -11.76 -18.18
CA GLY H 147 15.00 -11.42 -18.29
C GLY H 147 14.51 -11.74 -19.66
N VAL H 148 15.28 -11.40 -20.70
CA VAL H 148 14.82 -11.67 -22.05
C VAL H 148 14.68 -13.18 -22.34
N ASP H 149 15.64 -13.97 -21.86
CA ASP H 149 15.60 -15.47 -21.91
C ASP H 149 14.31 -16.00 -21.26
N LYS H 150 13.94 -15.43 -20.14
CA LYS H 150 12.75 -15.89 -19.46
C LYS H 150 11.48 -15.51 -20.26
N ASP H 151 11.40 -14.25 -20.73
CA ASP H 151 10.28 -13.79 -21.59
C ASP H 151 10.14 -14.66 -22.87
N ARG H 152 11.27 -14.99 -23.51
CA ARG H 152 11.28 -15.82 -24.67
C ARG H 152 10.63 -17.17 -24.33
N TRP H 153 10.97 -17.74 -23.21
CA TRP H 153 10.37 -19.04 -22.78
C TRP H 153 8.84 -18.87 -22.54
N PHE H 154 8.44 -17.87 -21.75
CA PHE H 154 6.99 -17.68 -21.55
C PHE H 154 6.25 -17.57 -22.88
N LEU H 155 6.83 -16.86 -23.87
CA LEU H 155 6.17 -16.84 -25.18
C LEU H 155 6.21 -18.23 -25.86
N LEU H 156 7.40 -18.80 -25.99
CA LEU H 156 7.55 -19.95 -26.83
C LEU H 156 6.87 -21.20 -26.29
N ALA H 157 6.73 -21.30 -24.94
CA ALA H 157 6.11 -22.48 -24.31
C ALA H 157 4.70 -22.75 -24.89
N HIS H 158 4.02 -21.67 -25.24
CA HIS H 158 2.66 -21.74 -25.80
C HIS H 158 2.55 -22.53 -27.12
N LEU H 159 3.63 -22.49 -27.89
CA LEU H 159 3.67 -23.22 -29.17
C LEU H 159 4.23 -24.65 -29.05
N ALA H 160 4.76 -25.05 -27.89
CA ALA H 160 5.36 -26.39 -27.69
C ALA H 160 4.35 -27.51 -27.94
N GLU H 161 3.08 -27.23 -27.64
CA GLU H 161 2.00 -27.76 -28.51
C GLU H 161 0.56 -27.38 -28.06
N ASP I 14 -34.57 23.48 -14.13
CA ASP I 14 -35.14 22.71 -15.28
C ASP I 14 -35.60 21.28 -14.85
N PRO I 15 -36.94 21.13 -14.71
CA PRO I 15 -37.65 19.83 -14.66
C PRO I 15 -37.46 18.97 -15.92
N GLU I 16 -37.19 19.60 -17.08
CA GLU I 16 -37.02 18.87 -18.37
C GLU I 16 -35.59 18.26 -18.53
N VAL I 17 -34.59 19.02 -18.12
CA VAL I 17 -33.27 18.48 -18.03
C VAL I 17 -33.32 17.22 -17.14
N ALA I 18 -33.94 17.30 -15.98
CA ALA I 18 -34.02 16.08 -15.14
C ALA I 18 -34.85 14.98 -15.82
N ALA I 19 -35.99 15.33 -16.44
CA ALA I 19 -36.86 14.36 -17.16
C ALA I 19 -36.12 13.58 -18.24
N ALA I 20 -35.39 14.30 -19.07
CA ALA I 20 -34.50 13.73 -20.13
C ALA I 20 -33.39 12.81 -19.68
N ALA I 21 -32.69 13.11 -18.59
CA ALA I 21 -31.74 12.16 -18.01
C ALA I 21 -32.46 10.87 -17.59
N ALA I 22 -33.57 10.99 -16.91
CA ALA I 22 -34.23 9.80 -16.46
C ALA I 22 -34.66 8.99 -17.69
N GLN I 23 -35.17 9.67 -18.71
CA GLN I 23 -35.67 8.94 -19.87
C GLN I 23 -34.49 8.22 -20.56
N PHE I 24 -33.36 8.90 -20.77
CA PHE I 24 -32.26 8.27 -21.49
C PHE I 24 -31.35 7.38 -20.63
N LEU I 25 -31.17 7.71 -19.36
CA LEU I 25 -30.20 6.97 -18.52
C LEU I 25 -30.82 5.75 -17.83
N THR I 26 -32.11 5.75 -17.63
CA THR I 26 -32.79 4.66 -16.95
C THR I 26 -32.60 3.33 -17.64
N PRO I 27 -32.74 3.27 -18.99
CA PRO I 27 -32.46 1.98 -19.69
C PRO I 27 -31.01 1.52 -19.42
N VAL I 28 -30.11 2.50 -19.35
CA VAL I 28 -28.71 2.16 -19.03
C VAL I 28 -28.58 1.51 -17.63
N VAL I 29 -29.30 2.02 -16.61
CA VAL I 29 -29.18 1.43 -15.29
C VAL I 29 -29.72 0.00 -15.36
N HIS I 30 -30.87 -0.22 -15.99
CA HIS I 30 -31.44 -1.54 -16.10
C HIS I 30 -30.50 -2.56 -16.75
N LYS I 31 -29.95 -2.22 -17.90
CA LYS I 31 -29.15 -3.20 -18.64
C LYS I 31 -27.77 -3.44 -17.98
N MET I 32 -27.20 -2.42 -17.36
CA MET I 32 -25.90 -2.54 -16.68
C MET I 32 -26.10 -3.35 -15.40
N GLN I 33 -27.18 -3.05 -14.64
CA GLN I 33 -27.51 -3.88 -13.45
C GLN I 33 -27.89 -5.33 -13.82
N ALA I 34 -28.52 -5.52 -14.97
CA ALA I 34 -28.76 -6.92 -15.47
C ALA I 34 -27.47 -7.67 -15.84
N LEU I 35 -26.56 -6.97 -16.48
CA LEU I 35 -25.26 -7.50 -16.87
C LEU I 35 -24.45 -7.97 -15.66
N VAL I 36 -24.58 -7.28 -14.54
CA VAL I 36 -23.95 -7.73 -13.29
C VAL I 36 -24.42 -9.14 -12.91
N VAL I 37 -25.73 -9.33 -12.90
CA VAL I 37 -26.31 -10.58 -12.46
C VAL I 37 -26.07 -11.73 -13.49
N ASN I 38 -26.40 -11.50 -14.76
CA ASN I 38 -26.21 -12.47 -15.81
C ASN I 38 -24.70 -12.71 -16.12
N GLY I 39 -23.88 -11.67 -15.97
CA GLY I 39 -22.43 -11.79 -16.00
C GLY I 39 -21.92 -12.75 -14.94
N LYS I 40 -22.32 -12.58 -13.69
CA LYS I 40 -21.99 -13.53 -12.61
C LYS I 40 -22.53 -14.94 -12.95
N GLN I 41 -23.75 -15.07 -13.48
CA GLN I 41 -24.20 -16.37 -13.99
C GLN I 41 -23.18 -16.96 -14.99
N ALA I 42 -22.74 -16.19 -15.98
CA ALA I 42 -21.77 -16.69 -16.94
C ALA I 42 -20.42 -17.07 -16.28
N HIS I 43 -19.96 -16.25 -15.35
CA HIS I 43 -18.73 -16.48 -14.62
C HIS I 43 -18.73 -17.83 -13.79
N TRP I 44 -19.85 -18.12 -13.16
CA TRP I 44 -20.02 -19.34 -12.38
C TRP I 44 -20.06 -20.60 -13.20
N ASN I 45 -20.76 -20.54 -14.35
CA ASN I 45 -21.09 -21.74 -15.11
C ASN I 45 -20.21 -22.00 -16.31
N VAL I 46 -19.20 -21.13 -16.56
CA VAL I 46 -18.42 -21.23 -17.79
C VAL I 46 -17.49 -22.42 -17.63
N ARG I 47 -17.30 -23.12 -18.75
CA ARG I 47 -16.46 -24.32 -18.83
C ARG I 47 -15.50 -24.29 -20.02
N GLY I 48 -14.48 -25.13 -19.96
CA GLY I 48 -13.70 -25.44 -21.16
C GLY I 48 -12.30 -24.84 -21.18
N SER I 49 -11.61 -24.99 -22.31
CA SER I 49 -10.16 -24.92 -22.27
C SER I 49 -9.67 -23.50 -21.93
N ASN I 50 -10.55 -22.49 -22.00
CA ASN I 50 -10.14 -21.13 -21.63
C ASN I 50 -10.67 -20.66 -20.28
N PHE I 51 -10.95 -21.61 -19.40
CA PHE I 51 -11.73 -21.33 -18.22
C PHE I 51 -11.21 -20.15 -17.41
N ILE I 52 -9.97 -20.21 -16.96
CA ILE I 52 -9.52 -19.32 -15.93
C ILE I 52 -9.48 -17.87 -16.47
N ALA I 53 -9.03 -17.69 -17.72
CA ALA I 53 -8.96 -16.36 -18.36
C ALA I 53 -10.36 -15.77 -18.54
N ILE I 54 -11.26 -16.60 -19.04
CA ILE I 54 -12.63 -16.16 -19.25
C ILE I 54 -13.40 -16.00 -17.95
N HIS I 55 -13.18 -16.85 -16.97
CA HIS I 55 -13.82 -16.67 -15.64
C HIS I 55 -13.39 -15.29 -15.04
N GLU I 56 -12.09 -14.98 -15.07
CA GLU I 56 -11.57 -13.70 -14.57
C GLU I 56 -12.01 -12.49 -15.39
N LEU I 57 -11.85 -12.58 -16.70
CA LEU I 57 -12.40 -11.55 -17.57
C LEU I 57 -13.91 -11.26 -17.30
N LEU I 58 -14.74 -12.27 -17.08
CA LEU I 58 -16.15 -12.01 -16.85
C LEU I 58 -16.34 -11.32 -15.50
N ASP I 59 -15.43 -11.57 -14.55
CA ASP I 59 -15.56 -10.96 -13.24
C ASP I 59 -15.24 -9.46 -13.39
N SER I 60 -14.32 -9.14 -14.30
CA SER I 60 -13.92 -7.76 -14.43
C SER I 60 -15.06 -6.97 -15.19
N VAL I 61 -15.70 -7.62 -16.17
CA VAL I 61 -16.84 -7.00 -16.85
C VAL I 61 -17.98 -6.74 -15.86
N VAL I 62 -18.19 -7.68 -14.96
CA VAL I 62 -19.23 -7.52 -13.96
C VAL I 62 -18.93 -6.36 -13.01
N ALA I 63 -17.67 -6.24 -12.58
CA ALA I 63 -17.30 -5.10 -11.71
C ALA I 63 -17.51 -3.78 -12.47
N HIS I 64 -17.14 -3.75 -13.76
CA HIS I 64 -17.38 -2.55 -14.58
C HIS I 64 -18.86 -2.21 -14.72
N ALA I 65 -19.67 -3.24 -15.02
CA ALA I 65 -21.08 -3.07 -15.14
C ALA I 65 -21.70 -2.47 -13.86
N GLN I 66 -21.23 -2.90 -12.69
CA GLN I 66 -21.84 -2.42 -11.46
C GLN I 66 -21.51 -0.91 -11.23
N ASP I 67 -20.26 -0.56 -11.55
CA ASP I 67 -19.79 0.82 -11.49
C ASP I 67 -20.56 1.68 -12.46
N TYR I 68 -20.78 1.18 -13.66
CA TYR I 68 -21.59 1.94 -14.64
C TYR I 68 -23.03 2.13 -14.20
N ALA I 69 -23.67 1.06 -13.69
CA ALA I 69 -25.08 1.15 -13.21
C ALA I 69 -25.11 2.22 -12.12
N ASP I 70 -24.09 2.22 -11.27
CA ASP I 70 -24.02 3.21 -10.18
C ASP I 70 -23.86 4.62 -10.65
N THR I 71 -22.90 4.86 -11.55
CA THR I 71 -22.80 6.20 -12.15
C THR I 71 -24.06 6.71 -12.84
N ALA I 72 -24.69 5.87 -13.63
CA ALA I 72 -25.87 6.32 -14.31
C ALA I 72 -26.98 6.57 -13.29
N ALA I 73 -27.17 5.64 -12.34
CA ALA I 73 -28.28 5.77 -11.38
C ALA I 73 -28.13 7.06 -10.58
N GLU I 74 -26.92 7.34 -10.17
CA GLU I 74 -26.73 8.50 -9.29
C GLU I 74 -26.76 9.84 -10.04
N ARG I 75 -26.46 9.83 -11.34
CA ARG I 75 -26.66 10.99 -12.13
C ARG I 75 -28.17 11.34 -12.13
N ILE I 76 -29.02 10.35 -12.33
CA ILE I 76 -30.53 10.60 -12.28
C ILE I 76 -30.96 11.11 -10.94
N VAL I 77 -30.50 10.46 -9.87
CA VAL I 77 -30.90 10.85 -8.55
C VAL I 77 -30.35 12.23 -8.18
N ALA I 78 -29.11 12.51 -8.56
CA ALA I 78 -28.56 13.87 -8.29
C ALA I 78 -29.35 15.01 -8.97
N LEU I 79 -30.03 14.71 -10.07
CA LEU I 79 -30.90 15.65 -10.74
C LEU I 79 -32.23 15.78 -10.11
N GLY I 80 -32.57 14.86 -9.19
CA GLY I 80 -33.76 15.02 -8.40
C GLY I 80 -34.93 14.08 -8.70
N LEU I 81 -34.73 13.07 -9.52
CA LEU I 81 -35.72 12.09 -9.84
C LEU I 81 -35.36 10.71 -9.29
N PRO I 82 -36.36 9.91 -8.88
CA PRO I 82 -36.13 8.54 -8.37
C PRO I 82 -35.73 7.56 -9.49
N ILE I 83 -35.18 6.41 -9.15
CA ILE I 83 -34.89 5.37 -10.17
C ILE I 83 -35.60 4.15 -9.59
N ASP I 84 -36.46 3.47 -10.37
CA ASP I 84 -36.95 2.12 -10.01
C ASP I 84 -36.08 0.97 -10.58
N SER I 85 -35.16 0.44 -9.80
CA SER I 85 -34.30 -0.60 -10.26
C SER I 85 -34.46 -1.84 -9.37
N ARG I 86 -35.62 -2.04 -8.79
CA ARG I 86 -35.88 -3.29 -8.13
C ARG I 86 -35.73 -4.45 -9.08
N VAL I 87 -35.46 -5.62 -8.49
CA VAL I 87 -35.33 -6.86 -9.23
C VAL I 87 -36.52 -7.07 -10.17
N SER I 88 -37.75 -6.88 -9.66
CA SER I 88 -38.97 -7.14 -10.48
C SER I 88 -39.02 -6.27 -11.76
N THR I 89 -38.75 -4.98 -11.60
CA THR I 89 -38.69 -4.01 -12.70
C THR I 89 -37.59 -4.31 -13.68
N MET I 90 -36.39 -4.58 -13.16
CA MET I 90 -35.24 -4.92 -13.99
C MET I 90 -35.54 -6.19 -14.79
N ALA I 91 -36.02 -7.24 -14.16
CA ALA I 91 -36.38 -8.43 -14.91
C ALA I 91 -37.43 -8.14 -16.01
N GLU I 92 -38.36 -7.22 -15.76
CA GLU I 92 -39.39 -6.84 -16.76
C GLU I 92 -38.90 -6.14 -18.01
N LYS I 93 -37.86 -5.31 -17.86
CA LYS I 93 -37.31 -4.44 -18.88
C LYS I 93 -36.06 -5.04 -19.53
N THR I 94 -35.81 -6.32 -19.30
CA THR I 94 -34.47 -6.79 -19.59
C THR I 94 -34.56 -8.25 -19.99
N SER I 95 -33.70 -8.72 -20.87
CA SER I 95 -33.65 -10.18 -21.10
C SER I 95 -32.19 -10.62 -21.40
N THR I 96 -31.96 -11.93 -21.41
CA THR I 96 -30.62 -12.44 -21.53
C THR I 96 -30.54 -13.71 -22.39
N ALA I 97 -29.47 -13.79 -23.20
CA ALA I 97 -29.10 -15.02 -23.89
C ALA I 97 -28.15 -15.91 -23.05
N VAL I 98 -27.77 -15.49 -21.83
CA VAL I 98 -26.87 -16.34 -21.02
C VAL I 98 -27.62 -17.65 -20.68
N PRO I 99 -27.01 -18.82 -21.01
CA PRO I 99 -27.69 -20.10 -20.70
C PRO I 99 -27.95 -20.31 -19.20
N ALA I 100 -28.87 -21.23 -18.87
CA ALA I 100 -29.29 -21.57 -17.50
C ALA I 100 -28.23 -22.34 -16.73
N GLY I 101 -27.35 -23.02 -17.44
CA GLY I 101 -26.47 -23.97 -16.78
C GLY I 101 -25.05 -23.88 -17.34
N PHE I 102 -24.31 -24.97 -17.19
CA PHE I 102 -22.98 -25.13 -17.77
C PHE I 102 -22.94 -24.78 -19.27
N ALA I 103 -21.94 -24.01 -19.71
CA ALA I 103 -21.76 -23.69 -21.14
C ALA I 103 -20.27 -23.47 -21.43
N GLN I 104 -19.87 -23.84 -22.65
CA GLN I 104 -18.56 -23.60 -23.16
C GLN I 104 -18.18 -22.10 -23.17
N TRP I 105 -16.90 -21.81 -22.93
CA TRP I 105 -16.49 -20.40 -22.96
C TRP I 105 -16.91 -19.59 -24.22
N GLN I 106 -16.92 -20.21 -25.42
CA GLN I 106 -17.33 -19.47 -26.64
C GLN I 106 -18.79 -19.05 -26.55
N ASP I 107 -19.61 -19.96 -26.05
CA ASP I 107 -21.03 -19.70 -25.91
C ASP I 107 -21.30 -18.64 -24.85
N GLU I 108 -20.57 -18.67 -23.76
CA GLU I 108 -20.74 -17.62 -22.73
C GLU I 108 -20.35 -16.27 -23.33
N ILE I 109 -19.21 -16.23 -24.03
CA ILE I 109 -18.87 -14.99 -24.71
C ILE I 109 -19.95 -14.46 -25.67
N LYS I 110 -20.43 -15.28 -26.56
CA LYS I 110 -21.44 -14.79 -27.49
C LYS I 110 -22.66 -14.26 -26.74
N ALA I 111 -23.06 -14.93 -25.63
CA ALA I 111 -24.26 -14.53 -24.86
C ALA I 111 -24.02 -13.16 -24.21
N ILE I 112 -22.85 -12.96 -23.60
CA ILE I 112 -22.53 -11.68 -22.98
C ILE I 112 -22.40 -10.57 -24.04
N VAL I 113 -21.80 -10.86 -25.21
CA VAL I 113 -21.69 -9.83 -26.25
C VAL I 113 -23.05 -9.41 -26.74
N SER I 114 -23.94 -10.38 -26.86
CA SER I 114 -25.32 -10.06 -27.17
C SER I 114 -25.98 -9.10 -26.14
N ASP I 115 -25.80 -9.34 -24.82
CA ASP I 115 -26.30 -8.43 -23.76
C ASP I 115 -25.60 -7.00 -23.88
N ILE I 116 -24.28 -7.00 -24.01
CA ILE I 116 -23.54 -5.76 -24.29
C ILE I 116 -24.04 -4.96 -25.53
N ASP I 117 -24.29 -5.65 -26.66
CA ASP I 117 -24.82 -4.98 -27.89
C ASP I 117 -26.14 -4.23 -27.61
N ALA I 118 -27.02 -4.85 -26.82
CA ALA I 118 -28.29 -4.18 -26.50
C ALA I 118 -28.05 -2.97 -25.60
N ALA I 119 -27.06 -3.04 -24.71
CA ALA I 119 -26.75 -1.94 -23.81
C ALA I 119 -26.12 -0.82 -24.67
N LEU I 120 -25.34 -1.18 -25.68
CA LEU I 120 -24.71 -0.18 -26.56
C LEU I 120 -25.75 0.61 -27.34
N VAL I 121 -26.83 -0.05 -27.82
CA VAL I 121 -27.94 0.64 -28.48
C VAL I 121 -28.58 1.68 -27.53
N ASP I 122 -28.79 1.32 -26.27
CA ASP I 122 -29.29 2.31 -25.28
C ASP I 122 -28.26 3.43 -24.97
N LEU I 123 -26.97 3.10 -24.88
CA LEU I 123 -25.95 4.14 -24.64
C LEU I 123 -25.92 5.13 -25.81
N GLN I 124 -25.90 4.64 -27.05
CA GLN I 124 -25.93 5.54 -28.22
C GLN I 124 -27.20 6.42 -28.30
N ALA I 125 -28.36 5.82 -28.05
CA ALA I 125 -29.63 6.58 -27.95
C ALA I 125 -29.54 7.65 -26.86
N ALA I 126 -28.91 7.34 -25.70
CA ALA I 126 -28.73 8.38 -24.65
C ALA I 126 -27.79 9.50 -25.13
N ILE I 127 -26.69 9.11 -25.78
CA ILE I 127 -25.73 10.05 -26.33
C ILE I 127 -26.30 11.05 -27.34
N ASP I 128 -27.05 10.53 -28.31
CA ASP I 128 -27.77 11.38 -29.29
C ASP I 128 -28.93 12.11 -28.61
N GLY I 129 -29.63 11.47 -27.69
CA GLY I 129 -30.77 12.17 -27.09
C GLY I 129 -30.36 13.30 -26.14
N LEU I 130 -29.15 13.25 -25.58
CA LEU I 130 -28.79 14.24 -24.55
C LEU I 130 -27.99 15.40 -25.12
N ASP I 131 -27.61 15.28 -26.39
CA ASP I 131 -26.86 16.32 -27.11
C ASP I 131 -27.45 17.72 -26.93
N GLU I 132 -28.76 17.87 -27.10
CA GLU I 132 -29.32 19.23 -27.06
C GLU I 132 -30.00 19.56 -25.75
N VAL I 133 -29.77 18.73 -24.75
CA VAL I 133 -30.46 18.92 -23.49
C VAL I 133 -29.50 19.04 -22.28
N ASP I 134 -28.58 18.10 -22.14
CA ASP I 134 -27.74 18.09 -20.96
C ASP I 134 -26.43 17.39 -21.27
N LEU I 135 -25.43 18.22 -21.50
CA LEU I 135 -24.06 17.80 -21.82
C LEU I 135 -23.39 17.04 -20.66
N THR I 136 -23.76 17.39 -19.43
CA THR I 136 -23.23 16.70 -18.25
C THR I 136 -23.73 15.24 -18.14
N SER I 137 -25.03 15.02 -18.33
CA SER I 137 -25.56 13.66 -18.39
C SER I 137 -25.09 12.95 -19.67
N GLN I 138 -25.06 13.66 -20.80
CA GLN I 138 -24.40 13.12 -21.98
C GLN I 138 -23.01 12.59 -21.68
N ASP I 139 -22.23 13.31 -20.87
CA ASP I 139 -20.85 12.88 -20.62
C ASP I 139 -20.81 11.52 -19.87
N VAL I 140 -21.86 11.23 -19.09
CA VAL I 140 -21.89 10.01 -18.28
C VAL I 140 -22.12 8.86 -19.25
N ALA I 141 -23.06 9.00 -20.17
CA ALA I 141 -23.29 7.92 -21.18
C ALA I 141 -22.03 7.73 -22.04
N ILE I 142 -21.32 8.81 -22.36
CA ILE I 142 -20.13 8.67 -23.19
C ILE I 142 -19.05 7.89 -22.42
N GLU I 143 -18.80 8.27 -21.18
CA GLU I 143 -17.81 7.54 -20.38
C GLU I 143 -18.15 6.04 -20.20
N ILE I 144 -19.41 5.72 -19.94
CA ILE I 144 -19.83 4.32 -19.90
C ILE I 144 -19.59 3.60 -21.25
N LYS I 145 -19.90 4.26 -22.37
CA LYS I 145 -19.85 3.60 -23.70
C LYS I 145 -18.36 3.30 -24.04
N ARG I 146 -17.44 4.23 -23.70
CA ARG I 146 -16.04 3.96 -23.83
C ARG I 146 -15.63 2.64 -23.14
N GLY I 147 -15.98 2.50 -21.87
CA GLY I 147 -15.65 1.24 -21.13
C GLY I 147 -16.32 -0.01 -21.73
N VAL I 148 -17.62 0.07 -22.06
CA VAL I 148 -18.34 -1.08 -22.62
C VAL I 148 -17.86 -1.49 -24.02
N ASP I 149 -17.48 -0.53 -24.86
CA ASP I 149 -16.87 -0.83 -26.16
C ASP I 149 -15.56 -1.59 -25.93
N LYS I 150 -14.81 -1.22 -24.92
CA LYS I 150 -13.53 -1.89 -24.65
C LYS I 150 -13.75 -3.33 -24.14
N ASP I 151 -14.65 -3.52 -23.16
CA ASP I 151 -15.12 -4.88 -22.74
C ASP I 151 -15.61 -5.75 -23.88
N ARG I 152 -16.42 -5.19 -24.76
CA ARG I 152 -16.88 -5.95 -25.89
C ARG I 152 -15.72 -6.49 -26.76
N TRP I 153 -14.73 -5.64 -27.04
CA TRP I 153 -13.52 -6.08 -27.75
C TRP I 153 -12.74 -7.17 -26.99
N PHE I 154 -12.50 -7.01 -25.68
CA PHE I 154 -11.72 -7.99 -24.89
C PHE I 154 -12.42 -9.34 -25.00
N LEU I 155 -13.73 -9.34 -24.86
CA LEU I 155 -14.52 -10.55 -25.05
C LEU I 155 -14.48 -11.07 -26.48
N LEU I 156 -14.86 -10.28 -27.47
CA LEU I 156 -15.07 -10.81 -28.81
C LEU I 156 -13.75 -11.18 -29.60
N ALA I 157 -12.63 -10.54 -29.27
CA ALA I 157 -11.36 -10.80 -29.89
C ALA I 157 -10.98 -12.31 -29.74
N HIS I 158 -11.54 -12.99 -28.73
CA HIS I 158 -11.25 -14.43 -28.51
C HIS I 158 -11.87 -15.31 -29.61
N LEU I 159 -12.86 -14.79 -30.33
CA LEU I 159 -13.59 -15.58 -31.33
C LEU I 159 -13.20 -15.11 -32.70
N ALA I 160 -12.35 -14.07 -32.80
CA ALA I 160 -12.01 -13.43 -34.08
C ALA I 160 -11.37 -14.46 -34.95
N GLU I 161 -10.45 -15.22 -34.38
CA GLU I 161 -10.29 -16.58 -34.93
C GLU I 161 -9.43 -17.57 -34.12
N ASP J 14 38.10 -22.25 3.79
CA ASP J 14 39.45 -21.74 3.35
C ASP J 14 39.62 -20.20 3.63
N PRO J 15 40.46 -19.88 4.67
CA PRO J 15 40.76 -18.51 5.16
C PRO J 15 41.12 -17.48 4.07
N GLU J 16 41.71 -17.93 2.97
CA GLU J 16 42.13 -17.05 1.87
C GLU J 16 40.99 -16.27 1.19
N VAL J 17 39.86 -16.93 0.94
CA VAL J 17 38.68 -16.25 0.46
C VAL J 17 38.20 -15.17 1.41
N ALA J 18 38.12 -15.49 2.69
CA ALA J 18 37.55 -14.51 3.60
C ALA J 18 38.57 -13.34 3.68
N ALA J 19 39.88 -13.67 3.76
CA ALA J 19 40.92 -12.61 3.83
C ALA J 19 40.87 -11.67 2.64
N ALA J 20 40.68 -12.20 1.42
CA ALA J 20 40.56 -11.37 0.21
C ALA J 20 39.38 -10.47 0.23
N ALA J 21 38.20 -10.98 0.60
CA ALA J 21 37.02 -10.12 0.81
C ALA J 21 37.29 -8.98 1.78
N ALA J 22 37.81 -9.30 2.98
CA ALA J 22 38.06 -8.24 3.92
C ALA J 22 39.03 -7.26 3.29
N GLN J 23 40.03 -7.77 2.62
CA GLN J 23 41.07 -6.90 2.13
C GLN J 23 40.51 -5.91 1.10
N PHE J 24 39.69 -6.41 0.19
CA PHE J 24 39.21 -5.58 -0.87
C PHE J 24 37.90 -4.83 -0.56
N LEU J 25 37.08 -5.40 0.34
CA LEU J 25 35.81 -4.79 0.58
C LEU J 25 35.78 -3.79 1.71
N THR J 26 36.71 -3.90 2.64
CA THR J 26 36.79 -3.01 3.77
C THR J 26 36.94 -1.52 3.36
N PRO J 27 37.77 -1.23 2.34
CA PRO J 27 37.89 0.20 1.99
C PRO J 27 36.56 0.70 1.41
N VAL J 28 35.78 -0.23 0.82
CA VAL J 28 34.52 0.14 0.23
C VAL J 28 33.56 0.52 1.35
N VAL J 29 33.56 -0.28 2.44
CA VAL J 29 32.70 0.05 3.61
C VAL J 29 33.02 1.44 4.19
N HIS J 30 34.30 1.72 4.39
CA HIS J 30 34.71 3.01 4.99
C HIS J 30 34.35 4.18 4.15
N LYS J 31 34.59 4.07 2.84
CA LYS J 31 34.24 5.21 1.96
C LYS J 31 32.74 5.40 1.75
N MET J 32 31.96 4.31 1.66
CA MET J 32 30.47 4.43 1.59
C MET J 32 29.92 4.96 2.88
N GLN J 33 30.45 4.50 4.00
CA GLN J 33 29.97 5.01 5.29
C GLN J 33 30.32 6.48 5.48
N ALA J 34 31.53 6.90 5.10
CA ALA J 34 31.92 8.28 5.13
C ALA J 34 31.07 9.19 4.22
N LEU J 35 30.67 8.67 3.06
CA LEU J 35 29.81 9.35 2.10
C LEU J 35 28.40 9.58 2.66
N VAL J 36 27.91 8.67 3.50
CA VAL J 36 26.65 8.90 4.22
C VAL J 36 26.76 10.16 5.08
N VAL J 37 27.81 10.22 5.90
CA VAL J 37 28.03 11.38 6.82
C VAL J 37 28.33 12.69 6.07
N ASN J 38 29.27 12.63 5.14
CA ASN J 38 29.67 13.81 4.37
C ASN J 38 28.54 14.20 3.38
N GLY J 39 27.76 13.24 2.90
CA GLY J 39 26.64 13.60 1.99
C GLY J 39 25.55 14.28 2.81
N LYS J 40 25.32 13.83 4.05
CA LYS J 40 24.38 14.54 4.93
C LYS J 40 24.86 15.97 5.19
N GLN J 41 26.16 16.12 5.38
CA GLN J 41 26.75 17.44 5.56
C GLN J 41 26.47 18.37 4.34
N ALA J 42 26.60 17.81 3.15
CA ALA J 42 26.34 18.60 1.93
C ALA J 42 24.85 18.87 1.77
N HIS J 43 24.03 17.87 2.04
CA HIS J 43 22.54 17.96 2.07
C HIS J 43 21.99 19.06 2.99
N TRP J 44 22.47 19.15 4.21
CA TRP J 44 22.15 20.25 5.16
C TRP J 44 22.61 21.67 4.73
N ASN J 45 23.85 21.79 4.23
CA ASN J 45 24.49 23.08 4.03
C ASN J 45 24.42 23.64 2.56
N VAL J 46 23.84 22.88 1.62
CA VAL J 46 23.79 23.32 0.23
C VAL J 46 22.92 24.59 0.09
N ARG J 47 23.28 25.49 -0.82
CA ARG J 47 22.55 26.78 -1.01
C ARG J 47 22.40 27.05 -2.50
N GLY J 48 21.50 27.93 -2.94
CA GLY J 48 21.51 28.34 -4.36
C GLY J 48 20.28 27.97 -5.17
N SER J 49 20.28 28.40 -6.46
CA SER J 49 19.11 28.35 -7.34
C SER J 49 18.55 26.98 -7.46
N ASN J 50 19.45 26.00 -7.37
CA ASN J 50 19.10 24.60 -7.40
C ASN J 50 18.83 23.86 -6.09
N PHE J 51 18.56 24.60 -5.02
CA PHE J 51 18.58 24.03 -3.70
C PHE J 51 17.74 22.76 -3.57
N ILE J 52 16.50 22.82 -3.96
CA ILE J 52 15.60 21.75 -3.58
C ILE J 52 15.89 20.43 -4.34
N ALA J 53 16.21 20.54 -5.64
CA ALA J 53 16.56 19.40 -6.45
C ALA J 53 17.83 18.73 -5.93
N ILE J 54 18.83 19.55 -5.58
CA ILE J 54 20.10 19.02 -5.12
C ILE J 54 20.08 18.49 -3.66
N HIS J 55 19.39 19.22 -2.79
CA HIS J 55 19.04 18.79 -1.48
C HIS J 55 18.42 17.40 -1.58
N GLU J 56 17.41 17.22 -2.42
CA GLU J 56 16.80 15.87 -2.51
C GLU J 56 17.71 14.82 -3.19
N LEU J 57 18.43 15.21 -4.22
CA LEU J 57 19.36 14.28 -4.87
C LEU J 57 20.43 13.79 -3.92
N LEU J 58 21.04 14.68 -3.15
CA LEU J 58 21.99 14.25 -2.08
C LEU J 58 21.35 13.31 -1.04
N ASP J 59 20.09 13.48 -0.67
CA ASP J 59 19.47 12.46 0.23
C ASP J 59 19.43 11.05 -0.38
N SER J 60 19.22 11.06 -1.67
CA SER J 60 19.09 9.83 -2.35
C SER J 60 20.48 9.18 -2.50
N VAL J 61 21.50 9.98 -2.76
CA VAL J 61 22.89 9.46 -2.71
C VAL J 61 23.29 8.88 -1.35
N VAL J 62 22.94 9.60 -0.30
CA VAL J 62 23.17 9.11 1.02
C VAL J 62 22.46 7.78 1.28
N ALA J 63 21.18 7.66 0.91
CA ALA J 63 20.48 6.41 1.17
C ALA J 63 21.19 5.25 0.44
N HIS J 64 21.56 5.44 -0.84
CA HIS J 64 22.34 4.42 -1.58
C HIS J 64 23.66 4.09 -0.88
N ALA J 65 24.40 5.14 -0.47
CA ALA J 65 25.66 4.89 0.15
C ALA J 65 25.49 4.01 1.43
N GLN J 66 24.41 4.24 2.19
CA GLN J 66 24.23 3.50 3.41
C GLN J 66 23.93 2.03 3.03
N ASP J 67 23.13 1.86 1.96
CA ASP J 67 22.75 0.52 1.52
C ASP J 67 24.03 -0.21 1.09
N TYR J 68 24.88 0.46 0.33
CA TYR J 68 26.13 -0.18 -0.15
C TYR J 68 27.10 -0.56 0.99
N ALA J 69 27.26 0.32 1.98
CA ALA J 69 28.15 0.09 3.13
C ALA J 69 27.63 -1.17 3.85
N ASP J 70 26.31 -1.27 4.00
CA ASP J 70 25.73 -2.49 4.58
C ASP J 70 25.98 -3.74 3.87
N THR J 71 25.68 -3.74 2.59
CA THR J 71 25.85 -4.88 1.76
C THR J 71 27.33 -5.36 1.75
N ALA J 72 28.26 -4.42 1.59
CA ALA J 72 29.66 -4.80 1.60
C ALA J 72 30.09 -5.31 3.00
N ALA J 73 29.67 -4.66 4.07
CA ALA J 73 30.07 -5.08 5.43
C ALA J 73 29.52 -6.46 5.74
N GLU J 74 28.25 -6.68 5.39
CA GLU J 74 27.60 -7.96 5.67
C GLU J 74 28.18 -9.13 4.87
N ARG J 75 28.69 -8.82 3.68
CA ARG J 75 29.49 -9.79 2.92
C ARG J 75 30.74 -10.20 3.71
N ILE J 76 31.48 -9.25 4.26
CA ILE J 76 32.68 -9.58 5.03
C ILE J 76 32.36 -10.41 6.24
N VAL J 77 31.29 -10.00 6.95
CA VAL J 77 30.94 -10.68 8.18
C VAL J 77 30.40 -12.09 7.89
N ALA J 78 29.64 -12.22 6.80
CA ALA J 78 29.06 -13.54 6.45
C ALA J 78 30.20 -14.50 6.12
N LEU J 79 31.32 -13.98 5.63
CA LEU J 79 32.47 -14.85 5.34
C LEU J 79 33.26 -15.17 6.59
N GLY J 80 32.88 -14.61 7.73
CA GLY J 80 33.51 -15.00 9.00
C GLY J 80 34.48 -14.00 9.61
N LEU J 81 34.61 -12.81 9.03
CA LEU J 81 35.60 -11.86 9.51
C LEU J 81 35.01 -10.59 10.08
N PRO J 82 35.65 -10.00 11.10
CA PRO J 82 35.05 -8.79 11.68
C PRO J 82 35.28 -7.59 10.76
N ILE J 83 34.60 -6.49 11.05
CA ILE J 83 34.89 -5.27 10.32
C ILE J 83 35.01 -4.15 11.35
N ASP J 84 35.98 -3.26 11.18
CA ASP J 84 36.11 -2.17 12.12
C ASP J 84 35.69 -0.91 11.40
N SER J 85 34.45 -0.49 11.57
CA SER J 85 34.05 0.79 11.03
C SER J 85 33.46 1.65 12.14
N ARG J 86 34.12 1.64 13.29
CA ARG J 86 33.92 2.69 14.27
C ARG J 86 34.22 4.05 13.62
N VAL J 87 33.63 5.10 14.20
CA VAL J 87 33.86 6.42 13.72
C VAL J 87 35.34 6.73 13.61
N SER J 88 36.11 6.43 14.68
CA SER J 88 37.53 6.79 14.71
C SER J 88 38.35 6.14 13.58
N THR J 89 38.17 4.84 13.37
CA THR J 89 38.72 4.14 12.22
C THR J 89 38.28 4.74 10.90
N MET J 90 36.99 4.89 10.73
CA MET J 90 36.50 5.47 9.51
C MET J 90 37.21 6.82 9.23
N ALA J 91 37.45 7.66 10.24
CA ALA J 91 38.02 8.96 10.01
C ALA J 91 39.56 8.89 9.74
N GLU J 92 40.27 7.94 10.37
CA GLU J 92 41.70 7.74 10.04
C GLU J 92 41.79 7.34 8.58
N LYS J 93 40.81 6.57 8.11
CA LYS J 93 40.87 5.97 6.79
C LYS J 93 40.34 6.79 5.63
N THR J 94 39.83 7.98 5.88
CA THR J 94 38.94 8.58 4.93
C THR J 94 39.16 10.13 4.97
N SER J 95 38.94 10.81 3.85
CA SER J 95 38.98 12.28 3.81
C SER J 95 37.88 12.82 2.91
N THR J 96 37.60 14.10 3.08
CA THR J 96 36.51 14.68 2.32
C THR J 96 36.89 16.07 1.83
N ALA J 97 36.35 16.45 0.67
CA ALA J 97 36.36 17.80 0.13
C ALA J 97 35.06 18.55 0.47
N VAL J 98 34.08 17.92 1.11
CA VAL J 98 32.83 18.63 1.40
C VAL J 98 33.17 19.81 2.36
N PRO J 99 32.75 21.06 2.05
CA PRO J 99 33.04 22.24 2.89
C PRO J 99 32.46 22.15 4.31
N ALA J 100 33.07 22.87 5.23
CA ALA J 100 32.69 22.85 6.64
C ALA J 100 31.34 23.57 6.90
N GLY J 101 30.96 24.49 6.00
CA GLY J 101 29.73 25.28 6.17
C GLY J 101 28.85 25.38 4.91
N PHE J 102 28.13 26.48 4.78
CA PHE J 102 27.32 26.82 3.58
C PHE J 102 28.12 26.84 2.28
N ALA J 103 27.59 26.23 1.24
CA ALA J 103 28.27 26.21 -0.01
C ALA J 103 27.23 26.17 -1.13
N GLN J 104 27.55 26.84 -2.22
CA GLN J 104 26.73 26.77 -3.43
C GLN J 104 26.57 25.33 -3.91
N TRP J 105 25.45 25.05 -4.57
CA TRP J 105 25.19 23.71 -4.98
C TRP J 105 26.26 23.15 -5.94
N GLN J 106 26.83 24.00 -6.81
CA GLN J 106 27.87 23.55 -7.72
C GLN J 106 29.12 23.04 -6.96
N ASP J 107 29.52 23.74 -5.91
CA ASP J 107 30.66 23.30 -5.07
C ASP J 107 30.33 22.03 -4.25
N GLU J 108 29.06 21.81 -3.88
CA GLU J 108 28.76 20.60 -3.15
C GLU J 108 28.82 19.44 -4.11
N ILE J 109 28.29 19.63 -5.33
CA ILE J 109 28.43 18.61 -6.30
C ILE J 109 29.87 18.27 -6.62
N LYS J 110 30.74 19.26 -6.78
CA LYS J 110 32.12 18.90 -7.11
C LYS J 110 32.82 18.16 -5.96
N ALA J 111 32.49 18.52 -4.71
CA ALA J 111 33.14 17.89 -3.57
C ALA J 111 32.64 16.44 -3.40
N ILE J 112 31.34 16.22 -3.56
CA ILE J 112 30.75 14.86 -3.46
C ILE J 112 31.24 13.95 -4.63
N VAL J 113 31.32 14.52 -5.84
CA VAL J 113 31.86 13.72 -6.93
C VAL J 113 33.32 13.36 -6.66
N SER J 114 34.08 14.23 -6.04
CA SER J 114 35.45 13.88 -5.76
C SER J 114 35.58 12.70 -4.71
N ASP J 115 34.69 12.66 -3.70
CA ASP J 115 34.59 11.58 -2.73
C ASP J 115 34.12 10.30 -3.51
N ILE J 116 33.14 10.45 -4.43
CA ILE J 116 32.70 9.31 -5.28
C ILE J 116 33.85 8.75 -6.16
N ASP J 117 34.56 9.61 -6.85
CA ASP J 117 35.74 9.17 -7.61
C ASP J 117 36.73 8.31 -6.82
N ALA J 118 37.05 8.70 -5.57
CA ALA J 118 37.99 7.89 -4.75
C ALA J 118 37.35 6.54 -4.37
N ALA J 119 36.02 6.48 -4.20
CA ALA J 119 35.34 5.20 -3.90
C ALA J 119 35.36 4.27 -5.15
N LEU J 120 35.26 4.88 -6.33
CA LEU J 120 35.40 4.20 -7.63
C LEU J 120 36.76 3.53 -7.82
N VAL J 121 37.82 4.23 -7.40
CA VAL J 121 39.17 3.64 -7.42
C VAL J 121 39.15 2.37 -6.53
N ASP J 122 38.62 2.46 -5.31
CA ASP J 122 38.54 1.22 -4.42
C ASP J 122 37.59 0.14 -4.93
N LEU J 123 36.50 0.55 -5.58
CA LEU J 123 35.60 -0.44 -6.17
C LEU J 123 36.25 -1.19 -7.30
N GLN J 124 36.95 -0.48 -8.19
CA GLN J 124 37.60 -1.12 -9.33
C GLN J 124 38.73 -2.05 -8.90
N ALA J 125 39.43 -1.67 -7.83
CA ALA J 125 40.49 -2.49 -7.29
C ALA J 125 39.90 -3.78 -6.72
N ALA J 126 38.69 -3.68 -6.13
CA ALA J 126 38.01 -4.82 -5.55
C ALA J 126 37.61 -5.74 -6.67
N ILE J 127 36.93 -5.21 -7.72
CA ILE J 127 36.53 -6.00 -8.90
C ILE J 127 37.73 -6.74 -9.51
N ASP J 128 38.84 -6.01 -9.72
CA ASP J 128 40.09 -6.67 -10.21
C ASP J 128 40.66 -7.63 -9.20
N GLY J 129 40.80 -7.23 -7.95
CA GLY J 129 41.35 -8.15 -6.97
C GLY J 129 40.52 -9.40 -6.71
N LEU J 130 39.19 -9.31 -6.82
CA LEU J 130 38.39 -10.49 -6.47
C LEU J 130 38.13 -11.48 -7.63
N ASP J 131 38.54 -11.08 -8.82
CA ASP J 131 38.35 -11.84 -10.07
C ASP J 131 38.88 -13.26 -9.99
N GLU J 132 40.03 -13.45 -9.41
CA GLU J 132 40.60 -14.80 -9.40
C GLU J 132 40.33 -15.54 -8.10
N VAL J 133 39.59 -14.93 -7.18
CA VAL J 133 39.52 -15.41 -5.83
C VAL J 133 38.09 -15.72 -5.38
N ASP J 134 37.16 -14.77 -5.58
CA ASP J 134 35.82 -15.01 -5.06
C ASP J 134 34.84 -14.22 -5.89
N LEU J 135 34.19 -14.92 -6.81
CA LEU J 135 33.28 -14.30 -7.72
C LEU J 135 32.03 -13.78 -7.04
N THR J 136 31.66 -14.35 -5.91
CA THR J 136 30.46 -13.96 -5.21
C THR J 136 30.67 -12.58 -4.54
N SER J 137 31.83 -12.39 -3.93
CA SER J 137 32.18 -11.08 -3.35
C SER J 137 32.42 -10.02 -4.48
N GLN J 138 32.98 -10.45 -5.63
CA GLN J 138 33.17 -9.55 -6.77
C GLN J 138 31.81 -9.05 -7.27
N ASP J 139 30.78 -9.91 -7.24
CA ASP J 139 29.42 -9.46 -7.62
C ASP J 139 28.94 -8.34 -6.73
N VAL J 140 29.27 -8.41 -5.43
CA VAL J 140 28.97 -7.31 -4.52
C VAL J 140 29.62 -6.01 -4.97
N ALA J 141 30.93 -6.04 -5.28
CA ALA J 141 31.60 -4.82 -5.73
C ALA J 141 30.96 -4.30 -7.01
N ILE J 142 30.64 -5.20 -7.92
CA ILE J 142 30.09 -4.79 -9.26
C ILE J 142 28.72 -4.11 -9.07
N GLU J 143 27.83 -4.74 -8.28
CA GLU J 143 26.55 -4.16 -8.04
C GLU J 143 26.68 -2.76 -7.38
N ILE J 144 27.68 -2.57 -6.49
CA ILE J 144 27.83 -1.25 -5.86
C ILE J 144 28.38 -0.23 -6.90
N LYS J 145 29.40 -0.63 -7.67
CA LYS J 145 29.89 0.22 -8.72
C LYS J 145 28.84 0.67 -9.75
N ARG J 146 27.93 -0.23 -10.15
CA ARG J 146 26.82 0.19 -11.05
C ARG J 146 26.08 1.38 -10.46
N GLY J 147 25.72 1.25 -9.18
CA GLY J 147 24.90 2.23 -8.51
C GLY J 147 25.66 3.52 -8.35
N VAL J 148 26.92 3.44 -7.95
CA VAL J 148 27.77 4.65 -7.71
C VAL J 148 28.06 5.39 -9.03
N ASP J 149 28.26 4.67 -10.13
CA ASP J 149 28.55 5.25 -11.46
C ASP J 149 27.30 6.03 -11.91
N LYS J 150 26.10 5.53 -11.59
CA LYS J 150 24.92 6.22 -12.00
C LYS J 150 24.67 7.51 -11.16
N ASP J 151 24.80 7.39 -9.83
CA ASP J 151 24.86 8.58 -8.93
C ASP J 151 25.86 9.64 -9.35
N ARG J 152 27.07 9.22 -9.70
CA ARG J 152 28.08 10.12 -10.24
C ARG J 152 27.55 10.97 -11.46
N TRP J 153 26.91 10.30 -12.45
CA TRP J 153 26.40 10.93 -13.64
C TRP J 153 25.26 11.96 -13.26
N PHE J 154 24.37 11.55 -12.38
CA PHE J 154 23.23 12.37 -11.97
C PHE J 154 23.76 13.65 -11.33
N LEU J 155 24.86 13.55 -10.57
CA LEU J 155 25.50 14.72 -9.99
C LEU J 155 26.17 15.60 -11.01
N LEU J 156 27.06 15.02 -11.77
CA LEU J 156 27.91 15.72 -12.74
C LEU J 156 27.22 16.29 -14.00
N ALA J 157 26.15 15.66 -14.45
CA ALA J 157 25.36 16.11 -15.60
C ALA J 157 24.96 17.58 -15.40
N HIS J 158 24.81 17.99 -14.12
CA HIS J 158 24.36 19.35 -13.75
C HIS J 158 25.44 20.40 -14.15
N LEU J 159 26.71 19.99 -14.18
CA LEU J 159 27.81 20.89 -14.49
C LEU J 159 28.25 20.72 -15.94
N ALA J 160 27.58 19.86 -16.71
CA ALA J 160 27.91 19.63 -18.14
C ALA J 160 27.70 20.91 -18.95
N GLU J 161 26.72 21.73 -18.54
CA GLU J 161 26.98 23.20 -18.33
C GLU J 161 25.77 24.12 -18.15
N ALA K 10 1.27 30.43 -25.21
CA ALA K 10 2.15 30.95 -26.31
C ALA K 10 1.60 30.83 -27.80
N LEU K 11 2.50 31.01 -28.78
CA LEU K 11 2.29 30.71 -30.25
C LEU K 11 1.25 31.53 -31.11
N THR K 12 1.13 31.13 -32.38
CA THR K 12 0.01 31.50 -33.28
C THR K 12 -1.33 30.78 -32.84
N ALA K 13 -1.27 30.14 -31.67
CA ALA K 13 -2.37 29.39 -31.05
C ALA K 13 -3.56 30.33 -30.76
N ASP K 14 -4.35 30.59 -31.82
CA ASP K 14 -5.40 31.67 -31.86
C ASP K 14 -5.86 32.27 -30.50
N PRO K 15 -5.56 33.58 -30.27
CA PRO K 15 -5.65 34.18 -28.92
C PRO K 15 -7.07 34.19 -28.28
N GLU K 16 -8.12 34.03 -29.12
CA GLU K 16 -9.53 34.05 -28.68
C GLU K 16 -10.00 32.80 -27.91
N VAL K 17 -9.34 31.67 -28.15
CA VAL K 17 -9.56 30.45 -27.40
C VAL K 17 -9.06 30.63 -25.97
N ALA K 18 -7.78 30.98 -25.81
CA ALA K 18 -7.29 31.35 -24.48
C ALA K 18 -8.22 32.39 -23.85
N ALA K 19 -8.61 33.49 -24.54
CA ALA K 19 -9.45 34.50 -23.86
C ALA K 19 -10.80 33.94 -23.41
N ALA K 20 -11.41 33.05 -24.18
CA ALA K 20 -12.69 32.41 -23.76
C ALA K 20 -12.59 31.48 -22.55
N ALA K 21 -11.51 30.68 -22.45
CA ALA K 21 -11.27 29.94 -21.23
C ALA K 21 -11.11 30.88 -20.05
N ALA K 22 -10.29 31.92 -20.20
CA ALA K 22 -10.13 32.76 -19.01
C ALA K 22 -11.49 33.38 -18.65
N GLN K 23 -12.25 33.81 -19.65
CA GLN K 23 -13.50 34.45 -19.28
C GLN K 23 -14.46 33.44 -18.63
N PHE K 24 -14.54 32.22 -19.14
CA PHE K 24 -15.59 31.35 -18.55
C PHE K 24 -15.14 30.52 -17.34
N LEU K 25 -13.84 30.27 -17.24
CA LEU K 25 -13.34 29.41 -16.16
C LEU K 25 -12.88 30.20 -14.93
N THR K 26 -12.56 31.48 -15.12
CA THR K 26 -12.11 32.35 -14.02
C THR K 26 -13.17 32.41 -12.86
N PRO K 27 -14.48 32.55 -13.17
CA PRO K 27 -15.45 32.49 -12.06
C PRO K 27 -15.52 31.13 -11.37
N VAL K 28 -15.27 30.04 -12.11
CA VAL K 28 -15.21 28.75 -11.50
C VAL K 28 -14.02 28.63 -10.54
N VAL K 29 -12.85 29.12 -10.93
CA VAL K 29 -11.70 29.13 -10.02
C VAL K 29 -12.07 29.91 -8.72
N HIS K 30 -12.59 31.15 -8.88
CA HIS K 30 -12.96 31.94 -7.71
C HIS K 30 -13.94 31.28 -6.75
N LYS K 31 -15.04 30.77 -7.27
CA LYS K 31 -16.05 30.18 -6.39
C LYS K 31 -15.61 28.86 -5.84
N MET K 32 -14.85 28.06 -6.59
CA MET K 32 -14.32 26.79 -6.02
C MET K 32 -13.29 27.00 -4.94
N GLN K 33 -12.38 27.97 -5.14
CA GLN K 33 -11.40 28.33 -4.12
C GLN K 33 -12.07 28.98 -2.89
N ALA K 34 -13.16 29.72 -3.09
CA ALA K 34 -13.97 30.28 -1.97
C ALA K 34 -14.66 29.16 -1.16
N LEU K 35 -15.28 28.22 -1.87
CA LEU K 35 -15.81 27.02 -1.28
C LEU K 35 -14.82 26.17 -0.42
N VAL K 36 -13.53 26.13 -0.78
CA VAL K 36 -12.51 25.53 0.07
C VAL K 36 -12.54 26.25 1.41
N VAL K 37 -12.53 27.59 1.38
CA VAL K 37 -12.36 28.33 2.63
C VAL K 37 -13.63 28.35 3.46
N ASN K 38 -14.76 28.64 2.80
CA ASN K 38 -16.05 28.66 3.50
C ASN K 38 -16.51 27.28 3.88
N GLY K 39 -16.04 26.25 3.17
CA GLY K 39 -16.32 24.85 3.55
C GLY K 39 -15.54 24.46 4.80
N LYS K 40 -14.28 24.90 4.91
CA LYS K 40 -13.50 24.62 6.15
C LYS K 40 -14.18 25.30 7.30
N GLN K 41 -14.57 26.55 7.10
CA GLN K 41 -15.35 27.26 8.14
C GLN K 41 -16.55 26.44 8.65
N ALA K 42 -17.41 25.98 7.70
CA ALA K 42 -18.58 25.17 8.02
C ALA K 42 -18.15 23.85 8.73
N HIS K 43 -17.03 23.26 8.32
CA HIS K 43 -16.51 22.01 8.89
C HIS K 43 -16.06 22.18 10.35
N TRP K 44 -15.44 23.32 10.65
CA TRP K 44 -14.93 23.56 12.00
C TRP K 44 -16.04 23.90 12.97
N ASN K 45 -17.05 24.62 12.45
CA ASN K 45 -18.06 25.24 13.31
C ASN K 45 -19.39 24.52 13.34
N VAL K 46 -19.55 23.44 12.59
CA VAL K 46 -20.80 22.67 12.58
C VAL K 46 -21.12 21.95 13.92
N ARG K 47 -22.43 21.83 14.22
CA ARG K 47 -22.90 21.27 15.50
C ARG K 47 -24.17 20.43 15.29
N GLY K 48 -24.44 19.60 16.26
CA GLY K 48 -25.71 18.96 16.33
C GLY K 48 -25.66 17.49 16.05
N SER K 49 -26.85 16.88 16.01
CA SER K 49 -26.97 15.43 16.14
C SER K 49 -26.30 14.64 14.98
N ASN K 50 -26.08 15.29 13.84
CA ASN K 50 -25.37 14.71 12.75
C ASN K 50 -23.91 15.17 12.63
N PHE K 51 -23.36 15.73 13.68
CA PHE K 51 -21.98 16.24 13.65
C PHE K 51 -20.97 15.41 12.86
N ILE K 52 -20.70 14.17 13.27
CA ILE K 52 -19.56 13.46 12.68
C ILE K 52 -19.67 13.27 11.16
N ALA K 53 -20.81 12.76 10.71
CA ALA K 53 -21.03 12.49 9.29
C ALA K 53 -20.89 13.78 8.47
N ILE K 54 -21.48 14.89 8.98
CA ILE K 54 -21.47 16.13 8.23
C ILE K 54 -20.11 16.85 8.28
N HIS K 55 -19.41 16.70 9.39
CA HIS K 55 -18.09 17.28 9.54
C HIS K 55 -17.19 16.59 8.50
N GLU K 56 -17.34 15.28 8.40
CA GLU K 56 -16.65 14.50 7.38
C GLU K 56 -17.04 14.79 5.94
N LEU K 57 -18.34 14.87 5.67
CA LEU K 57 -18.78 15.14 4.35
C LEU K 57 -18.26 16.56 3.90
N LEU K 58 -18.25 17.53 4.80
CA LEU K 58 -17.79 18.83 4.42
C LEU K 58 -16.34 18.77 4.05
N ASP K 59 -15.55 17.97 4.75
CA ASP K 59 -14.16 17.92 4.44
C ASP K 59 -13.95 17.34 3.00
N SER K 60 -14.81 16.43 2.61
CA SER K 60 -14.76 15.85 1.31
C SER K 60 -15.21 16.81 0.17
N VAL K 61 -16.24 17.61 0.39
CA VAL K 61 -16.62 18.69 -0.49
C VAL K 61 -15.42 19.69 -0.64
N VAL K 62 -14.69 19.96 0.44
CA VAL K 62 -13.62 20.93 0.45
C VAL K 62 -12.41 20.39 -0.40
N ALA K 63 -12.03 19.14 -0.17
CA ALA K 63 -11.07 18.43 -0.99
C ALA K 63 -11.46 18.44 -2.51
N HIS K 64 -12.70 18.11 -2.85
CA HIS K 64 -13.17 18.23 -4.23
C HIS K 64 -13.04 19.63 -4.76
N ALA K 65 -13.52 20.61 -4.00
CA ALA K 65 -13.50 21.99 -4.45
C ALA K 65 -12.05 22.45 -4.72
N GLN K 66 -11.10 22.02 -3.87
CA GLN K 66 -9.68 22.35 -4.08
C GLN K 66 -9.15 21.78 -5.43
N ASP K 67 -9.49 20.52 -5.68
CA ASP K 67 -9.10 19.89 -6.93
C ASP K 67 -9.73 20.57 -8.15
N TYR K 68 -11.01 20.90 -8.05
CA TYR K 68 -11.70 21.58 -9.17
C TYR K 68 -11.08 22.98 -9.45
N ALA K 69 -10.82 23.74 -8.38
CA ALA K 69 -10.13 25.02 -8.49
C ALA K 69 -8.79 24.81 -9.22
N ASP K 70 -8.00 23.81 -8.80
CA ASP K 70 -6.69 23.58 -9.42
CA ASP K 70 -6.69 23.56 -9.41
C ASP K 70 -6.84 23.27 -10.91
N THR K 71 -7.80 22.40 -11.22
CA THR K 71 -8.00 21.93 -12.59
C THR K 71 -8.42 23.10 -13.50
N ALA K 72 -9.40 23.87 -13.08
CA ALA K 72 -9.85 25.01 -13.86
C ALA K 72 -8.69 26.02 -14.02
N ALA K 73 -7.94 26.31 -12.96
CA ALA K 73 -6.86 27.36 -13.02
C ALA K 73 -5.75 26.92 -13.93
N GLU K 74 -5.40 25.61 -13.87
CA GLU K 74 -4.31 25.11 -14.70
C GLU K 74 -4.66 24.98 -16.15
N ARG K 75 -5.96 24.85 -16.41
CA ARG K 75 -6.43 24.93 -17.78
C ARG K 75 -6.22 26.33 -18.34
N ILE K 76 -6.61 27.37 -17.58
CA ILE K 76 -6.36 28.77 -18.00
C ILE K 76 -4.84 29.03 -18.25
N VAL K 77 -4.01 28.69 -17.25
CA VAL K 77 -2.59 28.95 -17.34
C VAL K 77 -1.94 28.14 -18.49
N ALA K 78 -2.39 26.89 -18.70
CA ALA K 78 -1.89 26.07 -19.83
C ALA K 78 -2.10 26.74 -21.20
N LEU K 79 -3.21 27.45 -21.32
CA LEU K 79 -3.56 28.14 -22.57
C LEU K 79 -2.79 29.46 -22.69
N GLY K 80 -1.93 29.77 -21.71
CA GLY K 80 -1.06 30.95 -21.81
C GLY K 80 -1.52 32.20 -21.08
N LEU K 81 -2.64 32.17 -20.35
CA LEU K 81 -3.09 33.34 -19.60
C LEU K 81 -2.95 33.29 -18.05
N PRO K 82 -2.72 34.46 -17.41
CA PRO K 82 -2.56 34.50 -15.95
C PRO K 82 -3.91 34.32 -15.25
N ILE K 83 -3.89 34.07 -13.95
CA ILE K 83 -5.12 33.99 -13.19
C ILE K 83 -4.86 34.80 -11.91
N ASP K 84 -5.75 35.76 -11.61
CA ASP K 84 -5.76 36.41 -10.30
C ASP K 84 -6.77 35.76 -9.31
N SER K 85 -6.35 34.80 -8.50
CA SER K 85 -7.17 34.43 -7.35
C SER K 85 -6.43 34.63 -6.01
N ARG K 86 -5.75 35.76 -5.88
CA ARG K 86 -5.27 36.19 -4.54
C ARG K 86 -6.51 36.32 -3.61
N VAL K 87 -6.27 36.29 -2.29
CA VAL K 87 -7.38 36.37 -1.37
C VAL K 87 -8.27 37.61 -1.65
N SER K 88 -7.63 38.73 -1.90
CA SER K 88 -8.33 40.00 -2.03
C SER K 88 -9.27 39.99 -3.25
N THR K 89 -8.84 39.36 -4.35
CA THR K 89 -9.61 39.31 -5.58
C THR K 89 -10.71 38.34 -5.37
N MET K 90 -10.35 37.18 -4.83
CA MET K 90 -11.37 36.17 -4.53
C MET K 90 -12.46 36.73 -3.61
N ALA K 91 -12.08 37.48 -2.57
CA ALA K 91 -13.08 38.09 -1.68
C ALA K 91 -14.00 39.13 -2.37
N GLU K 92 -13.46 39.93 -3.30
CA GLU K 92 -14.26 40.91 -4.05
C GLU K 92 -15.27 40.21 -4.94
N LYS K 93 -14.92 39.03 -5.45
CA LYS K 93 -15.70 38.36 -6.50
C LYS K 93 -16.69 37.34 -5.93
N THR K 94 -16.71 37.20 -4.62
CA THR K 94 -17.36 36.04 -4.08
C THR K 94 -18.07 36.42 -2.77
N SER K 95 -19.13 35.70 -2.40
CA SER K 95 -19.83 35.94 -1.14
C SER K 95 -20.34 34.61 -0.60
N THR K 96 -20.63 34.56 0.70
CA THR K 96 -20.98 33.32 1.34
C THR K 96 -22.20 33.46 2.26
N ALA K 97 -23.04 32.44 2.30
CA ALA K 97 -24.06 32.32 3.37
C ALA K 97 -23.60 31.55 4.64
N VAL K 98 -22.37 31.00 4.66
CA VAL K 98 -21.88 30.27 5.85
C VAL K 98 -21.86 31.22 7.01
N PRO K 99 -22.44 30.83 8.17
CA PRO K 99 -22.44 31.73 9.34
C PRO K 99 -21.04 31.95 9.92
N ALA K 100 -20.89 33.05 10.68
CA ALA K 100 -19.62 33.43 11.30
C ALA K 100 -19.11 32.48 12.39
N GLY K 101 -20.03 31.69 12.97
CA GLY K 101 -19.76 30.98 14.21
C GLY K 101 -20.44 29.60 14.21
N PHE K 102 -20.72 29.07 15.41
CA PHE K 102 -21.39 27.76 15.54
C PHE K 102 -22.74 27.79 14.84
N ALA K 103 -23.07 26.70 14.17
CA ALA K 103 -24.41 26.59 13.64
C ALA K 103 -24.75 25.13 13.55
N GLN K 104 -26.02 24.87 13.53
CA GLN K 104 -26.54 23.53 13.40
C GLN K 104 -26.26 23.01 12.00
N TRP K 105 -26.18 21.67 11.89
CA TRP K 105 -25.86 21.04 10.63
C TRP K 105 -26.81 21.36 9.54
N GLN K 106 -28.14 21.40 9.82
CA GLN K 106 -29.11 21.79 8.80
C GLN K 106 -28.78 23.15 8.17
N ASP K 107 -28.46 24.12 9.02
CA ASP K 107 -28.07 25.46 8.57
C ASP K 107 -26.76 25.51 7.77
N GLU K 108 -25.75 24.77 8.21
CA GLU K 108 -24.50 24.66 7.45
C GLU K 108 -24.73 24.06 6.07
N ILE K 109 -25.55 23.03 5.96
CA ILE K 109 -25.81 22.44 4.72
C ILE K 109 -26.53 23.46 3.80
N LYS K 110 -27.48 24.19 4.34
CA LYS K 110 -28.22 25.11 3.48
C LYS K 110 -27.33 26.20 2.92
N ALA K 111 -26.41 26.69 3.76
CA ALA K 111 -25.45 27.71 3.34
C ALA K 111 -24.48 27.18 2.30
N ILE K 112 -23.94 26.00 2.50
CA ILE K 112 -23.06 25.41 1.50
C ILE K 112 -23.77 25.11 0.15
N VAL K 113 -24.99 24.58 0.21
CA VAL K 113 -25.76 24.30 -0.99
C VAL K 113 -26.00 25.63 -1.76
N SER K 114 -26.29 26.69 -1.02
CA SER K 114 -26.43 28.01 -1.62
C SER K 114 -25.18 28.44 -2.38
N ASP K 115 -23.98 28.22 -1.81
CA ASP K 115 -22.71 28.60 -2.49
C ASP K 115 -22.53 27.66 -3.71
N ILE K 116 -22.86 26.37 -3.50
CA ILE K 116 -22.79 25.44 -4.57
C ILE K 116 -23.70 25.83 -5.77
N ASP K 117 -24.93 26.28 -5.46
CA ASP K 117 -25.90 26.74 -6.45
C ASP K 117 -25.37 27.91 -7.27
N ALA K 118 -24.69 28.88 -6.66
CA ALA K 118 -24.08 29.96 -7.50
C ALA K 118 -22.88 29.46 -8.35
N ALA K 119 -22.15 28.45 -7.86
CA ALA K 119 -21.05 27.89 -8.69
C ALA K 119 -21.63 27.15 -9.87
N LEU K 120 -22.79 26.53 -9.68
CA LEU K 120 -23.43 25.76 -10.74
C LEU K 120 -23.90 26.65 -11.86
N VAL K 121 -24.37 27.87 -11.51
CA VAL K 121 -24.65 28.89 -12.50
C VAL K 121 -23.46 29.19 -13.43
N ASP K 122 -22.30 29.42 -12.85
CA ASP K 122 -21.07 29.72 -13.60
C ASP K 122 -20.57 28.51 -14.39
N LEU K 123 -20.67 27.33 -13.80
CA LEU K 123 -20.36 26.11 -14.55
C LEU K 123 -21.23 25.95 -15.83
N GLN K 124 -22.56 26.14 -15.73
CA GLN K 124 -23.41 26.01 -16.92
C GLN K 124 -23.14 27.12 -17.92
N ALA K 125 -22.95 28.36 -17.47
CA ALA K 125 -22.51 29.41 -18.43
C ALA K 125 -21.20 28.97 -19.11
N ALA K 126 -20.31 28.25 -18.41
CA ALA K 126 -19.02 27.91 -19.06
C ALA K 126 -19.27 26.85 -20.10
N ILE K 127 -20.14 25.91 -19.73
CA ILE K 127 -20.47 24.81 -20.59
C ILE K 127 -21.12 25.31 -21.89
N ASP K 128 -22.06 26.23 -21.76
CA ASP K 128 -22.81 26.77 -22.92
C ASP K 128 -21.90 27.66 -23.69
N GLY K 129 -21.12 28.46 -22.99
CA GLY K 129 -20.27 29.44 -23.69
C GLY K 129 -19.08 28.78 -24.38
N LEU K 130 -18.53 27.68 -23.86
CA LEU K 130 -17.31 27.11 -24.48
C LEU K 130 -17.62 26.11 -25.63
N ASP K 131 -18.89 25.80 -25.81
CA ASP K 131 -19.39 24.89 -26.84
C ASP K 131 -18.92 25.20 -28.28
N GLU K 132 -19.08 26.44 -28.72
CA GLU K 132 -18.62 26.80 -30.09
C GLU K 132 -17.17 27.33 -30.15
N VAL K 133 -16.41 27.19 -29.06
CA VAL K 133 -15.11 27.81 -28.98
C VAL K 133 -13.99 26.79 -28.68
N ASP K 134 -14.08 26.11 -27.52
CA ASP K 134 -13.03 25.16 -27.14
C ASP K 134 -13.64 23.95 -26.43
N LEU K 135 -13.73 22.85 -27.15
CA LEU K 135 -14.28 21.64 -26.53
C LEU K 135 -13.39 21.04 -25.41
N THR K 136 -12.09 21.34 -25.41
CA THR K 136 -11.21 20.78 -24.37
C THR K 136 -11.50 21.49 -23.08
N SER K 137 -11.60 22.82 -23.14
CA SER K 137 -11.90 23.55 -21.91
C SER K 137 -13.35 23.28 -21.43
N GLN K 138 -14.24 23.05 -22.39
CA GLN K 138 -15.60 22.73 -22.07
C GLN K 138 -15.63 21.44 -21.24
N ASP K 139 -14.83 20.47 -21.62
CA ASP K 139 -14.75 19.25 -20.87
C ASP K 139 -14.26 19.43 -19.41
N VAL K 140 -13.35 20.38 -19.16
CA VAL K 140 -12.96 20.72 -17.77
C VAL K 140 -14.23 21.14 -16.98
N ALA K 141 -15.03 22.05 -17.54
CA ALA K 141 -16.24 22.46 -16.83
C ALA K 141 -17.28 21.35 -16.65
N ILE K 142 -17.39 20.44 -17.59
CA ILE K 142 -18.40 19.39 -17.51
C ILE K 142 -17.96 18.42 -16.38
N GLU K 143 -16.68 18.10 -16.35
CA GLU K 143 -16.13 17.24 -15.32
C GLU K 143 -16.35 17.84 -13.91
N ILE K 144 -16.04 19.14 -13.72
CA ILE K 144 -16.28 19.76 -12.43
C ILE K 144 -17.79 19.74 -12.10
N LYS K 145 -18.64 20.08 -13.07
CA LYS K 145 -20.07 20.14 -12.87
C LYS K 145 -20.63 18.80 -12.43
N ARG K 146 -20.16 17.72 -13.05
CA ARG K 146 -20.52 16.36 -12.61
C ARG K 146 -20.28 16.10 -11.12
N GLY K 147 -19.09 16.42 -10.65
CA GLY K 147 -18.74 16.26 -9.22
C GLY K 147 -19.52 17.18 -8.33
N VAL K 148 -19.72 18.44 -8.74
CA VAL K 148 -20.40 19.41 -7.91
C VAL K 148 -21.87 19.00 -7.74
N ASP K 149 -22.52 18.59 -8.84
CA ASP K 149 -23.93 18.11 -8.80
C ASP K 149 -24.06 16.95 -7.83
N LYS K 150 -23.08 16.06 -7.85
CA LYS K 150 -23.13 14.93 -6.90
C LYS K 150 -22.94 15.37 -5.43
N ASP K 151 -21.95 16.23 -5.19
CA ASP K 151 -21.75 16.81 -3.82
C ASP K 151 -23.02 17.51 -3.33
N ARG K 152 -23.70 18.21 -4.23
CA ARG K 152 -24.93 18.94 -3.89
C ARG K 152 -26.05 17.97 -3.44
N TRP K 153 -26.20 16.84 -4.14
CA TRP K 153 -27.18 15.83 -3.80
C TRP K 153 -26.83 15.20 -2.46
N PHE K 154 -25.60 14.74 -2.26
CA PHE K 154 -25.17 14.25 -0.92
C PHE K 154 -25.53 15.23 0.21
N LEU K 155 -25.31 16.53 0.01
CA LEU K 155 -25.67 17.49 1.06
C LEU K 155 -27.17 17.56 1.21
N LEU K 156 -27.80 17.96 0.12
CA LEU K 156 -29.24 18.21 0.11
C LEU K 156 -30.13 17.01 0.48
N ALA K 157 -29.72 15.76 0.18
CA ALA K 157 -30.51 14.57 0.59
C ALA K 157 -30.83 14.52 2.08
N HIS K 158 -29.97 15.11 2.92
CA HIS K 158 -30.18 15.16 4.38
C HIS K 158 -31.41 15.95 4.82
N LEU K 159 -31.77 16.96 4.02
CA LEU K 159 -32.94 17.78 4.34
C LEU K 159 -34.21 17.32 3.65
N ALA K 160 -34.18 16.16 2.98
CA ALA K 160 -35.28 15.79 2.08
C ALA K 160 -36.58 15.45 2.80
N GLU K 161 -36.50 15.02 4.06
CA GLU K 161 -37.61 15.23 5.05
C GLU K 161 -37.10 15.18 6.51
N ALA L 10 -21.96 22.57 35.87
CA ALA L 10 -21.80 21.48 34.86
C ALA L 10 -20.83 21.87 33.71
N LEU L 11 -19.55 21.47 33.81
CA LEU L 11 -18.97 20.76 34.99
C LEU L 11 -17.78 21.45 35.69
N THR L 12 -16.91 22.13 34.93
CA THR L 12 -15.69 22.78 35.47
C THR L 12 -15.06 23.88 34.56
N ALA L 13 -13.85 23.61 34.03
CA ALA L 13 -13.12 24.42 33.00
C ALA L 13 -12.86 25.91 33.38
N ASP L 14 -11.87 26.52 32.71
CA ASP L 14 -11.68 27.97 32.78
C ASP L 14 -12.01 28.58 31.44
N PRO L 15 -13.21 29.18 31.33
CA PRO L 15 -13.56 29.86 30.08
C PRO L 15 -12.55 30.94 29.79
N GLU L 16 -11.90 31.42 30.82
CA GLU L 16 -10.84 32.40 30.69
C GLU L 16 -9.65 31.89 29.86
N VAL L 17 -9.16 30.69 30.23
CA VAL L 17 -8.08 30.02 29.54
C VAL L 17 -8.40 29.87 28.05
N ALA L 18 -9.56 29.30 27.75
CA ALA L 18 -10.03 29.09 26.39
C ALA L 18 -10.12 30.39 25.61
N ALA L 19 -10.72 31.44 26.20
CA ALA L 19 -10.85 32.71 25.48
C ALA L 19 -9.47 33.30 25.18
N ALA L 20 -8.53 33.22 26.14
CA ALA L 20 -7.21 33.82 25.94
C ALA L 20 -6.48 33.08 24.80
N ALA L 21 -6.58 31.75 24.82
CA ALA L 21 -5.99 30.91 23.81
C ALA L 21 -6.56 31.15 22.42
N ALA L 22 -7.90 31.26 22.29
CA ALA L 22 -8.52 31.56 21.02
C ALA L 22 -7.98 32.84 20.46
N GLN L 23 -7.76 33.83 21.29
CA GLN L 23 -7.29 35.09 20.75
C GLN L 23 -5.80 35.01 20.24
N PHE L 24 -4.96 34.15 20.82
CA PHE L 24 -3.63 33.92 20.27
C PHE L 24 -3.66 33.04 18.99
N LEU L 25 -4.59 32.11 18.85
CA LEU L 25 -4.52 31.21 17.71
C LEU L 25 -5.28 31.68 16.51
N THR L 26 -6.26 32.55 16.70
CA THR L 26 -7.09 33.04 15.62
C THR L 26 -6.31 33.70 14.46
N PRO L 27 -5.32 34.58 14.77
CA PRO L 27 -4.43 35.13 13.74
C PRO L 27 -3.69 34.06 13.00
N VAL L 28 -3.28 32.98 13.67
CA VAL L 28 -2.58 31.92 13.03
C VAL L 28 -3.51 31.29 11.94
N VAL L 29 -4.76 31.04 12.32
CA VAL L 29 -5.70 30.41 11.40
C VAL L 29 -5.90 31.29 10.15
N HIS L 30 -6.03 32.60 10.32
CA HIS L 30 -6.29 33.48 9.17
C HIS L 30 -5.15 33.50 8.22
N LYS L 31 -3.93 33.60 8.78
CA LYS L 31 -2.70 33.69 7.96
C LYS L 31 -2.40 32.38 7.26
N MET L 32 -2.64 31.25 7.96
CA MET L 32 -2.40 29.90 7.37
C MET L 32 -3.39 29.65 6.26
N GLN L 33 -4.64 30.04 6.47
CA GLN L 33 -5.66 29.80 5.47
C GLN L 33 -5.45 30.70 4.23
N ALA L 34 -5.02 31.95 4.43
CA ALA L 34 -4.62 32.86 3.35
C ALA L 34 -3.41 32.30 2.59
N LEU L 35 -2.47 31.69 3.30
CA LEU L 35 -1.28 31.13 2.65
C LEU L 35 -1.67 29.95 1.74
N VAL L 36 -2.70 29.19 2.11
CA VAL L 36 -3.27 28.20 1.18
C VAL L 36 -3.70 28.86 -0.19
N VAL L 37 -4.49 29.94 -0.12
CA VAL L 37 -5.05 30.56 -1.31
C VAL L 37 -3.96 31.31 -2.11
N ASN L 38 -3.16 32.12 -1.41
CA ASN L 38 -2.12 32.91 -2.06
C ASN L 38 -0.93 32.00 -2.53
N GLY L 39 -0.69 30.90 -1.81
CA GLY L 39 0.31 29.87 -2.24
C GLY L 39 -0.11 29.19 -3.55
N LYS L 40 -1.42 28.91 -3.68
CA LYS L 40 -1.98 28.27 -4.91
C LYS L 40 -1.83 29.31 -6.03
N GLN L 41 -2.09 30.56 -5.68
CA GLN L 41 -1.95 31.61 -6.67
C GLN L 41 -0.50 31.56 -7.21
N ALA L 42 0.49 31.62 -6.32
CA ALA L 42 1.89 31.56 -6.75
C ALA L 42 2.21 30.26 -7.52
N HIS L 43 1.66 29.15 -7.04
CA HIS L 43 1.80 27.84 -7.68
C HIS L 43 1.35 27.83 -9.18
N TRP L 44 0.20 28.44 -9.47
CA TRP L 44 -0.33 28.51 -10.82
C TRP L 44 0.52 29.44 -11.74
N ASN L 45 0.90 30.59 -11.21
CA ASN L 45 1.40 31.67 -12.04
C ASN L 45 2.90 31.73 -12.10
N VAL L 46 3.61 30.86 -11.36
CA VAL L 46 5.11 30.88 -11.31
C VAL L 46 5.74 30.54 -12.69
N ARG L 47 6.87 31.19 -13.07
CA ARG L 47 7.54 30.92 -14.35
C ARG L 47 9.09 30.89 -14.21
N GLY L 48 9.77 30.43 -15.24
CA GLY L 48 11.23 30.62 -15.30
C GLY L 48 11.94 29.32 -14.99
N SER L 49 13.25 29.41 -14.86
CA SER L 49 14.10 28.28 -15.19
C SER L 49 13.97 27.18 -14.16
N ASN L 50 13.43 27.51 -13.00
CA ASN L 50 13.24 26.57 -11.91
C ASN L 50 11.72 26.22 -11.75
N PHE L 51 10.97 26.30 -12.84
CA PHE L 51 9.55 26.12 -12.70
C PHE L 51 9.12 24.84 -11.93
N ILE L 52 9.50 23.66 -12.40
CA ILE L 52 8.84 22.45 -11.89
C ILE L 52 9.18 22.22 -10.41
N ALA L 53 10.43 22.53 -10.01
CA ALA L 53 10.81 22.37 -8.62
C ALA L 53 10.08 23.31 -7.74
N ILE L 54 9.92 24.54 -8.17
CA ILE L 54 9.28 25.54 -7.33
C ILE L 54 7.75 25.39 -7.34
N HIS L 55 7.18 25.06 -8.50
CA HIS L 55 5.78 24.71 -8.58
C HIS L 55 5.43 23.59 -7.59
N GLU L 56 6.23 22.53 -7.54
CA GLU L 56 6.04 21.43 -6.58
C GLU L 56 6.24 21.89 -5.10
N LEU L 57 7.29 22.64 -4.82
CA LEU L 57 7.54 23.06 -3.49
C LEU L 57 6.39 23.96 -2.98
N LEU L 58 5.88 24.84 -3.83
CA LEU L 58 4.77 25.65 -3.42
C LEU L 58 3.55 24.80 -3.11
N ASP L 59 3.29 23.74 -3.89
CA ASP L 59 2.21 22.84 -3.56
C ASP L 59 2.35 22.20 -2.17
N SER L 60 3.58 21.86 -1.80
CA SER L 60 3.82 21.29 -0.50
C SER L 60 3.69 22.33 0.67
N VAL L 61 4.18 23.55 0.45
CA VAL L 61 3.90 24.68 1.30
C VAL L 61 2.40 24.90 1.54
N VAL L 62 1.60 24.81 0.48
CA VAL L 62 0.12 24.94 0.57
C VAL L 62 -0.58 23.82 1.39
N ALA L 63 -0.22 22.59 1.14
CA ALA L 63 -0.65 21.44 1.93
C ALA L 63 -0.29 21.56 3.44
N HIS L 64 0.98 21.84 3.79
CA HIS L 64 1.29 22.19 5.17
C HIS L 64 0.42 23.33 5.72
N ALA L 65 0.33 24.46 5.02
CA ALA L 65 -0.46 25.57 5.53
C ALA L 65 -1.94 25.19 5.83
N GLN L 66 -2.50 24.34 4.98
CA GLN L 66 -3.87 23.90 5.15
C GLN L 66 -3.94 23.02 6.41
N ASP L 67 -2.94 22.14 6.62
CA ASP L 67 -2.92 21.33 7.82
C ASP L 67 -2.82 22.17 9.05
N TYR L 68 -1.89 23.15 9.01
CA TYR L 68 -1.74 24.06 10.13
C TYR L 68 -2.96 24.90 10.47
N ALA L 69 -3.64 25.47 9.43
CA ALA L 69 -4.86 26.18 9.66
C ALA L 69 -5.83 25.23 10.33
N ASP L 70 -5.92 23.98 9.82
CA ASP L 70 -6.86 23.01 10.40
CA ASP L 70 -6.83 22.95 10.38
C ASP L 70 -6.53 22.67 11.87
N THR L 71 -5.25 22.48 12.17
CA THR L 71 -4.83 22.17 13.55
C THR L 71 -5.09 23.30 14.53
N ALA L 72 -4.75 24.52 14.14
CA ALA L 72 -5.07 25.65 14.97
C ALA L 72 -6.59 25.86 15.15
N ALA L 73 -7.37 25.78 14.08
CA ALA L 73 -8.82 26.06 14.17
C ALA L 73 -9.51 25.03 15.06
N GLU L 74 -9.06 23.77 14.91
CA GLU L 74 -9.64 22.69 15.65
C GLU L 74 -9.31 22.72 17.14
N ARG L 75 -8.14 23.25 17.43
CA ARG L 75 -7.75 23.55 18.79
C ARG L 75 -8.73 24.56 19.42
N ILE L 76 -9.01 25.64 18.73
CA ILE L 76 -9.95 26.69 19.21
C ILE L 76 -11.31 26.10 19.45
N VAL L 77 -11.83 25.37 18.45
CA VAL L 77 -13.14 24.75 18.62
C VAL L 77 -13.13 23.69 19.72
N ALA L 78 -12.03 22.98 19.90
CA ALA L 78 -11.98 21.95 20.98
C ALA L 78 -12.11 22.60 22.38
N LEU L 79 -11.65 23.84 22.48
CA LEU L 79 -11.71 24.64 23.69
C LEU L 79 -13.14 25.23 23.93
N GLY L 80 -14.01 25.08 22.93
CA GLY L 80 -15.39 25.52 23.11
C GLY L 80 -15.72 26.84 22.41
N LEU L 81 -14.81 27.41 21.63
CA LEU L 81 -15.05 28.69 20.97
C LEU L 81 -15.23 28.60 19.42
N PRO L 82 -16.11 29.46 18.84
CA PRO L 82 -16.23 29.42 17.38
C PRO L 82 -15.05 30.10 16.71
N ILE L 83 -14.93 29.94 15.39
CA ILE L 83 -13.82 30.59 14.68
C ILE L 83 -14.51 31.19 13.47
N ASP L 84 -14.19 32.44 13.15
CA ASP L 84 -14.75 33.08 11.94
C ASP L 84 -13.64 33.13 10.91
N SER L 85 -13.50 32.08 10.10
CA SER L 85 -12.59 32.14 8.99
C SER L 85 -13.33 32.19 7.62
N ARG L 86 -14.50 32.84 7.54
CA ARG L 86 -15.13 33.05 6.23
C ARG L 86 -14.14 33.83 5.33
N VAL L 87 -14.30 33.70 4.03
CA VAL L 87 -13.42 34.42 3.10
C VAL L 87 -13.39 35.96 3.38
N SER L 88 -14.57 36.51 3.64
CA SER L 88 -14.72 37.95 3.86
C SER L 88 -13.87 38.41 5.08
N THR L 89 -13.93 37.64 6.17
CA THR L 89 -13.17 37.93 7.37
C THR L 89 -11.73 37.73 7.14
N MET L 90 -11.37 36.61 6.49
CA MET L 90 -9.97 36.31 6.21
C MET L 90 -9.35 37.41 5.33
N ALA L 91 -10.11 37.95 4.37
CA ALA L 91 -9.54 38.99 3.56
C ALA L 91 -9.38 40.27 4.33
N GLU L 92 -10.28 40.56 5.27
CA GLU L 92 -10.10 41.81 6.06
C GLU L 92 -8.82 41.79 6.94
N LYS L 93 -8.45 40.61 7.42
CA LYS L 93 -7.38 40.46 8.41
C LYS L 93 -6.03 40.10 7.81
N THR L 94 -5.97 40.02 6.48
CA THR L 94 -4.84 39.42 5.87
C THR L 94 -4.49 40.23 4.61
N SER L 95 -3.22 40.23 4.23
CA SER L 95 -2.78 40.83 2.95
C SER L 95 -1.65 39.98 2.41
N THR L 96 -1.34 40.14 1.13
CA THR L 96 -0.32 39.31 0.46
C THR L 96 0.54 40.14 -0.48
N ALA L 97 1.82 39.77 -0.56
CA ALA L 97 2.69 40.33 -1.58
C ALA L 97 2.68 39.47 -2.86
N VAL L 98 1.95 38.36 -2.91
CA VAL L 98 1.97 37.55 -4.15
C VAL L 98 1.42 38.32 -5.34
N PRO L 99 2.12 38.30 -6.52
CA PRO L 99 1.62 39.12 -7.66
C PRO L 99 0.30 38.64 -8.23
N ALA L 100 -0.34 39.54 -8.95
CA ALA L 100 -1.66 39.30 -9.52
C ALA L 100 -1.63 38.28 -10.68
N GLY L 101 -0.49 38.21 -11.38
CA GLY L 101 -0.33 37.31 -12.52
C GLY L 101 1.02 36.58 -12.59
N PHE L 102 1.51 36.42 -13.80
CA PHE L 102 2.71 35.64 -14.01
C PHE L 102 3.86 36.30 -13.35
N ALA L 103 4.72 35.50 -12.74
CA ALA L 103 5.90 36.07 -12.09
C ALA L 103 7.06 35.08 -12.10
N GLN L 104 8.26 35.61 -12.18
CA GLN L 104 9.48 34.79 -12.14
C GLN L 104 9.55 34.08 -10.82
N TRP L 105 10.07 32.85 -10.80
CA TRP L 105 10.15 32.09 -9.53
C TRP L 105 10.76 32.81 -8.36
N GLN L 106 11.81 33.60 -8.60
CA GLN L 106 12.50 34.34 -7.54
C GLN L 106 11.56 35.31 -6.86
N ASP L 107 10.71 35.96 -7.65
CA ASP L 107 9.76 36.87 -7.03
C ASP L 107 8.62 36.11 -6.31
N GLU L 108 8.25 34.93 -6.78
CA GLU L 108 7.18 34.16 -6.11
C GLU L 108 7.73 33.75 -4.71
N ILE L 109 8.99 33.29 -4.65
CA ILE L 109 9.62 32.91 -3.39
C ILE L 109 9.69 34.13 -2.42
N LYS L 110 10.10 35.28 -2.92
CA LYS L 110 10.15 36.45 -2.03
C LYS L 110 8.77 36.82 -1.47
N ALA L 111 7.70 36.70 -2.27
CA ALA L 111 6.40 37.10 -1.83
C ALA L 111 5.84 36.11 -0.77
N ILE L 112 5.99 34.83 -1.03
CA ILE L 112 5.60 33.81 -0.10
C ILE L 112 6.42 33.89 1.23
N VAL L 113 7.75 34.10 1.17
CA VAL L 113 8.55 34.31 2.37
C VAL L 113 8.04 35.54 3.15
N SER L 114 7.73 36.62 2.44
CA SER L 114 7.17 37.79 3.12
C SER L 114 5.85 37.42 3.90
N ASP L 115 4.93 36.66 3.27
CA ASP L 115 3.70 36.19 3.93
C ASP L 115 4.09 35.24 5.13
N ILE L 116 5.08 34.37 4.94
CA ILE L 116 5.53 33.49 6.01
C ILE L 116 6.08 34.25 7.21
N ASP L 117 6.88 35.28 6.93
CA ASP L 117 7.43 36.11 7.96
C ASP L 117 6.36 36.72 8.84
N ALA L 118 5.25 37.16 8.25
CA ALA L 118 4.14 37.78 9.03
C ALA L 118 3.47 36.73 9.91
N ALA L 119 3.29 35.53 9.37
CA ALA L 119 2.70 34.41 10.12
C ALA L 119 3.61 34.07 11.30
N LEU L 120 4.93 34.12 11.08
CA LEU L 120 5.89 33.78 12.16
C LEU L 120 5.83 34.77 13.32
N VAL L 121 5.59 36.06 13.04
CA VAL L 121 5.29 37.08 14.08
C VAL L 121 4.07 36.65 14.92
N ASP L 122 2.93 36.29 14.30
CA ASP L 122 1.76 35.75 15.09
C ASP L 122 2.08 34.43 15.87
N LEU L 123 2.82 33.54 15.22
CA LEU L 123 3.26 32.33 15.88
C LEU L 123 4.11 32.57 17.08
N GLN L 124 5.17 33.40 16.96
CA GLN L 124 6.02 33.72 18.12
C GLN L 124 5.21 34.39 19.26
N ALA L 125 4.26 35.29 18.91
CA ALA L 125 3.43 35.95 19.91
C ALA L 125 2.58 34.90 20.70
N ALA L 126 1.98 33.96 19.94
CA ALA L 126 1.27 32.83 20.52
C ALA L 126 2.16 31.97 21.40
N ILE L 127 3.38 31.66 20.97
CA ILE L 127 4.22 30.80 21.80
C ILE L 127 4.58 31.51 23.14
N ASP L 128 4.94 32.77 23.02
CA ASP L 128 5.30 33.58 24.22
C ASP L 128 4.08 33.77 25.10
N GLY L 129 2.94 34.15 24.51
CA GLY L 129 1.80 34.52 25.34
C GLY L 129 1.17 33.28 25.96
N LEU L 130 1.21 32.14 25.26
CA LEU L 130 0.51 30.94 25.75
C LEU L 130 1.31 30.23 26.84
N ASP L 131 2.59 30.60 26.98
CA ASP L 131 3.45 30.06 28.01
C ASP L 131 2.85 30.26 29.41
N GLU L 132 2.14 31.35 29.61
CA GLU L 132 1.52 31.53 30.92
C GLU L 132 0.03 31.22 30.95
N VAL L 133 -0.54 30.75 29.85
CA VAL L 133 -1.99 30.53 29.77
C VAL L 133 -2.42 29.03 29.63
N ASP L 134 -1.90 28.33 28.61
CA ASP L 134 -2.30 26.96 28.28
C ASP L 134 -1.15 26.30 27.52
N LEU L 135 -0.41 25.42 28.20
CA LEU L 135 0.72 24.73 27.57
C LEU L 135 0.28 23.80 26.43
N THR L 136 -0.95 23.31 26.52
CA THR L 136 -1.46 22.48 25.43
C THR L 136 -1.65 23.25 24.09
N SER L 137 -2.22 24.45 24.16
CA SER L 137 -2.38 25.32 23.02
C SER L 137 -1.02 25.81 22.56
N GLN L 138 -0.12 26.12 23.52
CA GLN L 138 1.28 26.49 23.18
C GLN L 138 1.99 25.42 22.26
N ASP L 139 1.76 24.16 22.58
CA ASP L 139 2.38 23.09 21.85
C ASP L 139 1.86 23.05 20.39
N VAL L 140 0.60 23.42 20.18
CA VAL L 140 0.06 23.56 18.81
C VAL L 140 0.86 24.62 18.03
N ALA L 141 1.05 25.76 18.64
CA ALA L 141 1.78 26.84 17.97
C ALA L 141 3.23 26.45 17.73
N ILE L 142 3.86 25.72 18.67
CA ILE L 142 5.27 25.31 18.53
C ILE L 142 5.41 24.34 17.34
N GLU L 143 4.50 23.40 17.23
CA GLU L 143 4.56 22.41 16.15
C GLU L 143 4.32 23.12 14.83
N ILE L 144 3.37 24.05 14.78
CA ILE L 144 3.13 24.74 13.51
C ILE L 144 4.41 25.59 13.12
N LYS L 145 4.94 26.32 14.08
CA LYS L 145 6.14 27.04 13.84
C LYS L 145 7.37 26.23 13.38
N ARG L 146 7.55 25.02 13.91
CA ARG L 146 8.67 24.16 13.45
C ARG L 146 8.57 23.88 11.97
N GLY L 147 7.35 23.60 11.50
CA GLY L 147 7.16 23.31 10.07
C GLY L 147 7.29 24.54 9.18
N VAL L 148 6.62 25.60 9.57
CA VAL L 148 6.75 26.85 8.87
C VAL L 148 8.20 27.37 8.79
N ASP L 149 9.02 27.25 9.86
CA ASP L 149 10.45 27.68 9.87
C ASP L 149 11.24 26.84 8.84
N LYS L 150 10.91 25.57 8.78
CA LYS L 150 11.47 24.67 7.76
C LYS L 150 11.05 25.02 6.28
N ASP L 151 9.76 25.31 6.04
CA ASP L 151 9.32 25.68 4.67
C ASP L 151 10.01 27.00 4.23
N ARG L 152 10.21 27.89 5.19
CA ARG L 152 10.80 29.18 4.90
C ARG L 152 12.24 28.95 4.46
N TRP L 153 12.97 28.08 5.16
CA TRP L 153 14.34 27.78 4.73
C TRP L 153 14.41 27.07 3.36
N PHE L 154 13.52 26.14 3.07
CA PHE L 154 13.54 25.48 1.78
C PHE L 154 13.27 26.54 0.67
N LEU L 155 12.39 27.49 0.93
CA LEU L 155 12.11 28.56 -0.07
C LEU L 155 13.33 29.47 -0.22
N LEU L 156 13.70 30.11 0.87
CA LEU L 156 14.80 31.05 0.94
C LEU L 156 16.21 30.52 0.54
N ALA L 157 16.53 29.26 0.86
CA ALA L 157 17.80 28.70 0.48
C ALA L 157 18.01 28.87 -1.05
N HIS L 158 16.91 28.93 -1.80
CA HIS L 158 17.02 29.19 -3.25
C HIS L 158 17.66 30.52 -3.70
N LEU L 159 17.73 31.52 -2.82
CA LEU L 159 18.20 32.88 -3.20
C LEU L 159 19.52 33.15 -2.52
N ALA L 160 19.92 32.24 -1.65
CA ALA L 160 21.19 32.34 -0.95
C ALA L 160 22.33 32.45 -1.96
N GLU L 161 22.15 31.81 -3.12
CA GLU L 161 22.60 32.45 -4.36
C GLU L 161 22.01 31.86 -5.65
#